data_4HHY
#
_entry.id   4HHY
#
_cell.length_a   103.797
_cell.length_b   107.549
_cell.length_c   143.107
_cell.angle_alpha   90.00
_cell.angle_beta   90.00
_cell.angle_gamma   90.00
#
_symmetry.space_group_name_H-M   'P 21 21 21'
#
loop_
_entity.id
_entity.type
_entity.pdbx_description
1 polymer 'Poly [ADP-ribose] polymerase 1'
2 non-polymer (9aR)-1-[(1-{2-fluoro-5-[(4-oxo-3,4-dihydrophthalazin-1-yl)methyl]benzoyl}piperidin-4-yl)carbonyl]-1,2,3,8,9,9a-hexahydro-7H-benzo[de][1,7]naphthyridin-7-one
3 non-polymer 'SULFATE ION'
4 non-polymer DI(HYDROXYETHYL)ETHER
5 water water
#
_entity_poly.entity_id   1
_entity_poly.type   'polypeptide(L)'
_entity_poly.pdbx_seq_one_letter_code
;GPLGSKSKLPKPVQDLIKMIFDVESMKKAMVEYEIDLQKMPLGKLSKRQIQAAYSILSEVQQAVSQGSSDSQILDLSNRF
YTLIPHDFGMKKPPLLNNADSVQAKAEMLDNLLDIEVAYSLLRGGSDDSSKDPIDVNYEKLKTDIKVVDRDSEEAEIIRK
YVKNTHATTHNAYDLEVIDIFKIEREGECQRYKPFKQLHNRRLLWHGSRTTNFAGILSQGLRIAPPEAPVTGYMFGKGIY
FADMVSKSANYCHTSQGDPIGLILLGEVALGNMYELKHASHISKLPKGKHSVKGLGKTTPDPSANISLDGVDVPLGTGIS
SGVNDTSLLYNEYIVYDIAQVNLKYLLKLKFNFKT
;
_entity_poly.pdbx_strand_id   A,B,C,D
#
loop_
_chem_comp.id
_chem_comp.type
_chem_comp.name
_chem_comp.formula
15R non-polymer (9aR)-1-[(1-{2-fluoro-5-[(4-oxo-3,4-dihydrophthalazin-1-yl)methyl]benzoyl}piperidin-4-yl)carbonyl]-1,2,3,8,9,9a-hexahydro-7H-benzo[de][1,7]naphthyridin-7-one 'C33 H30 F N5 O4'
PEG non-polymer DI(HYDROXYETHYL)ETHER 'C4 H10 O3'
SO4 non-polymer 'SULFATE ION' 'O4 S -2'
#
# COMPACT_ATOMS: atom_id res chain seq x y z
N LYS A 6 -13.75 10.55 -31.51
CA LYS A 6 -13.83 11.27 -30.24
C LYS A 6 -15.27 11.22 -29.69
N SER A 7 -15.37 10.85 -28.41
CA SER A 7 -16.64 10.51 -27.77
C SER A 7 -17.76 11.56 -27.83
N LYS A 8 -18.96 11.10 -28.15
CA LYS A 8 -20.16 11.93 -28.11
C LYS A 8 -20.76 11.99 -26.71
N LEU A 9 -20.41 11.03 -25.86
CA LEU A 9 -21.04 10.91 -24.53
C LEU A 9 -20.96 12.23 -23.78
N PRO A 10 -22.00 12.57 -23.01
CA PRO A 10 -21.92 13.77 -22.16
C PRO A 10 -20.66 13.72 -21.29
N LYS A 11 -20.20 14.86 -20.79
CA LYS A 11 -18.98 14.87 -20.01
C LYS A 11 -19.09 14.07 -18.69
N PRO A 12 -20.12 14.35 -17.87
CA PRO A 12 -20.14 13.64 -16.60
C PRO A 12 -20.24 12.12 -16.77
N VAL A 13 -20.72 11.65 -17.91
CA VAL A 13 -20.76 10.23 -18.19
C VAL A 13 -19.38 9.76 -18.61
N GLN A 14 -18.65 10.64 -19.26
CA GLN A 14 -17.28 10.31 -19.63
C GLN A 14 -16.42 10.23 -18.36
N ASP A 15 -16.57 11.21 -17.47
CA ASP A 15 -15.88 11.21 -16.18
C ASP A 15 -16.19 9.92 -15.40
N LEU A 16 -17.46 9.50 -15.47
CA LEU A 16 -17.88 8.28 -14.80
C LEU A 16 -17.14 7.07 -15.35
N ILE A 17 -16.95 7.00 -16.67
CA ILE A 17 -16.26 5.85 -17.26
C ILE A 17 -14.78 5.78 -16.87
N LYS A 18 -14.10 6.92 -16.94
CA LYS A 18 -12.69 6.97 -16.52
C LYS A 18 -12.62 6.58 -15.05
N MET A 19 -13.51 7.14 -14.26
CA MET A 19 -13.62 6.81 -12.84
C MET A 19 -13.71 5.30 -12.49
N ILE A 20 -14.45 4.51 -13.26
CA ILE A 20 -14.59 3.08 -12.89
C ILE A 20 -13.54 2.15 -13.53
N PHE A 21 -12.93 2.58 -14.62
CA PHE A 21 -11.87 1.77 -15.23
C PHE A 21 -10.50 2.34 -14.91
N ASP A 22 -10.47 3.10 -13.83
CA ASP A 22 -9.28 3.74 -13.33
C ASP A 22 -8.29 2.71 -12.72
N VAL A 23 -7.28 2.32 -13.51
CA VAL A 23 -6.33 1.31 -13.09
C VAL A 23 -5.50 1.75 -11.92
N GLU A 24 -5.20 3.06 -11.83
CA GLU A 24 -4.45 3.59 -10.70
C GLU A 24 -5.15 3.24 -9.39
N SER A 25 -6.49 3.31 -9.37
CA SER A 25 -7.26 3.05 -8.16
C SER A 25 -7.16 1.60 -7.79
N MET A 26 -7.13 0.74 -8.80
CA MET A 26 -7.02 -0.69 -8.57
C MET A 26 -5.70 -1.02 -7.90
N LYS A 27 -4.60 -0.51 -8.43
CA LYS A 27 -3.28 -0.87 -7.91
C LYS A 27 -3.07 -0.26 -6.55
N LYS A 28 -3.65 0.93 -6.35
CA LYS A 28 -3.52 1.60 -5.07
C LYS A 28 -4.19 0.77 -4.01
N ALA A 29 -5.35 0.22 -4.37
CA ALA A 29 -6.08 -0.67 -3.48
C ALA A 29 -5.27 -1.91 -3.11
N MET A 30 -4.63 -2.52 -4.11
CA MET A 30 -3.93 -3.75 -3.85
C MET A 30 -2.72 -3.50 -2.94
N VAL A 31 -2.06 -2.37 -3.15
CA VAL A 31 -0.97 -1.93 -2.29
C VAL A 31 -1.46 -1.74 -0.87
N GLU A 32 -2.60 -1.08 -0.71
CA GLU A 32 -3.18 -0.93 0.61
C GLU A 32 -3.45 -2.28 1.31
N TYR A 33 -3.91 -3.28 0.55
CA TYR A 33 -4.11 -4.60 1.11
C TYR A 33 -2.81 -5.39 1.27
N GLU A 34 -1.68 -4.80 0.89
CA GLU A 34 -0.39 -5.49 0.96
C GLU A 34 -0.34 -6.80 0.15
N ILE A 35 -1.12 -6.89 -0.91
CA ILE A 35 -1.02 -8.02 -1.81
C ILE A 35 0.27 -7.88 -2.61
N ASP A 36 0.95 -8.99 -2.86
CA ASP A 36 2.14 -9.00 -3.70
C ASP A 36 1.71 -8.80 -5.13
N LEU A 37 2.07 -7.66 -5.73
CA LEU A 37 1.58 -7.33 -7.07
C LEU A 37 2.30 -8.12 -8.17
N GLN A 38 3.40 -8.77 -7.81
CA GLN A 38 4.14 -9.62 -8.72
C GLN A 38 3.58 -11.06 -8.68
N LYS A 39 3.48 -11.64 -7.50
CA LYS A 39 3.02 -13.02 -7.35
C LYS A 39 1.52 -13.15 -7.60
N MET A 40 0.84 -12.02 -7.79
CA MET A 40 -0.61 -12.00 -7.91
C MET A 40 -0.97 -10.88 -8.88
N PRO A 41 -0.73 -11.12 -10.18
CA PRO A 41 -0.60 -10.07 -11.20
C PRO A 41 -1.73 -9.06 -11.16
N LEU A 42 -2.83 -9.38 -11.87
CA LEU A 42 -4.06 -8.58 -11.91
C LEU A 42 -4.89 -9.15 -13.05
N GLY A 43 -4.29 -9.15 -14.23
CA GLY A 43 -4.92 -9.73 -15.39
C GLY A 43 -5.02 -11.24 -15.30
N LYS A 44 -4.32 -11.83 -14.34
CA LYS A 44 -4.30 -13.30 -14.13
C LYS A 44 -4.70 -13.63 -12.70
N LEU A 45 -5.96 -13.46 -12.38
CA LEU A 45 -6.43 -13.82 -11.06
C LEU A 45 -7.40 -14.95 -11.14
N SER A 46 -6.90 -16.17 -10.95
CA SER A 46 -7.73 -17.38 -10.99
C SER A 46 -8.95 -17.28 -10.10
N LYS A 47 -10.12 -17.26 -10.72
CA LYS A 47 -11.37 -17.23 -9.98
C LYS A 47 -11.44 -18.45 -9.05
N ARG A 48 -10.93 -19.57 -9.54
CA ARG A 48 -10.98 -20.83 -8.81
C ARG A 48 -10.09 -20.78 -7.57
N GLN A 49 -9.01 -20.01 -7.64
CA GLN A 49 -8.09 -19.88 -6.50
C GLN A 49 -8.65 -18.93 -5.44
N ILE A 50 -9.35 -17.90 -5.87
CA ILE A 50 -10.02 -17.00 -4.95
C ILE A 50 -11.12 -17.77 -4.22
N GLN A 51 -11.79 -18.66 -4.95
CA GLN A 51 -12.83 -19.52 -4.39
C GLN A 51 -12.25 -20.44 -3.32
N ALA A 52 -11.08 -20.98 -3.61
CA ALA A 52 -10.33 -21.81 -2.67
C ALA A 52 -9.87 -21.06 -1.42
N ALA A 53 -9.44 -19.81 -1.56
CA ALA A 53 -9.03 -19.06 -0.38
C ALA A 53 -10.26 -18.71 0.44
N TYR A 54 -11.39 -18.52 -0.25
CA TYR A 54 -12.65 -18.32 0.47
C TYR A 54 -12.90 -19.50 1.40
N SER A 55 -12.78 -20.71 0.86
CA SER A 55 -12.95 -21.94 1.64
C SER A 55 -11.98 -22.02 2.82
N ILE A 56 -10.74 -21.62 2.61
CA ILE A 56 -9.76 -21.65 3.68
C ILE A 56 -10.16 -20.68 4.80
N LEU A 57 -10.63 -19.49 4.41
CA LEU A 57 -11.07 -18.49 5.38
C LEU A 57 -12.21 -19.01 6.26
N SER A 58 -13.13 -19.76 5.63
CA SER A 58 -14.18 -20.44 6.37
C SER A 58 -13.59 -21.30 7.47
N GLU A 59 -12.68 -22.20 7.12
CA GLU A 59 -12.03 -23.07 8.10
C GLU A 59 -11.25 -22.30 9.17
N VAL A 60 -10.66 -21.17 8.79
CA VAL A 60 -10.00 -20.31 9.76
C VAL A 60 -11.05 -19.79 10.73
N GLN A 61 -12.18 -19.35 10.17
CA GLN A 61 -13.26 -18.83 10.98
C GLN A 61 -13.69 -19.89 11.97
N GLN A 62 -13.79 -21.12 11.48
CA GLN A 62 -14.23 -22.22 12.31
C GLN A 62 -13.23 -22.56 13.41
N ALA A 63 -11.93 -22.57 13.07
CA ALA A 63 -10.90 -22.78 14.07
C ALA A 63 -10.94 -21.71 15.15
N VAL A 64 -11.19 -20.46 14.76
CA VAL A 64 -11.33 -19.37 15.72
C VAL A 64 -12.80 -19.16 16.06
N SER A 65 -13.39 -20.14 16.72
CA SER A 65 -14.76 -20.06 17.15
C SER A 65 -15.00 -21.31 17.94
N GLN A 66 -14.27 -22.35 17.56
CA GLN A 66 -14.30 -23.63 18.23
C GLN A 66 -13.10 -23.72 19.16
N GLY A 67 -12.43 -22.59 19.33
CA GLY A 67 -11.22 -22.53 20.12
C GLY A 67 -10.25 -23.65 19.81
N SER A 68 -10.11 -23.98 18.52
CA SER A 68 -9.07 -24.92 18.09
C SER A 68 -7.75 -24.30 18.52
N SER A 69 -6.73 -25.12 18.75
CA SER A 69 -5.54 -24.61 19.40
C SER A 69 -4.29 -24.66 18.55
N ASP A 70 -3.97 -23.49 18.00
CA ASP A 70 -2.72 -23.24 17.27
C ASP A 70 -2.35 -24.37 16.32
N SER A 71 -1.06 -24.53 16.04
CA SER A 71 -0.61 -25.48 15.04
C SER A 71 -1.45 -25.38 13.77
N GLN A 72 -2.65 -25.96 13.81
CA GLN A 72 -3.54 -25.95 12.64
C GLN A 72 -4.11 -24.55 12.35
N ILE A 73 -4.31 -23.75 13.38
CA ILE A 73 -4.64 -22.34 13.18
C ILE A 73 -3.55 -21.69 12.34
N LEU A 74 -2.32 -22.18 12.49
CA LEU A 74 -1.20 -21.67 11.71
C LEU A 74 -1.11 -22.30 10.31
N ASP A 75 -1.26 -23.62 10.22
CA ASP A 75 -1.28 -24.28 8.92
C ASP A 75 -2.31 -23.62 8.02
N LEU A 76 -3.50 -23.39 8.56
CA LEU A 76 -4.59 -22.74 7.84
C LEU A 76 -4.19 -21.34 7.41
N SER A 77 -3.85 -20.52 8.41
CA SER A 77 -3.42 -19.13 8.21
C SER A 77 -2.27 -19.05 7.24
N ASN A 78 -1.52 -20.14 7.09
CA ASN A 78 -0.42 -20.17 6.12
C ASN A 78 -0.85 -20.64 4.75
N ARG A 79 -1.91 -21.46 4.71
CA ARG A 79 -2.47 -21.91 3.46
C ARG A 79 -3.15 -20.75 2.72
N PHE A 80 -3.81 -19.89 3.47
CA PHE A 80 -4.41 -18.70 2.87
C PHE A 80 -3.34 -17.87 2.14
N TYR A 81 -2.31 -17.45 2.87
CA TYR A 81 -1.19 -16.72 2.30
C TYR A 81 -0.50 -17.42 1.14
N THR A 82 -0.71 -18.73 1.00
CA THR A 82 -0.16 -19.44 -0.15
C THR A 82 -1.07 -19.26 -1.35
N LEU A 83 -2.37 -19.45 -1.15
CA LEU A 83 -3.34 -19.17 -2.21
C LEU A 83 -3.20 -17.74 -2.69
N ILE A 84 -3.07 -16.83 -1.73
CA ILE A 84 -3.16 -15.40 -2.00
C ILE A 84 -1.91 -14.68 -1.47
N PRO A 85 -0.89 -14.58 -2.31
CA PRO A 85 0.40 -14.08 -1.79
C PRO A 85 0.33 -12.60 -1.41
N HIS A 86 0.84 -12.29 -0.23
CA HIS A 86 0.93 -10.92 0.25
C HIS A 86 2.39 -10.49 0.35
N ASP A 87 2.61 -9.19 0.52
CA ASP A 87 3.97 -8.68 0.60
C ASP A 87 4.07 -7.83 1.85
N PHE A 88 4.50 -8.46 2.93
CA PHE A 88 4.66 -7.79 4.20
C PHE A 88 6.14 -7.48 4.40
N GLY A 89 6.93 -8.54 4.22
CA GLY A 89 8.38 -8.47 4.30
C GLY A 89 8.86 -7.16 3.72
N MET A 90 9.64 -6.41 4.49
CA MET A 90 10.16 -6.82 5.80
C MET A 90 9.19 -6.74 7.01
N LYS A 91 8.55 -7.88 7.31
CA LYS A 91 7.77 -8.11 8.53
C LYS A 91 7.11 -9.48 8.39
N LYS A 92 6.62 -10.02 9.50
CA LYS A 92 5.98 -11.33 9.45
C LYS A 92 4.53 -11.20 9.01
N PRO A 93 4.05 -12.18 8.24
CA PRO A 93 2.64 -12.21 7.82
C PRO A 93 1.72 -12.40 9.01
N PRO A 94 0.84 -11.43 9.28
CA PRO A 94 -0.08 -11.44 10.43
C PRO A 94 -0.95 -12.69 10.52
N LEU A 95 -0.93 -13.34 11.69
CA LEU A 95 -1.79 -14.48 11.95
C LEU A 95 -3.26 -14.06 11.85
N LEU A 96 -4.06 -14.95 11.29
CA LEU A 96 -5.50 -14.74 11.18
C LEU A 96 -6.23 -15.54 12.25
N ASN A 97 -6.39 -14.96 13.43
CA ASN A 97 -6.99 -15.66 14.55
C ASN A 97 -8.11 -14.89 15.25
N ASN A 98 -8.79 -14.02 14.51
CA ASN A 98 -10.04 -13.48 15.02
C ASN A 98 -11.01 -13.23 13.89
N ALA A 99 -12.28 -13.16 14.27
CA ALA A 99 -13.38 -13.15 13.32
C ALA A 99 -13.35 -11.94 12.40
N ASP A 100 -12.65 -10.87 12.82
CA ASP A 100 -12.57 -9.65 12.02
C ASP A 100 -11.33 -9.63 11.12
N SER A 101 -10.33 -10.42 11.48
CA SER A 101 -9.22 -10.68 10.57
C SER A 101 -9.73 -11.47 9.35
N VAL A 102 -10.54 -12.49 9.61
CA VAL A 102 -11.08 -13.28 8.50
C VAL A 102 -12.17 -12.52 7.72
N GLN A 103 -12.92 -11.64 8.37
CA GLN A 103 -13.89 -10.78 7.68
C GLN A 103 -13.20 -9.72 6.81
N ALA A 104 -12.11 -9.16 7.32
CA ALA A 104 -11.34 -8.19 6.56
C ALA A 104 -10.85 -8.86 5.26
N LYS A 105 -10.29 -10.06 5.37
CA LYS A 105 -9.79 -10.77 4.19
C LYS A 105 -10.88 -11.22 3.23
N ALA A 106 -12.03 -11.61 3.76
CA ALA A 106 -13.15 -12.05 2.91
C ALA A 106 -13.69 -10.86 2.16
N GLU A 107 -13.68 -9.71 2.82
CA GLU A 107 -14.10 -8.46 2.15
C GLU A 107 -13.11 -8.11 1.03
N MET A 108 -11.82 -8.23 1.34
CA MET A 108 -10.75 -8.07 0.37
C MET A 108 -10.97 -8.90 -0.89
N LEU A 109 -11.09 -10.21 -0.69
CA LEU A 109 -11.36 -11.14 -1.77
C LEU A 109 -12.54 -10.67 -2.64
N ASP A 110 -13.60 -10.18 -2.00
CA ASP A 110 -14.78 -9.72 -2.73
C ASP A 110 -14.44 -8.53 -3.66
N ASN A 111 -13.63 -7.60 -3.16
CA ASN A 111 -13.22 -6.44 -3.95
C ASN A 111 -12.20 -6.86 -5.03
N LEU A 112 -11.38 -7.87 -4.71
CA LEU A 112 -10.37 -8.33 -5.65
C LEU A 112 -11.03 -8.93 -6.89
N LEU A 113 -12.06 -9.74 -6.65
CA LEU A 113 -12.81 -10.42 -7.69
C LEU A 113 -13.38 -9.40 -8.64
N ASP A 114 -14.02 -8.37 -8.09
CA ASP A 114 -14.53 -7.27 -8.88
C ASP A 114 -13.45 -6.46 -9.62
N ILE A 115 -12.35 -6.14 -8.93
CA ILE A 115 -11.17 -5.50 -9.53
C ILE A 115 -10.68 -6.31 -10.72
N GLU A 116 -10.61 -7.63 -10.53
CA GLU A 116 -10.32 -8.59 -11.59
C GLU A 116 -11.27 -8.50 -12.77
N VAL A 117 -12.56 -8.29 -12.48
CA VAL A 117 -13.54 -8.17 -13.56
C VAL A 117 -13.21 -6.93 -14.37
N ALA A 118 -12.95 -5.84 -13.66
CA ALA A 118 -12.75 -4.55 -14.29
C ALA A 118 -11.50 -4.59 -15.14
N TYR A 119 -10.46 -5.21 -14.60
CA TYR A 119 -9.17 -5.16 -15.26
C TYR A 119 -9.20 -5.94 -16.58
N SER A 120 -9.95 -7.04 -16.59
CA SER A 120 -10.03 -7.88 -17.78
C SER A 120 -11.10 -7.41 -18.78
N LEU A 121 -12.16 -6.76 -18.29
CA LEU A 121 -13.06 -6.08 -19.20
C LEU A 121 -12.24 -5.02 -19.93
N LEU A 122 -11.44 -4.32 -19.15
CA LEU A 122 -10.56 -3.25 -19.62
C LEU A 122 -9.61 -3.70 -20.73
N ARG A 123 -8.88 -4.78 -20.50
CA ARG A 123 -7.82 -5.18 -21.41
C ARG A 123 -8.25 -6.11 -22.54
N GLY A 124 -9.43 -6.70 -22.41
CA GLY A 124 -9.98 -7.57 -23.43
C GLY A 124 -10.66 -6.81 -24.57
N GLY A 125 -11.08 -7.53 -25.61
CA GLY A 125 -11.66 -6.89 -26.78
C GLY A 125 -10.58 -6.36 -27.70
N SER A 126 -10.99 -5.67 -28.75
CA SER A 126 -10.05 -5.16 -29.75
C SER A 126 -9.67 -3.71 -29.46
N ASP A 127 -8.65 -3.52 -28.62
CA ASP A 127 -8.19 -2.18 -28.26
C ASP A 127 -7.61 -1.44 -29.48
N ASP A 128 -8.51 -0.87 -30.29
CA ASP A 128 -8.10 -0.24 -31.57
C ASP A 128 -8.21 1.31 -31.59
N SER A 129 -7.51 1.92 -32.54
CA SER A 129 -7.32 3.37 -32.58
C SER A 129 -8.44 4.15 -33.28
N SER A 130 -9.35 3.43 -33.92
CA SER A 130 -10.49 4.06 -34.57
C SER A 130 -11.41 4.67 -33.51
N LYS A 131 -12.12 3.81 -32.79
CA LYS A 131 -12.94 4.25 -31.68
C LYS A 131 -12.07 4.65 -30.50
N ASP A 132 -12.45 5.72 -29.81
CA ASP A 132 -11.69 6.10 -28.64
C ASP A 132 -12.10 5.24 -27.45
N PRO A 133 -11.13 4.92 -26.59
CA PRO A 133 -11.34 3.98 -25.50
C PRO A 133 -12.52 4.31 -24.59
N ILE A 134 -12.98 5.56 -24.51
CA ILE A 134 -14.07 5.88 -23.61
C ILE A 134 -15.35 5.20 -24.05
N ASP A 135 -15.71 5.41 -25.31
CA ASP A 135 -16.90 4.80 -25.86
C ASP A 135 -16.77 3.29 -25.86
N VAL A 136 -15.58 2.78 -26.12
CA VAL A 136 -15.37 1.34 -26.23
C VAL A 136 -15.59 0.64 -24.89
N ASN A 137 -15.11 1.25 -23.82
CA ASN A 137 -15.24 0.64 -22.50
C ASN A 137 -16.61 0.93 -21.90
N TYR A 138 -17.19 2.07 -22.26
CA TYR A 138 -18.58 2.32 -21.92
C TYR A 138 -19.45 1.13 -22.28
N GLU A 139 -19.27 0.57 -23.48
CA GLU A 139 -20.08 -0.54 -23.96
C GLU A 139 -19.84 -1.86 -23.23
N LYS A 140 -18.64 -2.04 -22.69
CA LYS A 140 -18.36 -3.22 -21.87
C LYS A 140 -19.23 -3.30 -20.63
N LEU A 141 -19.72 -2.15 -20.17
CA LEU A 141 -20.61 -2.09 -19.00
C LEU A 141 -22.00 -2.67 -19.25
N LYS A 142 -22.39 -2.76 -20.53
CA LYS A 142 -23.68 -3.33 -20.94
C LYS A 142 -24.84 -2.66 -20.24
N THR A 143 -24.68 -1.35 -20.04
CA THR A 143 -25.64 -0.55 -19.30
C THR A 143 -25.84 0.78 -19.99
N ASP A 144 -27.10 1.13 -20.23
CA ASP A 144 -27.44 2.44 -20.75
C ASP A 144 -27.38 3.45 -19.61
N ILE A 145 -26.68 4.56 -19.82
CA ILE A 145 -26.45 5.52 -18.75
C ILE A 145 -26.76 6.91 -19.25
N LYS A 146 -27.72 7.57 -18.63
CA LYS A 146 -28.09 8.94 -19.01
C LYS A 146 -27.97 9.91 -17.83
N VAL A 147 -27.66 11.17 -18.09
CA VAL A 147 -27.59 12.15 -17.01
C VAL A 147 -29.00 12.64 -16.64
N VAL A 148 -29.25 12.84 -15.35
CA VAL A 148 -30.52 13.39 -14.90
C VAL A 148 -30.33 14.88 -14.64
N ASP A 149 -31.10 15.71 -15.34
CA ASP A 149 -30.99 17.18 -15.26
C ASP A 149 -31.12 17.70 -13.85
N ARG A 150 -30.21 18.59 -13.46
CA ARG A 150 -30.30 19.27 -12.17
C ARG A 150 -31.67 19.92 -11.95
N ASP A 151 -32.27 20.41 -13.03
CA ASP A 151 -33.52 21.17 -12.98
C ASP A 151 -34.79 20.32 -12.84
N SER A 152 -34.72 19.02 -13.11
CA SER A 152 -35.92 18.19 -13.11
C SER A 152 -36.49 17.99 -11.71
N GLU A 153 -37.78 17.69 -11.66
CA GLU A 153 -38.44 17.35 -10.42
C GLU A 153 -37.84 16.02 -9.94
N GLU A 154 -37.52 15.14 -10.89
CA GLU A 154 -36.83 13.86 -10.65
C GLU A 154 -35.58 14.02 -9.78
N ALA A 155 -34.69 14.93 -10.18
CA ALA A 155 -33.45 15.16 -9.46
C ALA A 155 -33.68 15.67 -8.04
N GLU A 156 -34.68 16.53 -7.90
CA GLU A 156 -35.03 17.09 -6.61
C GLU A 156 -35.50 16.06 -5.59
N ILE A 157 -36.26 15.06 -6.04
CA ILE A 157 -36.68 13.97 -5.15
C ILE A 157 -35.44 13.20 -4.68
N ILE A 158 -34.53 12.94 -5.61
CA ILE A 158 -33.31 12.21 -5.28
C ILE A 158 -32.41 12.97 -4.30
N ARG A 159 -32.24 14.27 -4.51
CA ARG A 159 -31.43 15.09 -3.61
C ARG A 159 -32.08 15.19 -2.23
N LYS A 160 -33.40 15.18 -2.21
CA LYS A 160 -34.17 15.24 -0.96
C LYS A 160 -34.00 13.91 -0.21
N TYR A 161 -33.95 12.81 -0.95
CA TYR A 161 -33.69 11.50 -0.36
C TYR A 161 -32.29 11.50 0.28
N VAL A 162 -31.30 12.03 -0.42
CA VAL A 162 -29.94 12.10 0.11
C VAL A 162 -29.95 13.04 1.31
N LYS A 163 -30.58 14.20 1.15
CA LYS A 163 -30.54 15.22 2.21
C LYS A 163 -31.22 14.83 3.52
N ASN A 164 -32.33 14.10 3.42
CA ASN A 164 -33.17 13.83 4.58
C ASN A 164 -32.79 12.57 5.35
N THR A 165 -32.04 11.68 4.71
CA THR A 165 -31.71 10.42 5.33
C THR A 165 -30.22 10.28 5.69
N HIS A 166 -29.52 11.40 5.76
CA HIS A 166 -28.21 11.34 6.37
C HIS A 166 -28.42 11.17 7.85
N ALA A 167 -27.98 10.03 8.41
CA ALA A 167 -28.22 9.71 9.82
C ALA A 167 -27.43 10.57 10.82
N THR A 168 -28.03 10.85 11.97
CA THR A 168 -27.44 11.74 12.99
C THR A 168 -26.24 11.13 13.72
N THR A 169 -26.02 9.83 13.49
CA THR A 169 -24.97 9.04 14.13
C THR A 169 -23.74 8.94 13.22
N HIS A 170 -23.95 9.24 11.93
CA HIS A 170 -22.91 9.15 10.93
C HIS A 170 -22.46 10.53 10.52
N ASN A 171 -21.91 11.31 11.44
CA ASN A 171 -21.39 12.58 10.97
C ASN A 171 -19.88 12.75 11.04
N ALA A 172 -19.20 11.94 10.23
CA ALA A 172 -17.79 12.10 9.99
C ALA A 172 -17.65 12.79 8.63
N TYR A 173 -18.78 12.92 7.93
CA TYR A 173 -18.80 13.58 6.63
C TYR A 173 -20.17 14.18 6.35
N ASP A 174 -20.23 15.17 5.46
CA ASP A 174 -21.47 15.66 4.86
C ASP A 174 -21.50 15.13 3.45
N LEU A 175 -22.68 15.06 2.87
CA LEU A 175 -22.84 14.46 1.55
C LEU A 175 -23.24 15.53 0.55
N GLU A 176 -22.61 15.56 -0.62
CA GLU A 176 -22.98 16.50 -1.68
C GLU A 176 -23.21 15.78 -3.00
N VAL A 177 -24.37 15.99 -3.60
CA VAL A 177 -24.68 15.31 -4.84
C VAL A 177 -24.02 15.95 -6.05
N ILE A 178 -23.11 15.22 -6.68
CA ILE A 178 -22.43 15.74 -7.85
C ILE A 178 -23.25 15.49 -9.11
N ASP A 179 -23.23 14.26 -9.63
CA ASP A 179 -24.07 13.93 -10.76
C ASP A 179 -25.07 12.87 -10.38
N ILE A 180 -26.15 12.77 -11.14
CA ILE A 180 -27.15 11.73 -10.96
C ILE A 180 -27.34 11.07 -12.32
N PHE A 181 -27.20 9.76 -12.40
CA PHE A 181 -27.36 9.04 -13.63
C PHE A 181 -28.53 8.08 -13.49
N LYS A 182 -29.33 7.97 -14.55
CA LYS A 182 -30.38 6.98 -14.62
C LYS A 182 -29.80 5.85 -15.42
N ILE A 183 -29.99 4.61 -14.97
CA ILE A 183 -29.29 3.50 -15.60
C ILE A 183 -30.19 2.34 -15.97
N GLU A 184 -29.84 1.67 -17.05
CA GLU A 184 -30.62 0.51 -17.46
C GLU A 184 -29.66 -0.59 -17.83
N ARG A 185 -29.52 -1.57 -16.95
CA ARG A 185 -28.63 -2.69 -17.21
C ARG A 185 -29.28 -3.59 -18.24
N GLU A 186 -28.52 -4.01 -19.25
CA GLU A 186 -29.03 -4.90 -20.28
C GLU A 186 -29.46 -6.22 -19.68
N GLY A 187 -30.64 -6.69 -20.08
CA GLY A 187 -31.14 -7.97 -19.60
C GLY A 187 -31.83 -7.92 -18.25
N GLU A 188 -31.80 -6.76 -17.58
CA GLU A 188 -32.40 -6.67 -16.25
C GLU A 188 -33.92 -6.49 -16.27
N CYS A 189 -34.44 -5.77 -17.24
CA CYS A 189 -35.89 -5.65 -17.38
C CYS A 189 -36.60 -6.99 -17.52
N GLN A 190 -36.04 -7.90 -18.30
CA GLN A 190 -36.67 -9.21 -18.51
C GLN A 190 -36.58 -10.04 -17.23
N ARG A 191 -35.46 -9.92 -16.54
CA ARG A 191 -35.20 -10.73 -15.35
C ARG A 191 -36.10 -10.33 -14.20
N TYR A 192 -36.39 -9.04 -14.11
CA TYR A 192 -37.20 -8.45 -13.06
C TYR A 192 -38.72 -8.69 -13.28
N LYS A 193 -39.08 -9.15 -14.47
CA LYS A 193 -40.49 -9.27 -14.92
C LYS A 193 -41.42 -10.02 -13.94
N PRO A 194 -41.03 -11.22 -13.49
CA PRO A 194 -41.85 -11.87 -12.45
C PRO A 194 -42.16 -11.00 -11.22
N PHE A 195 -41.24 -10.12 -10.80
CA PHE A 195 -41.44 -9.31 -9.59
C PHE A 195 -41.87 -7.88 -9.85
N LYS A 196 -41.97 -7.50 -11.10
CA LYS A 196 -42.43 -6.17 -11.44
C LYS A 196 -43.82 -5.91 -10.82
N GLN A 197 -44.60 -6.97 -10.70
CA GLN A 197 -46.00 -6.85 -10.26
C GLN A 197 -46.22 -6.99 -8.75
N LEU A 198 -45.15 -7.32 -8.04
CA LEU A 198 -45.23 -7.64 -6.63
C LEU A 198 -45.49 -6.38 -5.81
N HIS A 199 -46.13 -6.50 -4.66
CA HIS A 199 -46.38 -5.35 -3.81
C HIS A 199 -45.12 -4.94 -3.02
N ASN A 200 -45.21 -3.84 -2.29
CA ASN A 200 -44.10 -3.30 -1.53
C ASN A 200 -42.77 -3.16 -2.31
N ARG A 201 -42.82 -2.38 -3.39
CA ARG A 201 -41.62 -2.08 -4.17
C ARG A 201 -41.03 -0.78 -3.64
N ARG A 202 -39.74 -0.80 -3.33
CA ARG A 202 -39.12 0.35 -2.66
C ARG A 202 -37.80 0.78 -3.33
N LEU A 203 -37.56 2.08 -3.35
CA LEU A 203 -36.31 2.66 -3.86
C LEU A 203 -35.31 2.74 -2.72
N LEU A 204 -34.21 2.00 -2.84
CA LEU A 204 -33.31 1.80 -1.71
C LEU A 204 -31.86 1.96 -2.15
N TRP A 205 -31.00 2.32 -1.19
CA TRP A 205 -29.59 2.57 -1.41
C TRP A 205 -28.77 1.32 -1.36
N HIS A 206 -27.70 1.29 -2.15
CA HIS A 206 -26.66 0.30 -2.01
C HIS A 206 -25.34 0.96 -2.34
N GLY A 207 -24.49 1.06 -1.32
CA GLY A 207 -23.16 1.64 -1.42
C GLY A 207 -22.14 0.57 -1.73
N SER A 208 -21.14 0.91 -2.53
CA SER A 208 -20.04 -0.01 -2.77
C SER A 208 -18.75 0.75 -3.14
N ARG A 209 -17.59 0.11 -2.97
CA ARG A 209 -16.33 0.71 -3.40
C ARG A 209 -16.39 1.04 -4.91
N THR A 210 -15.83 2.19 -5.26
CA THR A 210 -15.76 2.65 -6.65
C THR A 210 -15.15 1.59 -7.58
N THR A 211 -14.09 0.93 -7.13
CA THR A 211 -13.45 -0.17 -7.87
C THR A 211 -14.36 -1.41 -8.16
N ASN A 212 -15.54 -1.45 -7.55
CA ASN A 212 -16.49 -2.53 -7.77
C ASN A 212 -17.47 -2.29 -8.90
N PHE A 213 -17.58 -1.04 -9.38
CA PHE A 213 -18.70 -0.73 -10.28
C PHE A 213 -18.64 -1.29 -11.68
N ALA A 214 -17.45 -1.53 -12.22
CA ALA A 214 -17.39 -2.18 -13.51
C ALA A 214 -18.08 -3.53 -13.41
N GLY A 215 -17.88 -4.20 -12.29
CA GLY A 215 -18.49 -5.50 -12.05
C GLY A 215 -19.97 -5.43 -11.74
N ILE A 216 -20.38 -4.42 -10.98
CA ILE A 216 -21.77 -4.24 -10.63
C ILE A 216 -22.61 -3.85 -11.86
N LEU A 217 -22.12 -2.91 -12.68
CA LEU A 217 -22.84 -2.52 -13.89
C LEU A 217 -22.86 -3.66 -14.87
N SER A 218 -21.71 -4.26 -15.15
CA SER A 218 -21.75 -5.43 -16.03
C SER A 218 -22.60 -6.60 -15.52
N GLN A 219 -22.50 -6.96 -14.23
CA GLN A 219 -23.11 -8.24 -13.79
C GLN A 219 -24.35 -8.09 -12.91
N GLY A 220 -24.64 -6.89 -12.46
CA GLY A 220 -25.70 -6.71 -11.48
C GLY A 220 -25.19 -6.96 -10.07
N LEU A 221 -26.03 -6.67 -9.08
CA LEU A 221 -25.76 -7.06 -7.71
C LEU A 221 -25.88 -8.58 -7.60
N ARG A 222 -24.85 -9.23 -7.09
CA ARG A 222 -24.86 -10.68 -7.03
C ARG A 222 -24.69 -11.18 -5.60
N ILE A 223 -25.09 -12.43 -5.38
CA ILE A 223 -25.07 -13.01 -4.05
C ILE A 223 -23.76 -13.73 -3.74
N ALA A 224 -23.20 -13.47 -2.57
CA ALA A 224 -21.99 -14.16 -2.10
C ALA A 224 -22.00 -15.67 -2.36
N PRO A 225 -20.85 -16.20 -2.80
CA PRO A 225 -20.72 -17.62 -3.07
C PRO A 225 -20.78 -18.47 -1.80
N PRO A 226 -21.15 -19.75 -1.95
CA PRO A 226 -21.14 -20.78 -0.90
C PRO A 226 -19.88 -20.76 -0.04
N GLU A 227 -18.73 -20.59 -0.68
CA GLU A 227 -17.46 -20.79 0.02
C GLU A 227 -17.13 -19.70 1.03
N ALA A 228 -17.62 -18.49 0.78
CA ALA A 228 -17.26 -17.34 1.60
C ALA A 228 -17.71 -17.55 3.04
N PRO A 229 -16.91 -17.04 3.98
CA PRO A 229 -17.25 -17.28 5.37
C PRO A 229 -18.47 -16.49 5.76
N VAL A 230 -19.07 -16.91 6.86
CA VAL A 230 -20.38 -16.51 7.31
C VAL A 230 -20.34 -15.12 8.01
N THR A 231 -19.21 -14.80 8.62
CA THR A 231 -19.00 -13.49 9.21
C THR A 231 -19.18 -12.49 8.08
N GLY A 232 -19.84 -11.38 8.33
CA GLY A 232 -20.13 -10.43 7.26
C GLY A 232 -21.49 -10.65 6.56
N TYR A 233 -22.32 -11.55 7.11
CA TYR A 233 -23.69 -11.71 6.63
C TYR A 233 -24.62 -11.85 7.83
N MET A 234 -25.00 -10.70 8.36
CA MET A 234 -25.89 -10.62 9.51
C MET A 234 -27.24 -11.28 9.21
N PHE A 235 -27.69 -11.26 7.95
CA PHE A 235 -28.96 -11.89 7.60
C PHE A 235 -28.86 -12.95 6.52
N GLY A 236 -27.69 -13.56 6.40
CA GLY A 236 -27.48 -14.60 5.42
C GLY A 236 -26.92 -13.99 4.18
N LYS A 237 -26.67 -14.81 3.18
CA LYS A 237 -26.12 -14.34 1.93
C LYS A 237 -27.22 -13.81 1.00
N GLY A 238 -27.30 -12.49 0.87
CA GLY A 238 -28.25 -11.91 -0.06
C GLY A 238 -27.73 -10.58 -0.56
N ILE A 239 -28.62 -9.81 -1.16
CA ILE A 239 -28.31 -8.47 -1.56
C ILE A 239 -28.91 -7.51 -0.52
N TYR A 240 -28.07 -6.61 0.00
CA TYR A 240 -28.44 -5.71 1.11
C TYR A 240 -28.70 -4.26 0.66
N PHE A 241 -29.68 -3.62 1.27
CA PHE A 241 -30.00 -2.24 0.94
C PHE A 241 -30.33 -1.48 2.21
N ALA A 242 -30.21 -0.16 2.19
CA ALA A 242 -30.74 0.65 3.27
C ALA A 242 -31.70 1.74 2.76
N ASP A 243 -32.45 2.32 3.69
CA ASP A 243 -33.27 3.50 3.42
C ASP A 243 -32.64 4.78 4.00
N MET A 244 -31.49 4.65 4.66
CA MET A 244 -30.67 5.79 5.09
C MET A 244 -29.44 5.85 4.20
N VAL A 245 -29.32 6.94 3.42
CA VAL A 245 -28.20 7.10 2.48
C VAL A 245 -26.85 6.90 3.16
N SER A 246 -26.71 7.40 4.39
CA SER A 246 -25.42 7.34 5.05
C SER A 246 -25.06 5.91 5.46
N LYS A 247 -26.05 5.11 5.86
CA LYS A 247 -25.77 3.72 6.17
C LYS A 247 -25.13 3.03 4.96
N SER A 248 -25.71 3.24 3.79
CA SER A 248 -25.14 2.74 2.54
C SER A 248 -23.83 3.43 2.11
N ALA A 249 -23.76 4.74 2.27
CA ALA A 249 -22.62 5.51 1.82
C ALA A 249 -21.35 5.19 2.56
N ASN A 250 -21.47 4.74 3.81
CA ASN A 250 -20.30 4.22 4.53
C ASN A 250 -19.60 3.12 3.77
N TYR A 251 -20.35 2.34 3.00
CA TYR A 251 -19.72 1.24 2.28
C TYR A 251 -19.02 1.67 1.01
N CYS A 252 -19.06 2.96 0.68
CA CYS A 252 -18.25 3.49 -0.42
C CYS A 252 -16.77 3.48 -0.04
N HIS A 253 -16.50 3.43 1.26
CA HIS A 253 -15.14 3.45 1.78
C HIS A 253 -14.34 4.61 1.23
N THR A 254 -14.94 5.80 1.21
CA THR A 254 -14.25 7.00 0.77
C THR A 254 -13.36 7.52 1.90
N SER A 255 -12.43 8.41 1.58
CA SER A 255 -11.51 8.98 2.59
C SER A 255 -11.13 10.36 2.12
N GLN A 256 -10.39 11.12 2.94
CA GLN A 256 -10.03 12.47 2.50
C GLN A 256 -9.22 12.48 1.20
N GLY A 257 -8.39 11.47 0.97
CA GLY A 257 -7.64 11.40 -0.28
C GLY A 257 -8.34 10.77 -1.47
N ASP A 258 -9.54 10.25 -1.23
CA ASP A 258 -10.41 9.64 -2.23
C ASP A 258 -11.83 10.00 -1.83
N PRO A 259 -12.22 11.27 -2.00
CA PRO A 259 -13.44 11.74 -1.33
C PRO A 259 -14.73 11.63 -2.15
N ILE A 260 -14.64 11.06 -3.33
CA ILE A 260 -15.85 10.88 -4.11
C ILE A 260 -16.21 9.40 -4.29
N GLY A 261 -17.48 9.09 -4.05
CA GLY A 261 -17.95 7.73 -4.14
C GLY A 261 -19.09 7.59 -5.11
N LEU A 262 -19.45 6.34 -5.38
CA LEU A 262 -20.58 5.98 -6.20
C LEU A 262 -21.55 5.20 -5.29
N ILE A 263 -22.84 5.52 -5.42
CA ILE A 263 -23.88 4.83 -4.66
C ILE A 263 -25.09 4.53 -5.57
N LEU A 264 -25.75 3.40 -5.37
CA LEU A 264 -26.82 3.01 -6.28
C LEU A 264 -28.17 3.26 -5.67
N LEU A 265 -29.15 3.58 -6.50
CA LEU A 265 -30.55 3.51 -6.10
C LEU A 265 -31.21 2.36 -6.88
N GLY A 266 -31.70 1.36 -6.15
CA GLY A 266 -32.38 0.25 -6.77
C GLY A 266 -33.84 0.16 -6.37
N GLU A 267 -34.70 -0.23 -7.32
CA GLU A 267 -36.06 -0.60 -7.00
C GLU A 267 -35.96 -2.04 -6.50
N VAL A 268 -36.44 -2.28 -5.28
CA VAL A 268 -36.35 -3.67 -4.85
C VAL A 268 -37.71 -4.25 -4.47
N ALA A 269 -37.98 -5.41 -5.00
CA ALA A 269 -39.30 -5.99 -4.86
C ALA A 269 -39.35 -6.78 -3.57
N LEU A 270 -39.85 -6.12 -2.53
CA LEU A 270 -39.80 -6.67 -1.17
C LEU A 270 -40.98 -7.57 -0.82
N GLY A 271 -42.12 -7.36 -1.50
CA GLY A 271 -43.36 -8.03 -1.16
C GLY A 271 -43.62 -8.24 0.32
N ASN A 272 -43.72 -9.51 0.70
CA ASN A 272 -43.95 -9.90 2.07
C ASN A 272 -42.66 -9.92 2.88
N MET A 273 -42.49 -8.91 3.73
CA MET A 273 -41.27 -8.73 4.48
C MET A 273 -41.21 -9.60 5.76
N TYR A 274 -40.17 -10.42 5.88
CA TYR A 274 -39.85 -11.13 7.12
C TYR A 274 -39.12 -10.15 8.04
N GLU A 275 -39.80 -9.64 9.06
CA GLU A 275 -39.21 -8.60 9.91
C GLU A 275 -38.39 -9.19 11.07
N LEU A 276 -37.19 -8.65 11.28
CA LEU A 276 -36.26 -9.24 12.25
C LEU A 276 -35.54 -8.16 13.03
N LYS A 277 -35.46 -8.39 14.35
CA LYS A 277 -34.85 -7.47 15.29
C LYS A 277 -33.45 -7.91 15.66
N HIS A 278 -33.07 -9.10 15.24
CA HIS A 278 -31.77 -9.67 15.64
C HIS A 278 -31.14 -10.37 14.44
N ALA A 279 -29.84 -10.67 14.52
CA ALA A 279 -29.16 -11.38 13.44
C ALA A 279 -29.79 -12.75 13.25
N SER A 280 -29.72 -13.28 12.02
CA SER A 280 -30.25 -14.59 11.67
C SER A 280 -29.71 -15.00 10.29
N HIS A 281 -28.88 -16.03 10.24
CA HIS A 281 -28.27 -16.37 8.97
C HIS A 281 -29.28 -17.13 8.12
N ILE A 282 -30.09 -16.39 7.37
CA ILE A 282 -31.17 -17.02 6.65
C ILE A 282 -30.70 -17.88 5.47
N SER A 283 -31.20 -19.11 5.42
CA SER A 283 -30.81 -20.08 4.40
C SER A 283 -32.01 -20.33 3.48
N LYS A 284 -33.22 -20.13 4.03
CA LYS A 284 -34.42 -20.18 3.25
C LYS A 284 -35.51 -19.35 3.94
N LEU A 285 -36.10 -18.42 3.21
CA LEU A 285 -37.13 -17.57 3.77
C LEU A 285 -38.33 -18.44 4.20
N PRO A 286 -39.08 -18.00 5.25
CA PRO A 286 -40.38 -18.61 5.55
C PRO A 286 -41.22 -18.68 4.26
N LYS A 287 -42.02 -19.72 4.09
CA LYS A 287 -42.85 -19.81 2.89
C LYS A 287 -43.80 -18.64 2.89
N GLY A 288 -43.81 -17.89 1.77
CA GLY A 288 -44.68 -16.75 1.63
C GLY A 288 -43.94 -15.44 1.83
N LYS A 289 -42.69 -15.50 2.27
CA LYS A 289 -41.92 -14.27 2.40
C LYS A 289 -40.99 -14.09 1.20
N HIS A 290 -40.80 -12.83 0.81
CA HIS A 290 -39.96 -12.48 -0.32
C HIS A 290 -38.68 -11.77 0.10
N SER A 291 -38.69 -11.22 1.31
CA SER A 291 -37.54 -10.46 1.80
C SER A 291 -37.47 -10.37 3.34
N VAL A 292 -36.29 -10.02 3.84
CA VAL A 292 -36.11 -9.71 5.25
C VAL A 292 -36.03 -8.21 5.44
N LYS A 293 -36.66 -7.70 6.49
CA LYS A 293 -36.43 -6.32 6.90
C LYS A 293 -35.82 -6.32 8.30
N GLY A 294 -34.59 -5.79 8.42
CA GLY A 294 -33.94 -5.61 9.70
C GLY A 294 -34.49 -4.33 10.30
N LEU A 295 -35.13 -4.41 11.46
CA LEU A 295 -35.83 -3.26 12.02
C LEU A 295 -34.83 -2.39 12.76
N GLY A 296 -34.68 -1.13 12.37
CA GLY A 296 -33.87 -0.20 13.14
C GLY A 296 -34.63 0.63 14.15
N LYS A 297 -33.90 1.32 15.02
CA LYS A 297 -34.52 2.24 15.99
C LYS A 297 -35.10 3.49 15.33
N THR A 298 -34.39 4.01 14.34
CA THR A 298 -34.86 5.16 13.55
C THR A 298 -35.28 4.75 12.13
N THR A 299 -36.49 5.10 11.76
CA THR A 299 -37.02 4.82 10.44
C THR A 299 -37.31 6.16 9.78
N PRO A 300 -37.27 6.21 8.43
CA PRO A 300 -37.70 7.43 7.75
C PRO A 300 -39.18 7.59 7.97
N ASP A 301 -39.67 8.81 8.19
CA ASP A 301 -41.09 9.01 8.51
C ASP A 301 -41.99 8.64 7.35
N PRO A 302 -42.79 7.57 7.52
CA PRO A 302 -43.61 6.99 6.45
C PRO A 302 -44.64 7.95 5.84
N SER A 303 -45.12 8.92 6.60
CA SER A 303 -46.12 9.85 6.10
C SER A 303 -45.51 10.74 5.03
N ALA A 304 -44.19 10.79 5.01
CA ALA A 304 -43.47 11.61 4.06
C ALA A 304 -43.13 10.84 2.79
N ASN A 305 -43.65 9.63 2.67
CA ASN A 305 -43.40 8.81 1.48
C ASN A 305 -43.76 9.55 0.19
N ILE A 306 -43.00 9.29 -0.86
CA ILE A 306 -43.32 9.85 -2.17
C ILE A 306 -43.12 8.80 -3.24
N SER A 307 -44.13 8.62 -4.08
CA SER A 307 -44.03 7.71 -5.20
C SER A 307 -43.19 8.34 -6.31
N LEU A 308 -42.22 7.60 -6.82
CA LEU A 308 -41.49 8.03 -7.99
C LEU A 308 -41.73 6.97 -9.05
N ASP A 309 -42.51 7.32 -10.06
CA ASP A 309 -42.83 6.39 -11.13
C ASP A 309 -43.30 5.06 -10.54
N GLY A 310 -44.23 5.12 -9.60
CA GLY A 310 -44.86 3.94 -9.06
C GLY A 310 -44.04 3.13 -8.07
N VAL A 311 -43.01 3.73 -7.50
CA VAL A 311 -42.17 3.05 -6.51
C VAL A 311 -42.09 3.95 -5.30
N ASP A 312 -42.33 3.39 -4.12
CA ASP A 312 -42.17 4.14 -2.88
C ASP A 312 -40.75 4.61 -2.71
N VAL A 313 -40.60 5.87 -2.32
CA VAL A 313 -39.32 6.42 -1.96
C VAL A 313 -39.44 6.95 -0.54
N PRO A 314 -38.87 6.22 0.42
CA PRO A 314 -39.03 6.58 1.84
C PRO A 314 -38.06 7.69 2.15
N LEU A 315 -38.39 8.90 1.73
CA LEU A 315 -37.42 9.97 1.83
C LEU A 315 -37.63 10.82 3.05
N GLY A 316 -38.63 10.48 3.84
CA GLY A 316 -38.94 11.24 5.04
C GLY A 316 -37.74 11.38 5.96
N THR A 317 -37.73 12.41 6.77
CA THR A 317 -36.65 12.61 7.72
C THR A 317 -36.78 11.60 8.87
N GLY A 318 -35.66 11.26 9.49
CA GLY A 318 -35.62 10.18 10.44
C GLY A 318 -36.33 10.48 11.74
N ILE A 319 -37.35 9.67 12.05
CA ILE A 319 -38.06 9.74 13.32
C ILE A 319 -37.96 8.37 13.97
N SER A 320 -38.32 8.28 15.24
CA SER A 320 -38.23 7.02 15.97
C SER A 320 -39.24 6.01 15.42
N SER A 321 -38.83 4.76 15.35
CA SER A 321 -39.74 3.68 15.05
C SER A 321 -40.18 3.13 16.39
N GLY A 322 -41.10 2.18 16.38
CA GLY A 322 -41.61 1.70 17.65
C GLY A 322 -40.66 0.81 18.45
N VAL A 323 -39.77 0.13 17.73
CA VAL A 323 -38.99 -0.93 18.34
C VAL A 323 -37.77 -0.41 19.06
N ASN A 324 -37.51 -0.96 20.22
CA ASN A 324 -36.33 -0.59 20.96
C ASN A 324 -35.60 -1.87 21.36
N ASP A 325 -36.21 -3.00 21.06
CA ASP A 325 -35.54 -4.27 21.26
C ASP A 325 -34.81 -4.74 19.99
N THR A 326 -33.92 -3.91 19.46
CA THR A 326 -33.21 -4.25 18.22
C THR A 326 -31.73 -3.92 18.21
N SER A 327 -30.97 -4.68 17.43
CA SER A 327 -29.54 -4.44 17.25
C SER A 327 -29.21 -3.27 16.31
N LEU A 328 -30.16 -2.91 15.45
CA LEU A 328 -29.85 -1.96 14.38
C LEU A 328 -30.31 -0.57 14.71
N LEU A 329 -29.40 0.39 14.53
CA LEU A 329 -29.73 1.79 14.61
C LEU A 329 -30.70 2.14 13.48
N TYR A 330 -30.52 1.50 12.33
CA TYR A 330 -31.30 1.81 11.12
C TYR A 330 -31.73 0.55 10.36
N ASN A 331 -32.82 0.68 9.61
CA ASN A 331 -33.34 -0.45 8.86
C ASN A 331 -32.31 -1.05 7.88
N GLU A 332 -32.62 -2.26 7.44
CA GLU A 332 -31.83 -2.95 6.46
C GLU A 332 -32.83 -3.79 5.66
N TYR A 333 -32.58 -4.00 4.39
CA TYR A 333 -33.49 -4.83 3.59
C TYR A 333 -32.65 -5.82 2.82
N ILE A 334 -33.06 -7.09 2.78
CA ILE A 334 -32.29 -8.10 2.06
C ILE A 334 -33.17 -8.92 1.11
N VAL A 335 -32.68 -9.19 -0.09
CA VAL A 335 -33.37 -10.15 -0.95
C VAL A 335 -32.43 -11.28 -1.31
N TYR A 336 -33.00 -12.44 -1.59
CA TYR A 336 -32.22 -13.65 -1.83
C TYR A 336 -32.38 -14.16 -3.27
N ASP A 337 -32.90 -13.32 -4.15
CA ASP A 337 -32.99 -13.65 -5.55
C ASP A 337 -32.54 -12.42 -6.34
N ILE A 338 -31.45 -12.56 -7.11
CA ILE A 338 -30.89 -11.42 -7.81
C ILE A 338 -31.91 -10.75 -8.70
N ALA A 339 -32.88 -11.54 -9.16
CA ALA A 339 -33.92 -11.06 -10.06
C ALA A 339 -34.86 -10.06 -9.42
N GLN A 340 -34.82 -9.95 -8.09
CA GLN A 340 -35.72 -9.04 -7.35
C GLN A 340 -35.21 -7.60 -7.30
N VAL A 341 -34.09 -7.34 -7.97
CA VAL A 341 -33.51 -5.99 -8.04
C VAL A 341 -33.48 -5.38 -9.45
N ASN A 342 -34.02 -4.18 -9.56
CA ASN A 342 -33.96 -3.38 -10.77
C ASN A 342 -33.20 -2.06 -10.50
N LEU A 343 -31.93 -2.02 -10.86
CA LEU A 343 -31.11 -0.82 -10.66
C LEU A 343 -31.65 0.36 -11.50
N LYS A 344 -31.86 1.52 -10.88
CA LYS A 344 -32.48 2.67 -11.54
C LYS A 344 -31.59 3.91 -11.63
N TYR A 345 -30.83 4.19 -10.58
CA TYR A 345 -30.00 5.39 -10.55
C TYR A 345 -28.63 5.08 -10.00
N LEU A 346 -27.69 5.95 -10.33
CA LEU A 346 -26.34 5.84 -9.82
C LEU A 346 -25.91 7.27 -9.53
N LEU A 347 -25.55 7.56 -8.29
CA LEU A 347 -25.16 8.91 -7.90
C LEU A 347 -23.66 9.01 -7.63
N LYS A 348 -23.04 10.08 -8.12
CA LYS A 348 -21.66 10.36 -7.79
C LYS A 348 -21.73 11.38 -6.68
N LEU A 349 -21.23 11.01 -5.51
CA LEU A 349 -21.36 11.83 -4.32
C LEU A 349 -20.00 12.37 -3.93
N LYS A 350 -19.97 13.60 -3.40
CA LYS A 350 -18.74 14.14 -2.79
C LYS A 350 -18.84 14.03 -1.27
N PHE A 351 -17.80 13.48 -0.66
CA PHE A 351 -17.77 13.33 0.78
C PHE A 351 -16.94 14.47 1.39
N ASN A 352 -17.58 15.29 2.23
CA ASN A 352 -16.89 16.37 2.92
C ASN A 352 -16.56 15.95 4.33
N PHE A 353 -15.33 15.53 4.58
CA PHE A 353 -14.99 14.98 5.88
C PHE A 353 -14.77 16.03 6.96
N LYS A 354 -15.07 15.64 8.20
CA LYS A 354 -15.01 16.54 9.33
C LYS A 354 -13.70 16.40 10.09
N SER B 7 13.98 1.07 21.73
CA SER B 7 13.06 1.61 22.73
C SER B 7 13.45 3.03 23.14
N LYS B 8 14.72 3.39 22.99
CA LYS B 8 15.29 4.58 23.65
C LYS B 8 14.89 5.94 23.05
N LEU B 9 14.87 6.01 21.72
CA LEU B 9 14.60 7.27 21.03
C LEU B 9 13.32 7.90 21.50
N PRO B 10 13.33 9.24 21.61
CA PRO B 10 12.10 9.95 21.95
C PRO B 10 11.08 9.70 20.84
N LYS B 11 9.82 10.00 21.13
CA LYS B 11 8.71 9.48 20.34
C LYS B 11 8.45 10.24 19.04
N PRO B 12 8.56 11.59 19.06
CA PRO B 12 8.42 12.24 17.76
C PRO B 12 9.46 11.77 16.76
N VAL B 13 10.66 11.50 17.25
CA VAL B 13 11.73 10.95 16.44
C VAL B 13 11.36 9.56 15.94
N GLN B 14 10.57 8.84 16.76
CA GLN B 14 10.13 7.50 16.40
C GLN B 14 9.22 7.60 15.18
N ASP B 15 8.22 8.47 15.29
CA ASP B 15 7.28 8.71 14.20
C ASP B 15 7.99 9.26 12.96
N LEU B 16 9.06 10.03 13.15
CA LEU B 16 9.81 10.55 12.00
C LEU B 16 10.39 9.39 11.23
N ILE B 17 11.00 8.45 11.95
CA ILE B 17 11.65 7.33 11.31
C ILE B 17 10.63 6.43 10.64
N LYS B 18 9.44 6.31 11.22
CA LYS B 18 8.43 5.43 10.64
C LYS B 18 7.98 6.04 9.32
N MET B 19 7.71 7.34 9.36
CA MET B 19 7.33 8.10 8.19
C MET B 19 8.32 7.95 7.04
N ILE B 20 9.60 8.13 7.31
CA ILE B 20 10.53 8.19 6.19
C ILE B 20 10.89 6.82 5.61
N PHE B 21 10.65 5.76 6.37
CA PHE B 21 10.96 4.42 5.87
C PHE B 21 9.71 3.59 5.47
N ASP B 22 8.57 4.27 5.33
CA ASP B 22 7.31 3.63 4.96
C ASP B 22 7.31 3.01 3.56
N VAL B 23 7.44 1.69 3.49
CA VAL B 23 7.47 0.94 2.26
C VAL B 23 6.15 1.05 1.47
N GLU B 24 5.04 1.13 2.17
CA GLU B 24 3.75 1.30 1.52
C GLU B 24 3.71 2.62 0.73
N SER B 25 4.18 3.70 1.34
CA SER B 25 4.29 5.00 0.66
C SER B 25 5.15 4.95 -0.59
N MET B 26 6.22 4.15 -0.58
CA MET B 26 7.03 4.02 -1.78
C MET B 26 6.21 3.44 -2.94
N LYS B 27 5.47 2.37 -2.66
CA LYS B 27 4.68 1.71 -3.68
C LYS B 27 3.56 2.62 -4.16
N LYS B 28 2.98 3.36 -3.21
CA LYS B 28 1.95 4.36 -3.47
C LYS B 28 2.47 5.40 -4.49
N ALA B 29 3.65 5.99 -4.21
CA ALA B 29 4.23 6.97 -5.14
C ALA B 29 4.49 6.39 -6.52
N MET B 30 5.02 5.16 -6.56
CA MET B 30 5.30 4.46 -7.81
C MET B 30 3.99 4.21 -8.57
N VAL B 31 2.98 3.75 -7.85
CA VAL B 31 1.67 3.61 -8.46
C VAL B 31 1.18 4.96 -8.99
N GLU B 32 1.41 6.05 -8.25
CA GLU B 32 0.98 7.35 -8.73
C GLU B 32 1.73 7.83 -9.99
N TYR B 33 2.96 7.36 -10.18
CA TYR B 33 3.68 7.66 -11.42
C TYR B 33 3.20 6.73 -12.51
N GLU B 34 2.31 5.81 -12.15
CA GLU B 34 1.78 4.82 -13.09
C GLU B 34 2.88 3.91 -13.57
N ILE B 35 3.82 3.60 -12.69
CA ILE B 35 4.81 2.60 -12.99
C ILE B 35 4.12 1.25 -12.88
N ASP B 36 4.41 0.34 -13.79
CA ASP B 36 3.82 -0.98 -13.69
C ASP B 36 4.60 -1.81 -12.66
N LEU B 37 3.98 -2.03 -11.50
CA LEU B 37 4.64 -2.71 -10.38
C LEU B 37 4.91 -4.20 -10.62
N GLN B 38 4.00 -4.83 -11.35
CA GLN B 38 4.12 -6.23 -11.73
C GLN B 38 5.37 -6.38 -12.56
N LYS B 39 5.56 -5.48 -13.52
CA LYS B 39 6.72 -5.53 -14.42
C LYS B 39 8.03 -5.07 -13.79
N MET B 40 7.95 -4.09 -12.88
CA MET B 40 9.16 -3.63 -12.21
C MET B 40 8.90 -3.28 -10.74
N PRO B 41 8.97 -4.32 -9.89
CA PRO B 41 8.71 -4.24 -8.45
C PRO B 41 9.65 -3.25 -7.75
N LEU B 42 9.21 -2.74 -6.60
CA LEU B 42 10.02 -1.93 -5.69
C LEU B 42 11.36 -2.61 -5.45
N GLY B 43 11.32 -3.89 -5.08
CA GLY B 43 12.52 -4.63 -4.74
C GLY B 43 13.42 -4.98 -5.90
N LYS B 44 13.09 -4.49 -7.09
CA LYS B 44 13.96 -4.69 -8.24
C LYS B 44 14.47 -3.36 -8.85
N LEU B 45 14.14 -2.25 -8.19
CA LEU B 45 14.63 -0.93 -8.58
C LEU B 45 16.14 -0.88 -8.40
N SER B 46 16.88 -0.53 -9.46
CA SER B 46 18.32 -0.53 -9.41
C SER B 46 18.90 0.77 -9.91
N LYS B 47 20.01 1.18 -9.31
CA LYS B 47 20.63 2.44 -9.68
C LYS B 47 20.96 2.46 -11.17
N ARG B 48 21.41 1.31 -11.67
CA ARG B 48 21.91 1.18 -13.04
C ARG B 48 20.78 1.29 -14.06
N GLN B 49 19.66 0.67 -13.76
CA GLN B 49 18.51 0.80 -14.64
C GLN B 49 18.02 2.26 -14.71
N ILE B 50 18.05 2.94 -13.56
CA ILE B 50 17.61 4.33 -13.51
C ILE B 50 18.58 5.23 -14.30
N GLN B 51 19.87 4.96 -14.13
CA GLN B 51 20.92 5.64 -14.87
C GLN B 51 20.65 5.49 -16.38
N ALA B 52 20.39 4.28 -16.80
CA ALA B 52 20.12 4.01 -18.21
C ALA B 52 18.88 4.76 -18.71
N ALA B 53 17.87 4.92 -17.85
CA ALA B 53 16.72 5.76 -18.23
C ALA B 53 17.09 7.25 -18.38
N TYR B 54 17.94 7.75 -17.48
CA TYR B 54 18.37 9.13 -17.54
C TYR B 54 19.02 9.44 -18.87
N SER B 55 19.89 8.54 -19.31
CA SER B 55 20.64 8.73 -20.55
C SER B 55 19.75 8.76 -21.75
N ILE B 56 18.81 7.82 -21.79
CA ILE B 56 17.76 7.83 -22.78
C ILE B 56 16.98 9.14 -22.74
N LEU B 57 16.53 9.58 -21.56
CA LEU B 57 15.88 10.88 -21.47
C LEU B 57 16.76 11.98 -22.03
N SER B 58 18.06 11.87 -21.77
CA SER B 58 19.01 12.85 -22.26
C SER B 58 19.02 12.91 -23.77
N GLU B 59 19.09 11.75 -24.40
CA GLU B 59 19.02 11.66 -25.87
C GLU B 59 17.67 12.09 -26.46
N VAL B 60 16.57 11.74 -25.81
CA VAL B 60 15.26 12.26 -26.19
C VAL B 60 15.31 13.79 -26.33
N GLN B 61 15.77 14.44 -25.26
CA GLN B 61 15.87 15.89 -25.16
C GLN B 61 16.76 16.47 -26.26
N GLN B 62 17.94 15.91 -26.46
CA GLN B 62 18.82 16.38 -27.54
C GLN B 62 18.18 16.19 -28.91
N ALA B 63 17.50 15.07 -29.09
CA ALA B 63 16.82 14.73 -30.33
C ALA B 63 15.70 15.69 -30.65
N VAL B 64 15.01 16.16 -29.63
CA VAL B 64 13.98 17.16 -29.82
C VAL B 64 14.64 18.47 -30.28
N SER B 65 15.56 19.02 -29.48
CA SER B 65 16.06 20.36 -29.76
C SER B 65 16.86 20.48 -31.06
N GLN B 66 17.28 19.36 -31.64
CA GLN B 66 17.96 19.40 -32.94
C GLN B 66 17.05 18.95 -34.08
N GLY B 67 15.75 18.84 -33.79
CA GLY B 67 14.75 18.40 -34.74
C GLY B 67 15.06 17.10 -35.47
N SER B 68 15.44 16.06 -34.73
CA SER B 68 15.69 14.75 -35.34
C SER B 68 14.40 14.17 -35.93
N SER B 69 14.54 13.05 -36.65
CA SER B 69 13.45 12.40 -37.40
C SER B 69 12.03 12.68 -36.92
N ASP B 70 11.63 11.92 -35.91
CA ASP B 70 10.27 11.85 -35.36
C ASP B 70 10.12 10.39 -35.05
N SER B 71 10.60 9.57 -35.99
CA SER B 71 10.62 8.15 -35.79
C SER B 71 11.73 7.89 -34.80
N GLN B 72 12.83 8.63 -34.95
CA GLN B 72 13.95 8.56 -34.02
C GLN B 72 13.51 8.99 -32.62
N ILE B 73 12.58 9.95 -32.57
CA ILE B 73 12.00 10.40 -31.30
C ILE B 73 11.08 9.34 -30.72
N LEU B 74 10.19 8.76 -31.53
CA LEU B 74 9.31 7.69 -31.05
C LEU B 74 10.12 6.52 -30.49
N ASP B 75 11.21 6.20 -31.17
CA ASP B 75 12.03 5.05 -30.79
C ASP B 75 12.73 5.29 -29.46
N LEU B 76 13.29 6.49 -29.25
CA LEU B 76 13.94 6.81 -27.97
C LEU B 76 12.88 6.80 -26.87
N SER B 77 11.70 7.30 -27.19
CA SER B 77 10.58 7.36 -26.26
C SER B 77 10.06 5.96 -25.91
N ASN B 78 9.92 5.09 -26.91
CA ASN B 78 9.55 3.70 -26.65
C ASN B 78 10.59 2.99 -25.77
N ARG B 79 11.86 3.29 -26.04
CA ARG B 79 12.97 2.66 -25.34
C ARG B 79 12.89 3.00 -23.87
N PHE B 80 12.63 4.27 -23.58
CA PHE B 80 12.44 4.73 -22.21
C PHE B 80 11.34 3.96 -21.49
N TYR B 81 10.16 3.85 -22.09
CA TYR B 81 9.07 3.07 -21.48
C TYR B 81 9.33 1.56 -21.39
N THR B 82 10.33 1.08 -22.12
CA THR B 82 10.79 -0.29 -21.98
C THR B 82 11.65 -0.38 -20.74
N LEU B 83 12.45 0.65 -20.53
CA LEU B 83 13.38 0.70 -19.39
C LEU B 83 12.65 0.85 -18.07
N ILE B 84 11.58 1.64 -18.08
CA ILE B 84 10.77 1.83 -16.90
C ILE B 84 9.36 1.58 -17.36
N PRO B 85 8.88 0.36 -17.14
CA PRO B 85 7.55 -0.05 -17.59
C PRO B 85 6.43 0.67 -16.85
N HIS B 86 5.51 1.20 -17.64
CA HIS B 86 4.33 1.89 -17.12
C HIS B 86 3.06 1.12 -17.51
N ASP B 87 1.99 1.40 -16.79
CA ASP B 87 0.68 0.87 -17.14
C ASP B 87 -0.27 2.05 -17.06
N PHE B 88 -0.78 2.49 -18.19
CA PHE B 88 -1.64 3.65 -18.22
C PHE B 88 -3.15 3.34 -18.24
N GLY B 89 -3.50 2.07 -18.34
CA GLY B 89 -4.90 1.71 -18.50
C GLY B 89 -5.32 2.04 -19.90
N MET B 90 -6.36 2.84 -20.06
CA MET B 90 -6.86 3.18 -21.39
C MET B 90 -6.46 4.57 -21.83
N LYS B 91 -5.29 5.03 -21.39
CA LYS B 91 -4.88 6.40 -21.69
C LYS B 91 -3.73 6.51 -22.71
N LYS B 92 -2.98 5.41 -22.90
CA LYS B 92 -1.79 5.38 -23.79
C LYS B 92 -0.62 6.23 -23.25
N PRO B 93 0.62 5.74 -23.45
CA PRO B 93 1.76 6.40 -22.82
C PRO B 93 2.22 7.62 -23.61
N PRO B 94 2.23 8.80 -22.96
CA PRO B 94 2.57 10.09 -23.56
C PRO B 94 3.89 10.07 -24.33
N LEU B 95 3.88 10.67 -25.52
CA LEU B 95 5.11 10.77 -26.28
C LEU B 95 6.05 11.75 -25.58
N LEU B 96 7.31 11.35 -25.43
CA LEU B 96 8.30 12.24 -24.89
C LEU B 96 8.88 13.11 -26.02
N ASN B 97 8.09 14.01 -26.58
CA ASN B 97 8.55 14.83 -27.71
C ASN B 97 8.71 16.32 -27.39
N ASN B 98 8.71 16.67 -26.11
CA ASN B 98 8.67 18.07 -25.71
C ASN B 98 9.26 18.28 -24.31
N ALA B 99 9.76 19.49 -24.07
CA ALA B 99 10.44 19.81 -22.82
C ALA B 99 9.68 19.41 -21.57
N ASP B 100 8.35 19.56 -21.59
CA ASP B 100 7.60 19.32 -20.38
C ASP B 100 7.34 17.84 -20.12
N SER B 101 7.20 17.08 -21.20
CA SER B 101 7.06 15.65 -21.10
C SER B 101 8.31 14.98 -20.53
N VAL B 102 9.49 15.38 -20.98
CA VAL B 102 10.72 14.74 -20.48
C VAL B 102 11.14 15.23 -19.10
N GLN B 103 10.84 16.48 -18.78
CA GLN B 103 11.07 17.05 -17.45
C GLN B 103 10.26 16.29 -16.40
N ALA B 104 9.02 15.97 -16.74
CA ALA B 104 8.19 15.22 -15.82
C ALA B 104 8.79 13.82 -15.51
N LYS B 105 9.30 13.14 -16.54
CA LYS B 105 9.90 11.83 -16.38
C LYS B 105 11.24 11.88 -15.65
N ALA B 106 11.97 12.98 -15.84
CA ALA B 106 13.24 13.16 -15.14
C ALA B 106 13.02 13.34 -13.65
N GLU B 107 12.10 14.25 -13.31
CA GLU B 107 11.73 14.48 -11.93
C GLU B 107 11.23 13.16 -11.28
N MET B 108 10.49 12.36 -12.04
CA MET B 108 10.16 11.01 -11.54
C MET B 108 11.41 10.18 -11.25
N LEU B 109 12.33 10.15 -12.19
CA LEU B 109 13.57 9.41 -11.95
C LEU B 109 14.38 9.95 -10.76
N ASP B 110 14.38 11.26 -10.54
CA ASP B 110 15.11 11.81 -9.40
C ASP B 110 14.47 11.28 -8.13
N ASN B 111 13.17 11.09 -8.15
CA ASN B 111 12.42 10.59 -7.00
C ASN B 111 12.57 9.08 -6.81
N LEU B 112 12.62 8.32 -7.91
CA LEU B 112 12.84 6.89 -7.83
C LEU B 112 14.22 6.57 -7.28
N LEU B 113 15.21 7.43 -7.56
CA LEU B 113 16.56 7.23 -7.02
C LEU B 113 16.59 7.28 -5.50
N ASP B 114 15.94 8.30 -4.93
CA ASP B 114 15.84 8.39 -3.48
C ASP B 114 15.06 7.20 -2.89
N ILE B 115 14.05 6.73 -3.61
CA ILE B 115 13.29 5.59 -3.14
C ILE B 115 14.13 4.31 -3.18
N GLU B 116 14.85 4.09 -4.28
CA GLU B 116 15.82 2.99 -4.32
C GLU B 116 16.83 3.07 -3.13
N VAL B 117 17.33 4.26 -2.81
CA VAL B 117 18.27 4.39 -1.69
C VAL B 117 17.59 4.04 -0.38
N ALA B 118 16.33 4.45 -0.23
CA ALA B 118 15.62 4.18 1.00
C ALA B 118 15.41 2.67 1.15
N TYR B 119 14.94 2.04 0.11
CA TYR B 119 14.63 0.63 0.20
C TYR B 119 15.89 -0.23 0.35
N SER B 120 17.02 0.23 -0.16
CA SER B 120 18.30 -0.49 0.05
C SER B 120 18.71 -0.52 1.52
N LEU B 121 18.72 0.64 2.17
CA LEU B 121 19.02 0.77 3.59
C LEU B 121 18.06 -0.05 4.45
N LEU B 122 16.79 -0.05 4.07
CA LEU B 122 15.76 -0.82 4.75
C LEU B 122 16.11 -2.31 4.75
N ARG B 123 16.46 -2.83 3.57
CA ARG B 123 16.79 -4.23 3.39
C ARG B 123 18.09 -4.57 4.10
N ASP B 132 15.82 -3.26 18.62
CA ASP B 132 14.57 -2.57 18.28
C ASP B 132 14.71 -1.91 16.89
N PRO B 133 13.87 -2.35 15.93
CA PRO B 133 13.98 -1.89 14.53
C PRO B 133 13.96 -0.36 14.34
N ILE B 134 13.13 0.37 15.11
CA ILE B 134 13.15 1.84 15.14
C ILE B 134 14.54 2.40 15.42
N ASP B 135 15.26 1.77 16.35
CA ASP B 135 16.64 2.17 16.61
C ASP B 135 17.54 1.72 15.46
N VAL B 136 17.25 0.56 14.86
CA VAL B 136 18.10 0.02 13.78
C VAL B 136 18.04 0.88 12.49
N ASN B 137 16.84 1.29 12.10
CA ASN B 137 16.70 2.12 10.90
C ASN B 137 17.22 3.54 11.14
N TYR B 138 17.12 3.99 12.39
CA TYR B 138 17.63 5.28 12.79
C TYR B 138 19.09 5.44 12.40
N GLU B 139 19.94 4.51 12.81
CA GLU B 139 21.38 4.60 12.56
C GLU B 139 21.71 4.55 11.08
N LYS B 140 20.85 3.94 10.29
CA LYS B 140 21.10 3.84 8.87
C LYS B 140 21.05 5.21 8.22
N LEU B 141 20.34 6.14 8.87
CA LEU B 141 20.26 7.53 8.41
C LEU B 141 21.54 8.35 8.68
N LYS B 142 22.45 7.74 9.43
CA LYS B 142 23.69 8.37 9.90
C LYS B 142 23.54 9.83 10.31
N THR B 143 22.45 10.13 11.02
CA THR B 143 22.11 11.51 11.37
C THR B 143 21.72 11.60 12.82
N ASP B 144 22.37 12.47 13.57
CA ASP B 144 21.93 12.68 14.92
C ASP B 144 20.68 13.53 14.85
N ILE B 145 19.59 13.03 15.38
CA ILE B 145 18.33 13.74 15.31
C ILE B 145 17.88 14.06 16.72
N LYS B 146 17.40 15.27 16.97
CA LYS B 146 16.89 15.63 18.30
C LYS B 146 15.62 16.47 18.26
N VAL B 147 14.72 16.26 19.22
CA VAL B 147 13.51 17.08 19.27
C VAL B 147 13.89 18.40 19.89
N VAL B 148 13.38 19.48 19.31
CA VAL B 148 13.61 20.80 19.84
C VAL B 148 12.37 21.12 20.65
N ASP B 149 12.53 21.47 21.92
CA ASP B 149 11.35 21.62 22.77
C ASP B 149 10.51 22.81 22.35
N ARG B 150 9.19 22.60 22.32
CA ARG B 150 8.22 23.59 21.86
C ARG B 150 8.47 25.03 22.33
N ASP B 151 8.52 25.27 23.64
CA ASP B 151 8.54 26.65 24.14
C ASP B 151 9.93 27.23 24.40
N SER B 152 10.93 26.71 23.68
CA SER B 152 12.24 27.34 23.64
C SER B 152 12.12 28.58 22.77
N GLU B 153 13.09 29.48 22.82
CA GLU B 153 13.06 30.62 21.91
C GLU B 153 13.39 30.09 20.53
N GLU B 154 14.17 29.01 20.47
CA GLU B 154 14.51 28.37 19.21
C GLU B 154 13.25 28.09 18.39
N ALA B 155 12.41 27.19 18.89
CA ALA B 155 11.13 26.89 18.26
C ALA B 155 10.27 28.14 18.08
N GLU B 156 10.37 29.05 19.04
CA GLU B 156 9.65 30.31 18.95
C GLU B 156 10.03 31.08 17.68
N ILE B 157 11.32 31.07 17.36
CA ILE B 157 11.81 31.74 16.15
C ILE B 157 11.40 30.96 14.86
N ILE B 158 11.58 29.64 14.88
CA ILE B 158 11.21 28.79 13.75
C ILE B 158 9.72 28.90 13.41
N ARG B 159 8.88 28.74 14.44
CA ARG B 159 7.43 28.89 14.30
C ARG B 159 7.09 30.23 13.66
N LYS B 160 7.80 31.28 14.07
CA LYS B 160 7.60 32.61 13.53
C LYS B 160 7.97 32.71 12.03
N TYR B 161 9.13 32.16 11.69
CA TYR B 161 9.64 32.10 10.31
C TYR B 161 8.56 31.44 9.43
N VAL B 162 8.07 30.29 9.87
CA VAL B 162 6.98 29.59 9.19
C VAL B 162 5.74 30.46 9.05
N LYS B 163 5.40 31.19 10.11
CA LYS B 163 4.20 32.00 10.10
C LYS B 163 4.32 33.25 9.22
N ASN B 164 5.44 33.95 9.30
CA ASN B 164 5.55 35.20 8.52
C ASN B 164 5.83 35.02 7.04
N THR B 165 6.49 33.92 6.69
CA THR B 165 6.95 33.80 5.31
C THR B 165 5.99 33.07 4.36
N HIS B 166 4.76 32.85 4.79
CA HIS B 166 3.76 32.29 3.90
C HIS B 166 3.32 33.32 2.88
N ALA B 167 3.43 32.98 1.60
CA ALA B 167 3.05 33.88 0.51
C ALA B 167 1.54 33.94 0.30
N THR B 168 1.06 35.13 0.00
CA THR B 168 -0.35 35.42 -0.16
C THR B 168 -0.97 34.64 -1.32
N THR B 169 -0.22 34.50 -2.41
CA THR B 169 -0.70 33.77 -3.57
C THR B 169 -0.66 32.24 -3.44
N HIS B 170 -0.20 31.72 -2.30
CA HIS B 170 -0.22 30.27 -2.07
C HIS B 170 -1.28 29.89 -1.06
N ASN B 171 -2.54 30.14 -1.39
CA ASN B 171 -3.61 29.93 -0.42
C ASN B 171 -4.39 28.65 -0.60
N ALA B 172 -3.79 27.68 -1.29
CA ALA B 172 -4.38 26.35 -1.29
C ALA B 172 -4.38 25.76 0.11
N TYR B 173 -3.54 26.29 1.01
CA TYR B 173 -3.38 25.69 2.35
C TYR B 173 -2.82 26.60 3.46
N ASP B 174 -2.91 26.09 4.68
CA ASP B 174 -2.30 26.68 5.85
C ASP B 174 -1.27 25.74 6.40
N LEU B 175 -0.41 26.26 7.25
CA LEU B 175 0.70 25.49 7.75
C LEU B 175 0.67 25.54 9.27
N GLU B 176 1.01 24.42 9.90
CA GLU B 176 1.02 24.30 11.35
C GLU B 176 2.23 23.46 11.67
N VAL B 177 3.03 23.87 12.64
CA VAL B 177 4.26 23.16 12.93
C VAL B 177 4.04 22.13 14.01
N ILE B 178 4.08 20.86 13.62
CA ILE B 178 3.87 19.78 14.57
C ILE B 178 5.14 19.49 15.37
N ASP B 179 6.21 19.12 14.66
CA ASP B 179 7.48 18.79 15.32
C ASP B 179 8.59 19.59 14.70
N ILE B 180 9.56 19.92 15.53
CA ILE B 180 10.76 20.60 15.09
C ILE B 180 11.97 19.80 15.54
N PHE B 181 12.64 19.14 14.58
CA PHE B 181 13.85 18.39 14.89
C PHE B 181 15.11 19.15 14.55
N LYS B 182 16.15 18.99 15.36
CA LYS B 182 17.46 19.54 15.05
C LYS B 182 18.35 18.37 14.63
N ILE B 183 19.07 18.52 13.52
CA ILE B 183 19.73 17.38 12.91
C ILE B 183 21.20 17.63 12.62
N GLU B 184 21.98 16.57 12.63
CA GLU B 184 23.37 16.68 12.23
C GLU B 184 23.73 15.44 11.45
N ARG B 185 23.97 15.59 10.16
CA ARG B 185 24.41 14.48 9.35
C ARG B 185 25.86 14.18 9.65
N GLU B 186 26.24 12.92 9.73
CA GLU B 186 27.64 12.64 9.95
C GLU B 186 28.52 13.21 8.82
N GLY B 187 29.58 13.92 9.21
CA GLY B 187 30.56 14.39 8.26
C GLY B 187 30.23 15.73 7.62
N GLU B 188 29.03 16.22 7.87
CA GLU B 188 28.61 17.44 7.20
C GLU B 188 29.30 18.68 7.79
N CYS B 189 29.43 18.71 9.11
CA CYS B 189 30.20 19.73 9.81
C CYS B 189 31.58 19.92 9.17
N GLN B 190 32.34 18.84 9.05
CA GLN B 190 33.68 18.97 8.54
C GLN B 190 33.67 19.45 7.07
N ARG B 191 32.74 18.90 6.30
CA ARG B 191 32.59 19.21 4.89
C ARG B 191 32.23 20.69 4.69
N TYR B 192 31.41 21.22 5.59
CA TYR B 192 30.93 22.60 5.50
C TYR B 192 31.88 23.65 6.07
N LYS B 193 32.74 23.24 7.00
CA LYS B 193 33.65 24.17 7.72
C LYS B 193 34.35 25.22 6.83
N PRO B 194 35.06 24.81 5.76
CA PRO B 194 35.77 25.82 4.95
C PRO B 194 34.86 26.92 4.49
N PHE B 195 33.64 26.52 4.14
CA PHE B 195 32.66 27.47 3.61
C PHE B 195 32.04 28.35 4.68
N LYS B 196 32.33 28.13 5.96
CA LYS B 196 31.90 29.09 6.99
C LYS B 196 32.50 30.47 6.76
N GLN B 197 33.66 30.49 6.13
CA GLN B 197 34.44 31.71 5.92
C GLN B 197 33.80 32.60 4.88
N LEU B 198 32.85 32.04 4.14
CA LEU B 198 32.14 32.81 3.16
C LEU B 198 31.20 33.71 3.95
N HIS B 199 30.89 34.87 3.39
CA HIS B 199 29.96 35.79 4.04
C HIS B 199 28.54 35.28 3.86
N ASN B 200 27.58 35.97 4.48
CA ASN B 200 26.20 35.84 4.06
C ASN B 200 25.61 34.42 4.22
N ARG B 201 26.05 33.71 5.26
CA ARG B 201 25.44 32.45 5.64
C ARG B 201 23.99 32.71 6.00
N ARG B 202 23.07 31.91 5.45
CA ARG B 202 21.65 32.16 5.61
C ARG B 202 20.82 30.89 5.86
N LEU B 203 19.80 31.00 6.70
CA LEU B 203 19.00 29.86 7.07
C LEU B 203 17.78 29.79 6.15
N LEU B 204 17.74 28.78 5.29
CA LEU B 204 16.73 28.75 4.23
C LEU B 204 15.98 27.43 4.19
N TRP B 205 14.80 27.48 3.57
CA TRP B 205 13.91 26.36 3.37
C TRP B 205 14.28 25.52 2.18
N HIS B 206 14.14 24.21 2.35
CA HIS B 206 14.13 23.30 1.21
C HIS B 206 13.04 22.24 1.37
N GLY B 207 12.00 22.34 0.55
CA GLY B 207 10.98 21.31 0.54
C GLY B 207 11.33 20.15 -0.39
N SER B 208 10.94 18.94 0.02
CA SER B 208 11.03 17.75 -0.83
C SER B 208 9.98 16.70 -0.39
N ARG B 209 9.58 15.79 -1.28
CA ARG B 209 8.60 14.79 -0.85
C ARG B 209 9.17 13.78 0.13
N THR B 210 8.29 13.24 0.96
CA THR B 210 8.66 12.44 2.11
C THR B 210 9.48 11.23 1.73
N THR B 211 9.13 10.64 0.59
CA THR B 211 9.85 9.51 0.08
C THR B 211 11.30 9.83 -0.30
N ASN B 212 11.68 11.11 -0.32
CA ASN B 212 13.08 11.47 -0.57
C ASN B 212 13.96 11.55 0.70
N PHE B 213 13.34 11.61 1.86
CA PHE B 213 14.09 11.98 3.06
C PHE B 213 15.14 11.04 3.64
N ALA B 214 15.02 9.75 3.39
CA ALA B 214 16.06 8.85 3.90
C ALA B 214 17.33 9.12 3.12
N GLY B 215 17.17 9.38 1.83
CA GLY B 215 18.31 9.67 0.98
C GLY B 215 18.87 11.07 1.25
N ILE B 216 18.00 12.01 1.58
CA ILE B 216 18.49 13.33 1.90
C ILE B 216 19.32 13.27 3.20
N LEU B 217 18.79 12.60 4.21
CA LEU B 217 19.46 12.53 5.52
C LEU B 217 20.74 11.70 5.46
N SER B 218 20.72 10.60 4.73
CA SER B 218 21.89 9.75 4.71
C SER B 218 22.95 10.28 3.76
N GLN B 219 22.53 11.04 2.75
CA GLN B 219 23.44 11.47 1.70
C GLN B 219 23.58 12.98 1.56
N GLY B 220 22.61 13.74 2.07
CA GLY B 220 22.67 15.19 1.95
C GLY B 220 21.96 15.64 0.68
N LEU B 221 21.67 16.92 0.58
CA LEU B 221 21.15 17.47 -0.66
C LEU B 221 22.21 17.32 -1.73
N ARG B 222 21.81 16.83 -2.90
CA ARG B 222 22.77 16.59 -3.95
C ARG B 222 22.38 17.23 -5.27
N ILE B 223 23.36 17.30 -6.17
CA ILE B 223 23.14 17.92 -7.47
C ILE B 223 22.91 16.86 -8.56
N ALA B 224 22.04 17.18 -9.50
CA ALA B 224 21.80 16.36 -10.69
C ALA B 224 23.04 15.66 -11.23
N PRO B 225 22.92 14.37 -11.53
CA PRO B 225 24.05 13.63 -12.09
C PRO B 225 24.21 14.04 -13.55
N PRO B 226 25.41 13.84 -14.12
CA PRO B 226 25.63 14.22 -15.52
C PRO B 226 24.70 13.48 -16.53
N GLU B 227 24.24 12.27 -16.20
CA GLU B 227 23.36 11.53 -17.11
C GLU B 227 22.01 12.21 -17.17
N ALA B 228 21.65 12.93 -16.12
CA ALA B 228 20.35 13.62 -16.08
C ALA B 228 20.31 14.65 -17.18
N PRO B 229 19.15 14.80 -17.84
CA PRO B 229 18.95 15.78 -18.91
C PRO B 229 18.81 17.17 -18.28
N VAL B 230 18.90 18.23 -19.07
CA VAL B 230 18.89 19.57 -18.49
C VAL B 230 17.57 19.84 -17.76
N THR B 231 17.66 20.70 -16.76
CA THR B 231 16.62 20.91 -15.77
C THR B 231 15.28 21.32 -16.32
N GLY B 232 15.18 22.59 -16.69
CA GLY B 232 13.89 23.22 -16.88
C GLY B 232 13.65 24.15 -15.70
N TYR B 233 14.53 24.09 -14.69
CA TYR B 233 14.55 25.07 -13.60
C TYR B 233 15.52 26.17 -13.95
N MET B 234 15.27 27.34 -13.37
CA MET B 234 15.66 28.62 -13.93
C MET B 234 17.15 28.93 -13.97
N PHE B 235 17.95 28.23 -13.19
CA PHE B 235 19.35 28.57 -13.04
C PHE B 235 20.20 27.32 -13.01
N GLY B 236 19.78 26.31 -13.75
CA GLY B 236 20.64 25.17 -13.98
C GLY B 236 20.58 24.19 -12.85
N LYS B 237 21.40 23.15 -12.97
CA LYS B 237 21.53 22.14 -11.95
C LYS B 237 22.27 22.70 -10.73
N GLY B 238 21.64 22.60 -9.56
CA GLY B 238 22.26 23.02 -8.31
C GLY B 238 21.29 22.68 -7.18
N ILE B 239 21.57 23.18 -5.98
CA ILE B 239 20.63 22.96 -4.88
C ILE B 239 19.92 24.25 -4.63
N TYR B 240 18.60 24.18 -4.56
CA TYR B 240 17.77 25.39 -4.54
C TYR B 240 17.19 25.60 -3.16
N PHE B 241 16.98 26.86 -2.79
CA PHE B 241 16.38 27.16 -1.50
C PHE B 241 15.42 28.35 -1.65
N ALA B 242 14.47 28.50 -0.73
CA ALA B 242 13.62 29.70 -0.69
C ALA B 242 13.72 30.36 0.69
N ASP B 243 13.39 31.65 0.75
CA ASP B 243 13.18 32.31 2.03
C ASP B 243 11.69 32.42 2.39
N MET B 244 10.81 32.02 1.48
CA MET B 244 9.39 31.98 1.77
C MET B 244 9.00 30.52 1.93
N VAL B 245 8.54 30.15 3.13
CA VAL B 245 8.29 28.76 3.49
C VAL B 245 7.28 28.05 2.55
N SER B 246 6.33 28.79 2.00
CA SER B 246 5.33 28.20 1.10
C SER B 246 5.89 27.85 -0.30
N LYS B 247 6.78 28.68 -0.84
CA LYS B 247 7.50 28.33 -2.07
C LYS B 247 8.19 26.97 -1.95
N SER B 248 8.75 26.68 -0.78
CA SER B 248 9.38 25.41 -0.56
C SER B 248 8.41 24.28 -0.18
N ALA B 249 7.39 24.62 0.61
CA ALA B 249 6.43 23.62 1.06
C ALA B 249 5.65 23.03 -0.12
N ASN B 250 5.41 23.85 -1.14
CA ASN B 250 4.80 23.40 -2.39
C ASN B 250 5.53 22.20 -2.99
N TYR B 251 6.84 22.08 -2.74
CA TYR B 251 7.61 20.96 -3.27
C TYR B 251 7.53 19.73 -2.39
N CYS B 252 6.75 19.81 -1.31
CA CYS B 252 6.51 18.61 -0.53
C CYS B 252 5.52 17.67 -1.25
N HIS B 253 4.84 18.21 -2.28
CA HIS B 253 3.70 17.55 -2.94
C HIS B 253 2.80 16.79 -1.95
N THR B 254 2.31 17.48 -0.94
CA THR B 254 1.36 16.90 -0.01
C THR B 254 -0.05 17.13 -0.55
N SER B 255 -1.01 16.32 -0.10
CA SER B 255 -2.40 16.45 -0.55
C SER B 255 -3.33 16.04 0.56
N GLN B 256 -4.62 16.27 0.34
CA GLN B 256 -5.60 16.09 1.39
C GLN B 256 -5.60 14.67 1.97
N GLY B 257 -5.22 13.69 1.16
CA GLY B 257 -5.14 12.33 1.64
C GLY B 257 -3.79 11.92 2.17
N ASP B 258 -2.85 12.86 2.14
CA ASP B 258 -1.54 12.68 2.73
C ASP B 258 -1.06 14.07 3.14
N PRO B 259 -1.65 14.58 4.24
CA PRO B 259 -1.56 16.01 4.55
C PRO B 259 -0.37 16.42 5.43
N ILE B 260 0.50 15.49 5.81
CA ILE B 260 1.68 15.89 6.57
C ILE B 260 2.98 15.78 5.78
N GLY B 261 3.81 16.83 5.88
CA GLY B 261 5.03 16.91 5.13
C GLY B 261 6.29 17.28 5.91
N LEU B 262 7.43 17.01 5.26
CA LEU B 262 8.76 17.29 5.77
C LEU B 262 9.48 18.43 5.04
N ILE B 263 10.00 19.40 5.80
CA ILE B 263 10.72 20.49 5.22
C ILE B 263 12.03 20.74 5.96
N LEU B 264 13.07 21.11 5.22
CA LEU B 264 14.37 21.36 5.82
C LEU B 264 14.63 22.83 6.08
N LEU B 265 15.32 23.11 7.18
CA LEU B 265 16.02 24.39 7.30
C LEU B 265 17.52 24.13 7.20
N GLY B 266 18.14 24.72 6.18
CA GLY B 266 19.56 24.56 5.97
C GLY B 266 20.28 25.89 6.09
N GLU B 267 21.47 25.85 6.70
CA GLU B 267 22.38 26.99 6.65
C GLU B 267 23.14 26.85 5.35
N VAL B 268 23.04 27.84 4.48
CA VAL B 268 23.84 27.83 3.28
C VAL B 268 24.77 29.06 3.15
N ALA B 269 26.02 28.78 2.81
CA ALA B 269 27.01 29.82 2.64
C ALA B 269 26.86 30.38 1.25
N LEU B 270 26.16 31.50 1.16
CA LEU B 270 25.87 32.11 -0.12
C LEU B 270 27.04 32.93 -0.63
N GLY B 271 27.86 33.40 0.31
CA GLY B 271 28.95 34.30 -0.02
C GLY B 271 28.42 35.51 -0.75
N ASN B 272 29.11 35.85 -1.80
CA ASN B 272 28.73 36.93 -2.67
C ASN B 272 27.79 36.41 -3.74
N MET B 273 26.58 36.97 -3.73
CA MET B 273 25.48 36.49 -4.55
C MET B 273 25.41 37.13 -5.94
N TYR B 274 25.33 36.27 -6.96
CA TYR B 274 25.05 36.66 -8.33
C TYR B 274 23.54 36.88 -8.48
N GLU B 275 23.12 38.13 -8.54
CA GLU B 275 21.70 38.44 -8.45
C GLU B 275 21.10 38.59 -9.82
N LEU B 276 20.12 37.76 -10.15
CA LEU B 276 19.58 37.70 -11.49
C LEU B 276 18.07 37.78 -11.41
N LYS B 277 17.44 38.31 -12.45
CA LYS B 277 15.99 38.40 -12.46
C LYS B 277 15.35 37.38 -13.41
N HIS B 278 16.14 36.74 -14.26
CA HIS B 278 15.58 35.84 -15.27
C HIS B 278 16.41 34.59 -15.47
N ALA B 279 15.77 33.62 -16.12
CA ALA B 279 16.37 32.36 -16.51
C ALA B 279 17.70 32.59 -17.15
N SER B 280 18.71 31.89 -16.65
CA SER B 280 19.99 31.97 -17.28
C SER B 280 20.73 30.70 -17.00
N HIS B 281 21.63 30.32 -17.90
CA HIS B 281 22.58 29.30 -17.49
C HIS B 281 23.99 29.83 -17.26
N ILE B 282 24.62 29.26 -16.25
CA ILE B 282 25.88 29.76 -15.73
C ILE B 282 26.94 28.69 -15.83
N SER B 283 27.92 28.94 -16.71
CA SER B 283 29.06 28.06 -16.84
C SER B 283 29.67 27.82 -15.47
N LYS B 284 30.32 28.84 -14.93
CA LYS B 284 31.04 28.65 -13.68
C LYS B 284 30.32 29.22 -12.46
N LEU B 285 29.79 30.43 -12.67
CA LEU B 285 29.48 31.45 -11.65
C LEU B 285 30.64 32.37 -11.93
N PRO B 286 30.40 33.67 -12.07
CA PRO B 286 31.50 34.61 -12.29
C PRO B 286 32.54 34.50 -11.18
N LYS B 287 33.71 35.13 -11.37
CA LYS B 287 34.75 35.10 -10.35
C LYS B 287 34.33 35.97 -9.18
N GLY B 288 34.35 35.41 -7.98
CA GLY B 288 33.98 36.14 -6.78
C GLY B 288 32.50 36.05 -6.48
N LYS B 289 31.77 35.25 -7.23
CA LYS B 289 30.40 34.93 -6.86
C LYS B 289 30.40 33.51 -6.33
N HIS B 290 29.64 33.24 -5.28
CA HIS B 290 29.57 31.87 -4.76
C HIS B 290 28.17 31.23 -4.82
N SER B 291 27.22 31.96 -5.38
CA SER B 291 25.83 31.50 -5.44
C SER B 291 24.99 32.36 -6.37
N VAL B 292 23.77 31.95 -6.64
CA VAL B 292 22.84 32.77 -7.38
C VAL B 292 21.65 33.14 -6.52
N LYS B 293 21.19 34.38 -6.65
CA LYS B 293 19.94 34.75 -6.02
C LYS B 293 18.98 35.22 -7.07
N GLY B 294 17.86 34.49 -7.20
CA GLY B 294 16.81 34.88 -8.12
C GLY B 294 15.92 35.87 -7.43
N LEU B 295 15.76 37.04 -8.02
CA LEU B 295 15.08 38.14 -7.35
C LEU B 295 13.59 38.10 -7.62
N GLY B 296 12.80 38.06 -6.55
CA GLY B 296 11.36 38.05 -6.71
C GLY B 296 10.72 39.41 -6.47
N LYS B 297 9.45 39.51 -6.83
CA LYS B 297 8.69 40.73 -6.64
C LYS B 297 8.46 41.00 -5.16
N THR B 298 8.39 39.92 -4.39
CA THR B 298 8.13 40.00 -2.96
C THR B 298 9.30 39.39 -2.19
N THR B 299 9.62 39.99 -1.04
CA THR B 299 10.74 39.55 -0.24
C THR B 299 10.46 39.79 1.25
N PRO B 300 11.03 38.95 2.13
CA PRO B 300 10.84 39.21 3.55
C PRO B 300 11.43 40.55 3.96
N ASP B 301 10.63 41.34 4.67
CA ASP B 301 11.08 42.58 5.28
C ASP B 301 12.48 42.47 5.88
N PRO B 302 13.43 43.15 5.26
CA PRO B 302 14.83 43.25 5.69
C PRO B 302 14.97 43.74 7.14
N SER B 303 14.04 44.59 7.61
CA SER B 303 14.11 45.09 8.98
C SER B 303 13.79 44.03 10.03
N ALA B 304 13.28 42.88 9.60
CA ALA B 304 12.97 41.82 10.55
C ALA B 304 14.01 40.71 10.52
N ASN B 305 15.05 40.87 9.69
CA ASN B 305 16.10 39.86 9.66
C ASN B 305 16.72 39.83 11.05
N ILE B 306 17.09 38.65 11.53
CA ILE B 306 17.88 38.56 12.77
C ILE B 306 19.07 37.65 12.57
N SER B 307 20.04 37.77 13.44
CA SER B 307 21.24 37.01 13.29
C SER B 307 21.25 36.01 14.41
N LEU B 308 21.37 34.73 14.08
CA LEU B 308 21.47 33.65 15.05
C LEU B 308 22.73 32.88 14.78
N ASP B 309 23.69 32.97 15.68
CA ASP B 309 24.93 32.20 15.60
C ASP B 309 25.60 32.51 14.28
N GLY B 310 25.59 33.78 13.90
CA GLY B 310 26.25 34.21 12.70
C GLY B 310 25.46 34.01 11.42
N VAL B 311 24.21 33.62 11.52
CA VAL B 311 23.41 33.25 10.37
C VAL B 311 22.17 34.14 10.25
N ASP B 312 21.93 34.72 9.09
CA ASP B 312 20.71 35.49 8.91
C ASP B 312 19.47 34.58 8.87
N VAL B 313 18.40 35.00 9.53
CA VAL B 313 17.10 34.35 9.42
C VAL B 313 16.11 35.40 8.94
N PRO B 314 15.71 35.32 7.67
CA PRO B 314 14.85 36.33 7.08
C PRO B 314 13.38 36.01 7.33
N LEU B 315 12.99 36.11 8.59
CA LEU B 315 11.64 35.72 9.01
C LEU B 315 10.62 36.86 8.92
N GLY B 316 10.89 37.85 8.08
CA GLY B 316 10.00 38.99 8.05
C GLY B 316 8.85 38.70 7.12
N THR B 317 7.76 39.44 7.27
CA THR B 317 6.62 39.30 6.40
C THR B 317 7.07 39.72 5.02
N GLY B 318 6.51 39.09 3.99
CA GLY B 318 6.84 39.43 2.63
C GLY B 318 6.32 40.80 2.26
N ILE B 319 7.16 41.59 1.60
CA ILE B 319 6.78 42.92 1.15
C ILE B 319 7.40 43.15 -0.23
N SER B 320 7.13 44.30 -0.84
CA SER B 320 7.65 44.63 -2.16
C SER B 320 9.18 44.72 -2.12
N SER B 321 9.83 44.30 -3.19
CA SER B 321 11.30 44.23 -3.24
C SER B 321 12.08 45.50 -3.66
N GLY B 322 11.58 46.30 -4.58
CA GLY B 322 10.51 45.99 -5.50
C GLY B 322 11.19 46.04 -6.85
N VAL B 323 11.74 44.91 -7.25
CA VAL B 323 12.16 44.69 -8.60
C VAL B 323 10.94 44.06 -9.25
N ASN B 324 10.33 44.75 -10.21
CA ASN B 324 9.11 44.22 -10.83
C ASN B 324 9.32 43.80 -12.28
N ASP B 325 10.59 43.66 -12.63
CA ASP B 325 11.04 43.30 -13.97
C ASP B 325 11.61 41.88 -13.91
N THR B 326 10.85 40.95 -13.35
CA THR B 326 11.39 39.64 -13.05
C THR B 326 10.34 38.56 -13.24
N SER B 327 10.79 37.33 -13.53
CA SER B 327 9.91 36.18 -13.76
C SER B 327 9.70 35.47 -12.44
N LEU B 328 10.13 36.10 -11.36
CA LEU B 328 10.04 35.47 -10.06
C LEU B 328 9.05 36.23 -9.19
N LEU B 329 8.11 35.52 -8.60
CA LEU B 329 7.25 36.09 -7.59
C LEU B 329 8.04 36.22 -6.30
N TYR B 330 8.85 35.21 -5.98
CA TYR B 330 9.56 35.16 -4.69
C TYR B 330 11.03 34.81 -4.89
N ASN B 331 11.87 35.20 -3.93
CA ASN B 331 13.30 34.98 -4.06
C ASN B 331 13.60 33.51 -4.20
N GLU B 332 14.82 33.22 -4.64
CA GLU B 332 15.29 31.86 -4.87
C GLU B 332 16.79 31.90 -4.66
N TYR B 333 17.37 30.86 -4.07
CA TYR B 333 18.80 30.83 -3.83
C TYR B 333 19.41 29.53 -4.32
N ILE B 334 20.49 29.63 -5.07
CA ILE B 334 21.12 28.42 -5.61
C ILE B 334 22.61 28.29 -5.36
N VAL B 335 23.03 27.14 -4.85
CA VAL B 335 24.47 26.85 -4.83
C VAL B 335 24.81 25.64 -5.71
N TYR B 336 26.05 25.62 -6.19
CA TYR B 336 26.53 24.66 -7.17
C TYR B 336 27.63 23.82 -6.61
N ASP B 337 27.81 23.87 -5.30
CA ASP B 337 28.72 22.99 -4.61
C ASP B 337 27.96 22.46 -3.39
N ILE B 338 27.73 21.14 -3.33
CA ILE B 338 27.03 20.51 -2.22
C ILE B 338 27.66 20.86 -0.86
N ALA B 339 28.97 21.13 -0.86
CA ALA B 339 29.68 21.43 0.39
C ALA B 339 29.22 22.72 1.06
N GLN B 340 28.57 23.61 0.30
CA GLN B 340 28.10 24.89 0.82
C GLN B 340 26.81 24.79 1.65
N VAL B 341 26.42 23.57 2.02
CA VAL B 341 25.16 23.37 2.73
C VAL B 341 25.34 22.61 4.03
N ASN B 342 24.84 23.18 5.12
CA ASN B 342 24.83 22.52 6.44
C ASN B 342 23.38 22.51 6.87
N LEU B 343 22.81 21.32 6.95
CA LEU B 343 21.39 21.19 7.34
C LEU B 343 21.25 21.34 8.86
N LYS B 344 20.33 22.18 9.30
CA LYS B 344 20.17 22.46 10.71
C LYS B 344 18.91 21.84 11.33
N TYR B 345 17.75 22.11 10.72
CA TYR B 345 16.45 21.59 11.21
C TYR B 345 15.62 20.83 10.19
N LEU B 346 14.98 19.76 10.64
CA LEU B 346 13.94 19.11 9.87
C LEU B 346 12.59 19.38 10.56
N LEU B 347 11.64 19.92 9.82
CA LEU B 347 10.32 20.19 10.37
C LEU B 347 9.25 19.23 9.81
N LYS B 348 8.43 18.69 10.71
CA LYS B 348 7.21 17.99 10.33
C LYS B 348 6.12 19.03 10.27
N LEU B 349 5.44 19.11 9.13
CA LEU B 349 4.42 20.13 8.95
C LEU B 349 3.06 19.49 8.67
N LYS B 350 2.01 20.10 9.21
CA LYS B 350 0.66 19.73 8.84
C LYS B 350 0.14 20.77 7.89
N PHE B 351 -0.35 20.32 6.75
CA PHE B 351 -0.98 21.17 5.77
C PHE B 351 -2.48 21.02 5.98
N ASN B 352 -3.16 22.14 6.17
CA ASN B 352 -4.62 22.15 6.20
C ASN B 352 -5.14 22.76 4.92
N PHE B 353 -5.64 21.94 4.02
CA PHE B 353 -6.09 22.41 2.71
C PHE B 353 -7.47 23.07 2.71
N LYS B 354 -7.62 24.11 1.89
CA LYS B 354 -8.91 24.73 1.62
C LYS B 354 -9.98 23.68 1.33
N LYS C 6 24.00 -16.37 8.63
CA LYS C 6 23.62 -16.30 7.24
C LYS C 6 24.59 -17.05 6.33
N SER C 7 24.31 -17.06 5.03
CA SER C 7 25.20 -17.62 4.04
C SER C 7 26.57 -16.92 4.09
N LYS C 8 27.63 -17.72 4.08
CA LYS C 8 28.99 -17.19 3.97
C LYS C 8 29.47 -17.03 2.51
N LEU C 9 28.63 -17.36 1.53
CA LEU C 9 29.00 -17.24 0.12
C LEU C 9 29.12 -15.78 -0.20
N PRO C 10 30.08 -15.41 -1.05
CA PRO C 10 30.29 -13.99 -1.41
C PRO C 10 29.04 -13.41 -2.06
N LYS C 11 28.84 -12.10 -1.92
CA LYS C 11 27.70 -11.41 -2.50
C LYS C 11 27.45 -11.70 -3.98
N PRO C 12 28.51 -11.63 -4.84
CA PRO C 12 28.24 -11.89 -6.27
C PRO C 12 27.74 -13.31 -6.53
N VAL C 13 28.08 -14.25 -5.66
CA VAL C 13 27.62 -15.62 -5.83
C VAL C 13 26.18 -15.76 -5.36
N GLN C 14 25.83 -15.04 -4.31
CA GLN C 14 24.47 -15.06 -3.84
C GLN C 14 23.51 -14.46 -4.88
N ASP C 15 23.92 -13.39 -5.53
CA ASP C 15 23.06 -12.77 -6.52
C ASP C 15 22.82 -13.72 -7.68
N LEU C 16 23.88 -14.42 -8.07
CA LEU C 16 23.78 -15.44 -9.13
C LEU C 16 22.71 -16.49 -8.76
N ILE C 17 22.76 -17.01 -7.54
CA ILE C 17 21.80 -18.05 -7.11
C ILE C 17 20.37 -17.52 -7.06
N LYS C 18 20.23 -16.27 -6.63
CA LYS C 18 18.92 -15.60 -6.67
C LYS C 18 18.48 -15.40 -8.13
N MET C 19 19.43 -15.01 -8.97
CA MET C 19 19.18 -14.77 -10.39
C MET C 19 18.77 -16.02 -11.19
N ILE C 20 19.28 -17.18 -10.79
CA ILE C 20 19.02 -18.45 -11.49
C ILE C 20 17.73 -19.10 -10.98
N PHE C 21 17.34 -18.77 -9.75
CA PHE C 21 16.13 -19.35 -9.17
C PHE C 21 14.99 -18.35 -9.03
N ASP C 22 15.07 -17.29 -9.82
CA ASP C 22 14.06 -16.24 -9.84
C ASP C 22 12.76 -16.72 -10.50
N VAL C 23 11.78 -17.00 -9.67
CA VAL C 23 10.46 -17.40 -10.14
C VAL C 23 9.84 -16.43 -11.14
N GLU C 24 10.14 -15.13 -11.03
CA GLU C 24 9.55 -14.14 -11.93
C GLU C 24 10.09 -14.20 -13.36
N SER C 25 11.36 -14.57 -13.49
CA SER C 25 11.97 -14.67 -14.82
C SER C 25 11.38 -15.85 -15.56
N MET C 26 11.00 -16.86 -14.79
CA MET C 26 10.34 -18.03 -15.33
C MET C 26 8.96 -17.69 -15.92
N LYS C 27 8.15 -16.99 -15.13
CA LYS C 27 6.83 -16.55 -15.57
C LYS C 27 6.98 -15.64 -16.78
N LYS C 28 7.97 -14.76 -16.74
CA LYS C 28 8.15 -13.75 -17.78
C LYS C 28 8.61 -14.33 -19.13
N ALA C 29 9.41 -15.38 -19.10
CA ALA C 29 9.83 -16.03 -20.35
C ALA C 29 8.65 -16.76 -20.95
N MET C 30 7.90 -17.44 -20.08
CA MET C 30 6.70 -18.16 -20.44
C MET C 30 5.66 -17.25 -21.07
N VAL C 31 5.36 -16.16 -20.36
CA VAL C 31 4.52 -15.10 -20.90
C VAL C 31 4.99 -14.66 -22.29
N GLU C 32 6.30 -14.52 -22.47
CA GLU C 32 6.87 -14.21 -23.79
C GLU C 32 6.58 -15.27 -24.85
N TYR C 33 6.37 -16.51 -24.41
CA TYR C 33 6.02 -17.59 -25.32
C TYR C 33 4.53 -17.66 -25.58
N GLU C 34 3.84 -16.59 -25.15
CA GLU C 34 2.38 -16.51 -25.18
C GLU C 34 1.66 -17.67 -24.51
N ILE C 35 2.39 -18.40 -23.67
CA ILE C 35 1.78 -19.42 -22.85
C ILE C 35 0.81 -18.74 -21.88
N ASP C 36 -0.32 -19.38 -21.63
CA ASP C 36 -1.33 -18.80 -20.76
C ASP C 36 -1.16 -19.31 -19.34
N LEU C 37 -0.58 -18.47 -18.49
CA LEU C 37 -0.34 -18.84 -17.09
C LEU C 37 -1.64 -18.96 -16.28
N GLN C 38 -2.67 -18.20 -16.67
CA GLN C 38 -3.99 -18.25 -16.03
C GLN C 38 -4.53 -19.67 -15.98
N LYS C 39 -4.32 -20.41 -17.06
CA LYS C 39 -4.77 -21.80 -17.15
C LYS C 39 -3.69 -22.74 -16.65
N MET C 40 -2.43 -22.35 -16.84
CA MET C 40 -1.29 -23.13 -16.37
C MET C 40 -0.23 -22.25 -15.75
N PRO C 41 -0.28 -22.06 -14.43
CA PRO C 41 0.82 -21.35 -13.76
C PRO C 41 2.00 -22.30 -13.55
N LEU C 42 3.14 -21.75 -13.13
CA LEU C 42 4.37 -22.53 -12.97
C LEU C 42 4.18 -23.88 -12.29
N GLY C 43 3.28 -23.92 -11.30
CA GLY C 43 3.05 -25.14 -10.55
C GLY C 43 2.44 -26.26 -11.40
N LYS C 44 1.60 -25.88 -12.34
CA LYS C 44 0.94 -26.85 -13.20
C LYS C 44 1.93 -27.49 -14.18
N LEU C 45 3.09 -26.87 -14.30
CA LEU C 45 4.13 -27.37 -15.21
C LEU C 45 4.59 -28.74 -14.78
N SER C 46 4.36 -29.74 -15.64
CA SER C 46 4.77 -31.10 -15.33
C SER C 46 5.78 -31.62 -16.33
N LYS C 47 6.65 -32.51 -15.85
CA LYS C 47 7.70 -33.11 -16.66
C LYS C 47 7.06 -33.99 -17.73
N ARG C 48 5.88 -34.50 -17.41
CA ARG C 48 5.17 -35.43 -18.29
C ARG C 48 4.32 -34.61 -19.25
N GLN C 49 3.74 -33.53 -18.71
CA GLN C 49 2.93 -32.60 -19.46
C GLN C 49 3.73 -32.12 -20.65
N ILE C 50 5.05 -32.01 -20.49
CA ILE C 50 5.95 -31.51 -21.53
C ILE C 50 6.53 -32.62 -22.40
N GLN C 51 6.91 -33.74 -21.77
CA GLN C 51 7.46 -34.87 -22.49
C GLN C 51 6.42 -35.41 -23.47
N ALA C 52 5.18 -35.48 -23.00
CA ALA C 52 4.07 -35.91 -23.85
C ALA C 52 3.81 -34.86 -24.93
N ALA C 53 4.02 -33.60 -24.59
CA ALA C 53 3.86 -32.51 -25.54
C ALA C 53 4.89 -32.58 -26.66
N TYR C 54 6.04 -33.18 -26.37
CA TYR C 54 7.14 -33.32 -27.32
C TYR C 54 6.77 -34.37 -28.36
N SER C 55 6.10 -35.42 -27.90
CA SER C 55 5.67 -36.52 -28.75
C SER C 55 4.75 -36.04 -29.88
N ILE C 56 3.72 -35.29 -29.49
CA ILE C 56 2.79 -34.68 -30.44
C ILE C 56 3.53 -33.94 -31.55
N LEU C 57 4.48 -33.11 -31.15
CA LEU C 57 5.30 -32.31 -32.07
C LEU C 57 6.03 -33.18 -33.09
N SER C 58 6.42 -34.37 -32.67
CA SER C 58 7.21 -35.22 -33.53
C SER C 58 6.32 -35.97 -34.51
N GLU C 59 5.04 -36.05 -34.20
CA GLU C 59 4.05 -36.61 -35.12
C GLU C 59 3.76 -35.61 -36.22
N VAL C 60 3.54 -34.36 -35.83
CA VAL C 60 3.35 -33.26 -36.77
C VAL C 60 4.53 -33.16 -37.71
N GLN C 61 5.71 -33.38 -37.13
CA GLN C 61 6.98 -33.36 -37.83
C GLN C 61 6.94 -34.22 -39.10
N GLN C 62 6.46 -35.44 -38.95
CA GLN C 62 6.49 -36.41 -40.03
C GLN C 62 5.15 -36.58 -40.73
N ALA C 63 4.06 -36.32 -40.00
CA ALA C 63 2.79 -36.15 -40.66
C ALA C 63 2.86 -34.87 -41.49
N VAL C 64 3.70 -34.88 -42.51
CA VAL C 64 3.91 -33.70 -43.33
C VAL C 64 4.31 -34.14 -44.74
N ASP C 70 -4.18 -34.48 -43.23
CA ASP C 70 -4.33 -33.01 -43.34
C ASP C 70 -5.65 -32.53 -42.75
N SER C 71 -6.43 -33.48 -42.25
CA SER C 71 -7.24 -33.27 -41.06
C SER C 71 -6.20 -33.74 -40.07
N GLN C 72 -6.60 -34.28 -38.92
CA GLN C 72 -5.63 -34.92 -38.03
C GLN C 72 -4.49 -34.00 -37.55
N ILE C 73 -4.02 -33.12 -38.43
CA ILE C 73 -3.08 -32.07 -38.09
C ILE C 73 -3.77 -31.08 -37.19
N LEU C 74 -5.03 -30.76 -37.52
CA LEU C 74 -5.84 -29.94 -36.62
C LEU C 74 -5.96 -30.67 -35.29
N ASP C 75 -6.18 -31.98 -35.35
CA ASP C 75 -6.26 -32.78 -34.14
C ASP C 75 -4.97 -32.69 -33.31
N LEU C 76 -3.82 -32.82 -33.98
CA LEU C 76 -2.52 -32.79 -33.31
C LEU C 76 -2.31 -31.44 -32.66
N SER C 77 -2.50 -30.38 -33.43
CA SER C 77 -2.41 -29.02 -32.92
C SER C 77 -3.37 -28.77 -31.75
N ASN C 78 -4.66 -29.08 -31.93
CA ASN C 78 -5.61 -28.95 -30.81
C ASN C 78 -5.18 -29.76 -29.58
N ARG C 79 -4.54 -30.89 -29.80
CA ARG C 79 -4.01 -31.68 -28.70
C ARG C 79 -2.84 -30.94 -28.09
N PHE C 80 -1.98 -30.38 -28.94
CA PHE C 80 -0.83 -29.65 -28.45
C PHE C 80 -1.29 -28.46 -27.65
N TYR C 81 -2.01 -27.54 -28.30
CA TYR C 81 -2.44 -26.31 -27.67
C TYR C 81 -3.33 -26.51 -26.44
N THR C 82 -3.70 -27.75 -26.16
CA THR C 82 -4.48 -28.10 -24.98
C THR C 82 -3.53 -28.46 -23.84
N LEU C 83 -2.46 -29.18 -24.18
CA LEU C 83 -1.40 -29.49 -23.23
C LEU C 83 -0.65 -28.24 -22.81
N ILE C 84 -0.45 -27.35 -23.77
CA ILE C 84 0.29 -26.12 -23.55
C ILE C 84 -0.59 -24.94 -23.97
N PRO C 85 -1.59 -24.61 -23.14
CA PRO C 85 -2.53 -23.52 -23.43
C PRO C 85 -1.83 -22.22 -23.69
N HIS C 86 -1.96 -21.70 -24.90
CA HIS C 86 -1.41 -20.39 -25.18
C HIS C 86 -2.47 -19.32 -24.94
N ASP C 87 -2.21 -18.11 -25.41
CA ASP C 87 -3.14 -17.00 -25.26
C ASP C 87 -2.74 -15.87 -26.19
N PHE C 88 -3.20 -15.93 -27.43
CA PHE C 88 -3.08 -14.80 -28.34
C PHE C 88 -4.20 -13.81 -28.02
N GLY C 89 -5.00 -14.14 -27.02
CA GLY C 89 -6.12 -13.32 -26.59
C GLY C 89 -7.32 -13.54 -27.49
N MET C 90 -7.08 -13.34 -28.78
CA MET C 90 -8.03 -13.65 -29.83
C MET C 90 -7.32 -14.52 -30.86
N LYS C 91 -7.40 -14.14 -32.13
CA LYS C 91 -6.59 -14.73 -33.19
C LYS C 91 -6.70 -16.25 -33.39
N LYS C 92 -6.82 -16.99 -32.29
CA LYS C 92 -6.85 -18.46 -32.33
C LYS C 92 -5.53 -19.03 -32.87
N PRO C 93 -4.79 -19.74 -32.00
CA PRO C 93 -3.39 -20.18 -32.18
C PRO C 93 -3.07 -20.74 -33.57
N PRO C 94 -1.85 -20.48 -34.06
CA PRO C 94 -1.36 -20.94 -35.37
C PRO C 94 -1.23 -22.45 -35.43
N LEU C 95 -1.75 -23.06 -36.49
CA LEU C 95 -1.66 -24.52 -36.65
C LEU C 95 -0.22 -24.93 -36.93
N LEU C 96 0.16 -26.09 -36.40
CA LEU C 96 1.51 -26.61 -36.62
C LEU C 96 1.59 -27.33 -37.96
N ASN C 97 1.83 -26.61 -39.05
CA ASN C 97 1.75 -27.22 -40.38
C ASN C 97 2.94 -26.92 -41.30
N ASN C 98 4.12 -26.70 -40.71
CA ASN C 98 5.32 -26.44 -41.47
C ASN C 98 6.58 -26.55 -40.60
N ALA C 99 7.72 -26.83 -41.23
CA ALA C 99 8.97 -27.06 -40.51
C ALA C 99 9.39 -25.88 -39.62
N ASP C 100 8.93 -24.68 -39.97
CA ASP C 100 9.22 -23.51 -39.16
C ASP C 100 8.42 -23.54 -37.86
N SER C 101 7.10 -23.70 -37.99
CA SER C 101 6.19 -23.64 -36.86
C SER C 101 6.45 -24.72 -35.84
N VAL C 102 7.02 -25.84 -36.28
CA VAL C 102 7.29 -26.95 -35.36
C VAL C 102 8.62 -26.73 -34.65
N GLN C 103 9.55 -26.07 -35.34
CA GLN C 103 10.88 -25.83 -34.81
C GLN C 103 10.78 -24.88 -33.62
N ALA C 104 10.25 -23.69 -33.86
CA ALA C 104 10.02 -22.71 -32.80
C ALA C 104 9.32 -23.31 -31.58
N LYS C 105 8.43 -24.26 -31.80
CA LYS C 105 7.71 -24.84 -30.68
C LYS C 105 8.51 -25.85 -29.87
N ALA C 106 9.47 -26.52 -30.53
CA ALA C 106 10.30 -27.48 -29.82
C ALA C 106 11.31 -26.71 -28.97
N GLU C 107 11.78 -25.58 -29.50
CA GLU C 107 12.72 -24.71 -28.82
C GLU C 107 12.08 -24.13 -27.57
N MET C 108 10.84 -23.70 -27.71
CA MET C 108 10.07 -23.25 -26.56
C MET C 108 9.94 -24.39 -25.58
N LEU C 109 9.62 -25.57 -26.07
CA LEU C 109 9.47 -26.72 -25.19
C LEU C 109 10.79 -27.03 -24.47
N ASP C 110 11.89 -27.01 -25.25
CA ASP C 110 13.23 -27.23 -24.72
C ASP C 110 13.54 -26.33 -23.52
N ASN C 111 13.07 -25.07 -23.56
CA ASN C 111 13.25 -24.15 -22.43
C ASN C 111 12.26 -24.39 -21.28
N LEU C 112 11.09 -24.94 -21.62
CA LEU C 112 10.11 -25.28 -20.60
C LEU C 112 10.62 -26.45 -19.76
N LEU C 113 11.45 -27.31 -20.36
CA LEU C 113 12.04 -28.41 -19.62
C LEU C 113 12.93 -27.86 -18.51
N ASP C 114 13.80 -26.93 -18.87
CA ASP C 114 14.72 -26.36 -17.89
C ASP C 114 13.97 -25.55 -16.83
N ILE C 115 12.93 -24.82 -17.26
CA ILE C 115 12.09 -24.06 -16.32
C ILE C 115 11.41 -25.00 -15.32
N GLU C 116 10.97 -26.15 -15.79
CA GLU C 116 10.43 -27.16 -14.87
C GLU C 116 11.53 -27.69 -13.93
N VAL C 117 12.72 -27.93 -14.49
CA VAL C 117 13.88 -28.32 -13.68
C VAL C 117 14.17 -27.25 -12.62
N ALA C 118 14.27 -26.00 -13.05
CA ALA C 118 14.62 -24.93 -12.14
C ALA C 118 13.63 -24.85 -10.99
N TYR C 119 12.35 -24.79 -11.35
CA TYR C 119 11.27 -24.64 -10.39
C TYR C 119 11.12 -25.83 -9.42
N SER C 120 11.33 -27.03 -9.93
CA SER C 120 11.18 -28.24 -9.13
C SER C 120 12.36 -28.43 -8.17
N LEU C 121 13.52 -27.98 -8.60
CA LEU C 121 14.69 -27.97 -7.75
C LEU C 121 14.40 -27.04 -6.59
N LEU C 122 13.76 -25.93 -6.93
CA LEU C 122 13.41 -24.88 -5.98
C LEU C 122 12.41 -25.34 -4.92
N ARG C 123 11.37 -26.06 -5.33
CA ARG C 123 10.32 -26.48 -4.42
C ARG C 123 10.61 -27.81 -3.71
N GLY C 124 11.75 -28.41 -4.00
CA GLY C 124 12.18 -29.59 -3.26
C GLY C 124 13.07 -29.22 -2.08
N GLY C 125 13.38 -30.19 -1.25
CA GLY C 125 14.21 -29.92 -0.08
C GLY C 125 13.40 -29.82 1.20
N SER C 126 14.06 -30.09 2.32
CA SER C 126 13.42 -30.08 3.62
C SER C 126 13.41 -28.67 4.20
N ASP C 127 12.42 -28.41 5.06
CA ASP C 127 12.26 -27.10 5.70
C ASP C 127 13.21 -26.91 6.87
N ASP C 128 14.01 -27.94 7.15
CA ASP C 128 15.08 -27.84 8.14
C ASP C 128 15.92 -26.62 7.80
N SER C 129 15.77 -25.59 8.62
CA SER C 129 16.25 -24.27 8.28
C SER C 129 17.40 -23.80 9.16
N SER C 130 18.27 -24.72 9.56
CA SER C 130 19.53 -24.31 10.13
C SER C 130 20.21 -23.46 9.07
N LYS C 131 20.30 -24.04 7.87
CA LYS C 131 20.95 -23.39 6.73
C LYS C 131 20.15 -22.20 6.17
N ASP C 132 20.88 -21.18 5.75
CA ASP C 132 20.32 -20.06 5.00
C ASP C 132 19.74 -20.65 3.73
N PRO C 133 18.53 -20.21 3.33
CA PRO C 133 17.91 -20.52 2.04
C PRO C 133 18.88 -20.47 0.86
N ILE C 134 19.61 -19.36 0.72
CA ILE C 134 20.56 -19.21 -0.39
C ILE C 134 21.56 -20.35 -0.47
N ASP C 135 22.07 -20.76 0.68
CA ASP C 135 22.99 -21.89 0.79
C ASP C 135 22.35 -23.23 0.39
N VAL C 136 21.12 -23.44 0.83
CA VAL C 136 20.36 -24.64 0.51
C VAL C 136 20.20 -24.79 -0.99
N ASN C 137 19.89 -23.67 -1.66
CA ASN C 137 19.68 -23.66 -3.10
C ASN C 137 20.98 -23.71 -3.89
N TYR C 138 22.04 -23.20 -3.29
CA TYR C 138 23.38 -23.32 -3.87
C TYR C 138 23.76 -24.78 -4.02
N GLU C 139 23.55 -25.56 -2.95
CA GLU C 139 23.84 -27.00 -2.93
C GLU C 139 23.04 -27.78 -3.98
N LYS C 140 21.82 -27.34 -4.28
CA LYS C 140 20.98 -28.01 -5.28
C LYS C 140 21.57 -27.94 -6.68
N LEU C 141 22.40 -26.93 -6.91
CA LEU C 141 23.11 -26.78 -8.18
C LEU C 141 24.22 -27.84 -8.41
N LYS C 142 24.66 -28.50 -7.34
CA LYS C 142 25.71 -29.54 -7.41
C LYS C 142 26.96 -29.04 -8.13
N THR C 143 27.30 -27.78 -7.91
CA THR C 143 28.33 -27.13 -8.67
C THR C 143 29.15 -26.31 -7.68
N ASP C 144 30.47 -26.37 -7.81
CA ASP C 144 31.33 -25.51 -6.99
C ASP C 144 31.50 -24.19 -7.74
N ILE C 145 31.21 -23.08 -7.08
CA ILE C 145 31.28 -21.77 -7.74
C ILE C 145 32.11 -20.76 -6.95
N LYS C 146 33.12 -20.19 -7.58
CA LYS C 146 34.00 -19.21 -6.92
C LYS C 146 34.13 -18.00 -7.79
N VAL C 147 34.53 -16.90 -7.17
CA VAL C 147 34.68 -15.65 -7.91
C VAL C 147 36.11 -15.47 -8.41
N VAL C 148 36.27 -15.18 -9.70
CA VAL C 148 37.58 -14.84 -10.22
C VAL C 148 37.84 -13.35 -10.01
N ASP C 149 39.00 -13.06 -9.44
CA ASP C 149 39.48 -11.72 -9.15
C ASP C 149 39.48 -10.88 -10.41
N ARG C 150 38.79 -9.75 -10.40
CA ARG C 150 38.81 -8.83 -11.54
C ARG C 150 40.27 -8.51 -11.83
N ASP C 151 41.04 -8.34 -10.75
CA ASP C 151 42.43 -7.93 -10.81
C ASP C 151 43.36 -8.96 -11.42
N SER C 152 43.09 -10.24 -11.19
CA SER C 152 43.96 -11.33 -11.65
C SER C 152 44.16 -11.35 -13.15
N GLU C 153 45.18 -12.07 -13.61
CA GLU C 153 45.46 -12.13 -15.04
C GLU C 153 44.49 -13.08 -15.74
N GLU C 154 44.14 -14.16 -15.05
CA GLU C 154 43.12 -15.11 -15.48
C GLU C 154 41.89 -14.38 -15.99
N ALA C 155 41.50 -13.33 -15.26
CA ALA C 155 40.33 -12.54 -15.57
C ALA C 155 40.63 -11.48 -16.62
N GLU C 156 41.90 -11.24 -16.90
CA GLU C 156 42.24 -10.21 -17.86
C GLU C 156 42.03 -10.80 -19.23
N ILE C 157 42.49 -12.04 -19.40
CA ILE C 157 42.28 -12.83 -20.62
C ILE C 157 40.80 -12.95 -20.95
N ILE C 158 40.01 -13.35 -19.98
CA ILE C 158 38.58 -13.52 -20.17
C ILE C 158 37.91 -12.21 -20.66
N ARG C 159 38.18 -11.10 -19.98
CA ARG C 159 37.67 -9.79 -20.42
C ARG C 159 38.24 -9.34 -21.77
N LYS C 160 39.39 -9.91 -22.16
CA LYS C 160 39.98 -9.66 -23.47
C LYS C 160 39.33 -10.50 -24.57
N TYR C 161 39.01 -11.75 -24.23
CA TYR C 161 38.28 -12.66 -25.12
C TYR C 161 36.92 -12.04 -25.48
N VAL C 162 36.23 -11.47 -24.50
CA VAL C 162 34.97 -10.76 -24.73
C VAL C 162 35.13 -9.57 -25.67
N LYS C 163 36.10 -8.72 -25.36
CA LYS C 163 36.37 -7.50 -26.13
C LYS C 163 36.65 -7.80 -27.61
N ASN C 164 37.79 -8.42 -27.90
CA ASN C 164 38.24 -8.55 -29.29
C ASN C 164 37.42 -9.49 -30.16
N THR C 165 36.47 -10.22 -29.58
CA THR C 165 35.73 -11.21 -30.37
C THR C 165 34.25 -10.86 -30.59
N HIS C 166 33.86 -9.63 -30.29
CA HIS C 166 32.55 -9.16 -30.74
C HIS C 166 32.63 -9.06 -32.26
N ALA C 167 31.60 -9.54 -32.94
CA ALA C 167 31.62 -9.53 -34.39
C ALA C 167 31.11 -8.19 -34.90
N THR C 168 31.75 -7.68 -35.96
CA THR C 168 31.40 -6.37 -36.51
C THR C 168 29.91 -6.25 -36.83
N THR C 169 29.32 -7.33 -37.31
CA THR C 169 27.90 -7.33 -37.70
C THR C 169 26.85 -7.43 -36.59
N HIS C 170 27.27 -7.72 -35.35
CA HIS C 170 26.28 -7.88 -34.27
C HIS C 170 25.93 -6.57 -33.54
N ASN C 171 26.73 -5.53 -33.77
CA ASN C 171 26.65 -4.23 -33.07
C ASN C 171 25.28 -3.62 -32.69
N ALA C 172 24.34 -4.46 -32.27
CA ALA C 172 23.09 -3.99 -31.69
C ALA C 172 23.27 -3.76 -30.19
N TYR C 173 24.42 -4.18 -29.67
CA TYR C 173 24.74 -3.98 -28.24
C TYR C 173 26.24 -4.04 -27.95
N ASP C 174 26.60 -3.63 -26.73
CA ASP C 174 27.97 -3.73 -26.25
C ASP C 174 28.01 -4.63 -25.03
N LEU C 175 29.18 -5.17 -24.75
CA LEU C 175 29.31 -6.16 -23.69
C LEU C 175 30.27 -5.73 -22.56
N GLU C 176 29.78 -5.81 -21.32
CA GLU C 176 30.59 -5.55 -20.13
C GLU C 176 30.59 -6.71 -19.13
N VAL C 177 31.75 -7.04 -18.59
CA VAL C 177 31.83 -8.17 -17.68
C VAL C 177 31.69 -7.78 -16.20
N ILE C 178 30.51 -8.01 -15.63
CA ILE C 178 30.26 -7.78 -14.22
C ILE C 178 30.97 -8.77 -13.29
N ASP C 179 30.72 -10.06 -13.48
CA ASP C 179 31.27 -11.10 -12.61
C ASP C 179 31.77 -12.30 -13.41
N ILE C 180 32.98 -12.73 -13.09
CA ILE C 180 33.54 -13.93 -13.67
C ILE C 180 33.54 -15.04 -12.62
N PHE C 181 32.81 -16.11 -12.89
CA PHE C 181 32.76 -17.20 -11.95
C PHE C 181 33.55 -18.39 -12.47
N LYS C 182 34.23 -19.08 -11.56
CA LYS C 182 34.95 -20.28 -11.86
C LYS C 182 34.06 -21.41 -11.37
N ILE C 183 33.77 -22.38 -12.24
CA ILE C 183 32.81 -23.43 -11.90
C ILE C 183 33.27 -24.89 -12.08
N GLU C 184 32.82 -25.76 -11.17
CA GLU C 184 33.13 -27.19 -11.26
C GLU C 184 31.88 -27.95 -10.91
N ARG C 185 31.21 -28.49 -11.92
CA ARG C 185 30.04 -29.31 -11.72
C ARG C 185 30.49 -30.66 -11.15
N GLU C 186 29.74 -31.16 -10.18
CA GLU C 186 30.04 -32.45 -9.59
C GLU C 186 30.06 -33.59 -10.61
N GLY C 187 31.09 -34.42 -10.56
CA GLY C 187 31.19 -35.56 -11.44
C GLY C 187 31.71 -35.21 -12.82
N GLU C 188 31.84 -33.93 -13.13
CA GLU C 188 32.18 -33.56 -14.49
C GLU C 188 33.64 -33.78 -14.86
N CYS C 189 34.55 -33.54 -13.92
CA CYS C 189 35.96 -33.80 -14.18
C CYS C 189 36.17 -35.26 -14.56
N GLN C 190 35.52 -36.16 -13.82
CA GLN C 190 35.64 -37.60 -14.03
C GLN C 190 35.03 -38.04 -15.38
N ARG C 191 33.89 -37.45 -15.74
CA ARG C 191 33.23 -37.73 -17.01
C ARG C 191 33.99 -37.13 -18.22
N TYR C 192 34.68 -36.04 -18.00
CA TYR C 192 35.42 -35.42 -19.08
C TYR C 192 36.75 -36.13 -19.32
N LYS C 193 37.29 -36.75 -18.27
CA LYS C 193 38.67 -37.19 -18.29
C LYS C 193 39.16 -38.01 -19.49
N PRO C 194 38.40 -39.03 -19.93
CA PRO C 194 38.86 -39.71 -21.15
C PRO C 194 39.18 -38.71 -22.27
N PHE C 195 38.27 -37.76 -22.49
CA PHE C 195 38.39 -36.85 -23.63
C PHE C 195 39.48 -35.83 -23.47
N LYS C 196 40.12 -35.82 -22.30
CA LYS C 196 41.29 -34.97 -22.07
C LYS C 196 42.44 -35.37 -23.00
N GLN C 197 42.48 -36.65 -23.37
CA GLN C 197 43.53 -37.21 -24.23
C GLN C 197 43.38 -36.81 -25.67
N LEU C 198 42.17 -36.42 -26.04
CA LEU C 198 41.87 -35.92 -27.36
C LEU C 198 42.66 -34.63 -27.62
N HIS C 199 42.97 -34.39 -28.88
CA HIS C 199 43.73 -33.20 -29.22
C HIS C 199 42.79 -32.05 -29.56
N ASN C 200 43.38 -30.89 -29.83
CA ASN C 200 42.60 -29.76 -30.26
C ASN C 200 41.49 -29.45 -29.25
N ARG C 201 41.90 -29.00 -28.07
CA ARG C 201 40.95 -28.67 -27.02
C ARG C 201 40.86 -27.17 -26.95
N ARG C 202 39.63 -26.68 -26.78
CA ARG C 202 39.39 -25.25 -26.96
C ARG C 202 38.40 -24.66 -25.98
N LEU C 203 38.67 -23.42 -25.56
CA LEU C 203 37.79 -22.68 -24.64
C LEU C 203 36.76 -21.84 -25.42
N LEU C 204 35.50 -22.24 -25.31
CA LEU C 204 34.48 -21.79 -26.25
C LEU C 204 33.24 -21.29 -25.53
N TRP C 205 32.56 -20.34 -26.16
CA TRP C 205 31.32 -19.76 -25.64
C TRP C 205 30.10 -20.64 -25.85
N HIS C 206 29.22 -20.59 -24.85
CA HIS C 206 27.88 -21.09 -24.97
C HIS C 206 26.99 -20.15 -24.19
N GLY C 207 26.10 -19.47 -24.92
CA GLY C 207 25.11 -18.61 -24.30
C GLY C 207 23.75 -19.29 -24.19
N SER C 208 22.96 -18.90 -23.20
CA SER C 208 21.64 -19.49 -23.02
C SER C 208 20.79 -18.57 -22.17
N ARG C 209 19.48 -18.79 -22.16
CA ARG C 209 18.59 -17.96 -21.38
C ARG C 209 18.83 -18.26 -19.93
N THR C 210 18.75 -17.23 -19.10
CA THR C 210 19.10 -17.30 -17.68
C THR C 210 18.29 -18.37 -16.97
N THR C 211 17.05 -18.51 -17.41
CA THR C 211 16.14 -19.52 -16.89
C THR C 211 16.61 -20.95 -17.17
N ASN C 212 17.64 -21.10 -18.01
CA ASN C 212 18.21 -22.42 -18.31
C ASN C 212 19.32 -22.86 -17.35
N PHE C 213 19.77 -21.95 -16.48
CA PHE C 213 20.97 -22.21 -15.70
C PHE C 213 20.86 -23.15 -14.49
N ALA C 214 19.68 -23.30 -13.89
CA ALA C 214 19.54 -24.29 -12.85
C ALA C 214 19.67 -25.67 -13.44
N GLY C 215 19.12 -25.81 -14.65
CA GLY C 215 19.21 -27.05 -15.42
C GLY C 215 20.64 -27.31 -15.89
N ILE C 216 21.24 -26.30 -16.50
CA ILE C 216 22.59 -26.45 -17.00
C ILE C 216 23.62 -26.74 -15.88
N LEU C 217 23.48 -26.13 -14.71
CA LEU C 217 24.46 -26.40 -13.65
C LEU C 217 24.22 -27.77 -13.01
N SER C 218 22.99 -28.03 -12.59
CA SER C 218 22.70 -29.32 -12.01
C SER C 218 22.95 -30.49 -12.97
N GLN C 219 22.68 -30.31 -14.27
CA GLN C 219 22.70 -31.45 -15.22
C GLN C 219 23.76 -31.39 -16.34
N GLY C 220 24.29 -30.21 -16.63
CA GLY C 220 25.27 -30.07 -17.70
C GLY C 220 24.58 -29.74 -18.99
N LEU C 221 25.31 -29.22 -19.96
CA LEU C 221 24.83 -29.15 -21.31
C LEU C 221 24.47 -30.56 -21.76
N ARG C 222 23.22 -30.75 -22.15
CA ARG C 222 22.75 -32.06 -22.58
C ARG C 222 22.37 -31.96 -24.05
N ILE C 223 22.11 -33.09 -24.69
CA ILE C 223 21.74 -33.06 -26.12
C ILE C 223 20.25 -33.43 -26.35
N ALA C 224 19.62 -32.78 -27.34
CA ALA C 224 18.19 -33.01 -27.68
C ALA C 224 17.79 -34.48 -27.70
N PRO C 225 16.64 -34.81 -27.08
CA PRO C 225 16.19 -36.17 -26.80
C PRO C 225 15.80 -36.95 -28.07
N PRO C 226 15.43 -38.24 -27.94
CA PRO C 226 14.91 -39.07 -29.05
C PRO C 226 14.02 -38.38 -30.11
N GLU C 227 13.27 -37.34 -29.73
CA GLU C 227 12.29 -36.73 -30.64
C GLU C 227 12.29 -35.20 -30.63
N ALA C 228 12.53 -34.60 -31.79
CA ALA C 228 12.57 -33.16 -31.97
C ALA C 228 12.98 -32.87 -33.41
N PRO C 229 12.48 -31.78 -33.99
CA PRO C 229 12.82 -31.47 -35.37
C PRO C 229 14.29 -31.19 -35.52
N VAL C 230 14.85 -31.44 -36.70
CA VAL C 230 16.25 -31.11 -36.96
C VAL C 230 16.40 -29.72 -37.61
N THR C 231 15.27 -29.04 -37.86
CA THR C 231 15.31 -27.64 -38.31
C THR C 231 16.07 -26.80 -37.29
N GLY C 232 16.66 -25.71 -37.76
CA GLY C 232 17.38 -24.79 -36.89
C GLY C 232 18.68 -25.38 -36.40
N TYR C 233 18.92 -26.62 -36.79
CA TYR C 233 20.16 -27.25 -36.47
C TYR C 233 20.86 -27.39 -37.79
N MET C 234 21.82 -26.53 -38.02
CA MET C 234 22.62 -26.66 -39.22
C MET C 234 23.37 -27.98 -39.19
N PHE C 235 23.69 -28.45 -37.98
CA PHE C 235 24.53 -29.62 -37.83
C PHE C 235 24.00 -30.67 -36.86
N GLY C 236 22.67 -30.76 -36.76
CA GLY C 236 22.05 -31.86 -36.07
C GLY C 236 21.95 -31.65 -34.59
N LYS C 237 21.60 -32.70 -33.88
CA LYS C 237 21.43 -32.62 -32.44
C LYS C 237 22.77 -32.78 -31.71
N GLY C 238 23.26 -31.69 -31.15
CA GLY C 238 24.49 -31.72 -30.37
C GLY C 238 24.60 -30.57 -29.40
N ILE C 239 25.83 -30.26 -28.98
CA ILE C 239 26.05 -29.10 -28.14
C ILE C 239 26.84 -28.14 -28.99
N TYR C 240 26.31 -26.95 -29.20
CA TYR C 240 26.93 -25.99 -30.09
C TYR C 240 27.69 -24.94 -29.31
N PHE C 241 28.81 -24.52 -29.90
CA PHE C 241 29.64 -23.48 -29.29
C PHE C 241 30.06 -22.50 -30.37
N ALA C 242 30.45 -21.30 -29.95
CA ALA C 242 31.04 -20.34 -30.88
C ALA C 242 32.36 -19.83 -30.33
N ASP C 243 33.18 -19.26 -31.20
CA ASP C 243 34.41 -18.62 -30.76
C ASP C 243 34.32 -17.07 -30.79
N MET C 244 33.19 -16.55 -31.30
CA MET C 244 32.85 -15.12 -31.22
C MET C 244 31.83 -14.89 -30.10
N VAL C 245 32.22 -14.09 -29.11
CA VAL C 245 31.38 -13.90 -27.93
C VAL C 245 29.96 -13.48 -28.30
N SER C 246 29.81 -12.67 -29.34
CA SER C 246 28.51 -12.10 -29.66
C SER C 246 27.56 -13.10 -30.31
N LYS C 247 28.11 -14.07 -31.05
CA LYS C 247 27.27 -15.17 -31.54
C LYS C 247 26.62 -15.97 -30.38
N SER C 248 27.38 -16.23 -29.32
CA SER C 248 26.78 -16.85 -28.14
C SER C 248 25.90 -15.93 -27.31
N ALA C 249 26.31 -14.69 -27.09
CA ALA C 249 25.48 -13.75 -26.32
C ALA C 249 24.05 -13.57 -26.85
N ASN C 250 23.92 -13.55 -28.19
CA ASN C 250 22.61 -13.53 -28.86
C ASN C 250 21.64 -14.56 -28.34
N TYR C 251 22.15 -15.69 -27.84
CA TYR C 251 21.25 -16.73 -27.35
C TYR C 251 20.91 -16.55 -25.88
N CYS C 252 21.49 -15.55 -25.23
CA CYS C 252 21.07 -15.21 -23.87
C CYS C 252 19.64 -14.66 -23.84
N HIS C 253 19.16 -14.16 -24.97
CA HIS C 253 17.83 -13.53 -25.07
C HIS C 253 17.65 -12.40 -24.08
N THR C 254 18.66 -11.53 -23.98
CA THR C 254 18.54 -10.35 -23.14
C THR C 254 17.87 -9.26 -23.94
N SER C 255 16.97 -8.54 -23.26
CA SER C 255 16.24 -7.42 -23.85
C SER C 255 16.78 -6.10 -23.32
N GLN C 256 16.27 -4.99 -23.82
CA GLN C 256 16.63 -3.69 -23.24
C GLN C 256 16.05 -3.58 -21.83
N GLY C 257 14.90 -4.21 -21.60
CA GLY C 257 14.28 -4.27 -20.29
C GLY C 257 14.91 -5.31 -19.36
N ASP C 258 15.77 -6.15 -19.93
CA ASP C 258 16.47 -7.18 -19.16
C ASP C 258 17.89 -7.35 -19.73
N PRO C 259 18.74 -6.35 -19.50
CA PRO C 259 20.02 -6.23 -20.21
C PRO C 259 21.18 -6.95 -19.52
N ILE C 260 20.89 -7.95 -18.71
CA ILE C 260 21.96 -8.69 -18.07
C ILE C 260 21.79 -10.20 -18.26
N GLY C 261 22.84 -10.82 -18.80
CA GLY C 261 22.81 -12.23 -19.16
C GLY C 261 23.83 -13.11 -18.48
N LEU C 262 23.63 -14.42 -18.58
CA LEU C 262 24.57 -15.43 -18.14
C LEU C 262 25.14 -16.14 -19.36
N ILE C 263 26.45 -16.20 -19.47
CA ILE C 263 27.12 -16.89 -20.58
C ILE C 263 28.19 -17.85 -20.05
N LEU C 264 28.46 -18.90 -20.81
CA LEU C 264 29.41 -19.93 -20.37
C LEU C 264 30.68 -19.94 -21.19
N LEU C 265 31.79 -20.26 -20.54
CA LEU C 265 33.02 -20.62 -21.25
C LEU C 265 33.30 -22.08 -20.92
N GLY C 266 33.32 -22.92 -21.94
CA GLY C 266 33.49 -24.34 -21.75
C GLY C 266 34.68 -24.83 -22.53
N GLU C 267 35.46 -25.72 -21.93
CA GLU C 267 36.58 -26.35 -22.61
C GLU C 267 35.95 -27.49 -23.37
N VAL C 268 36.17 -27.53 -24.68
CA VAL C 268 35.62 -28.66 -25.43
C VAL C 268 36.65 -29.41 -26.22
N ALA C 269 36.62 -30.73 -26.05
CA ALA C 269 37.52 -31.63 -26.73
C ALA C 269 37.08 -31.82 -28.19
N LEU C 270 37.51 -30.93 -29.08
CA LEU C 270 37.05 -31.02 -30.47
C LEU C 270 37.76 -32.10 -31.29
N GLY C 271 39.00 -32.40 -30.93
CA GLY C 271 39.75 -33.43 -31.65
C GLY C 271 39.90 -33.17 -33.13
N ASN C 272 39.66 -34.21 -33.93
CA ASN C 272 39.68 -34.06 -35.38
C ASN C 272 38.31 -33.59 -35.88
N MET C 273 38.25 -32.33 -36.31
CA MET C 273 36.98 -31.70 -36.68
C MET C 273 36.55 -32.08 -38.10
N TYR C 274 35.26 -32.31 -38.25
CA TYR C 274 34.63 -32.51 -39.54
C TYR C 274 34.18 -31.12 -40.04
N GLU C 275 35.00 -30.51 -40.90
CA GLU C 275 34.76 -29.14 -41.37
C GLU C 275 33.71 -29.05 -42.48
N LEU C 276 32.68 -28.23 -42.23
CA LEU C 276 31.56 -28.11 -43.14
C LEU C 276 31.29 -26.66 -43.47
N LYS C 277 30.86 -26.41 -44.72
CA LYS C 277 30.55 -25.08 -45.21
C LYS C 277 29.05 -24.90 -45.32
N HIS C 278 28.31 -26.01 -45.31
CA HIS C 278 26.87 -25.96 -45.48
C HIS C 278 26.17 -26.91 -44.51
N ALA C 279 24.86 -26.71 -44.34
CA ALA C 279 24.10 -27.57 -43.46
C ALA C 279 24.06 -29.00 -43.98
N SER C 280 24.38 -29.93 -43.08
CA SER C 280 24.17 -31.34 -43.31
C SER C 280 23.89 -31.92 -41.95
N HIS C 281 22.73 -32.52 -41.78
CA HIS C 281 22.34 -33.04 -40.48
C HIS C 281 23.29 -34.14 -39.97
N ILE C 282 23.76 -34.97 -40.89
CA ILE C 282 24.69 -36.09 -40.63
C ILE C 282 24.35 -36.98 -39.40
N SER C 283 23.96 -38.22 -39.68
CA SER C 283 23.57 -39.14 -38.63
C SER C 283 24.76 -39.62 -37.81
N LYS C 284 25.88 -39.89 -38.48
CA LYS C 284 27.08 -40.33 -37.80
C LYS C 284 28.29 -39.50 -38.21
N LEU C 285 29.16 -39.23 -37.25
CA LEU C 285 30.45 -38.65 -37.58
C LEU C 285 31.25 -39.72 -38.30
N PRO C 286 32.01 -39.34 -39.33
CA PRO C 286 32.95 -40.26 -39.96
C PRO C 286 34.01 -40.77 -38.98
N LYS C 287 34.54 -41.96 -39.23
CA LYS C 287 35.51 -42.56 -38.34
C LYS C 287 36.73 -41.67 -38.29
N GLY C 288 37.16 -41.31 -37.09
CA GLY C 288 38.35 -40.51 -36.90
C GLY C 288 38.01 -39.06 -36.68
N LYS C 289 36.72 -38.71 -36.85
CA LYS C 289 36.25 -37.34 -36.55
C LYS C 289 35.52 -37.28 -35.19
N HIS C 290 35.74 -36.21 -34.44
CA HIS C 290 35.22 -36.14 -33.08
C HIS C 290 34.29 -34.97 -32.82
N SER C 291 34.14 -34.13 -33.84
CA SER C 291 33.25 -32.99 -33.81
C SER C 291 33.07 -32.41 -35.21
N VAL C 292 32.26 -31.35 -35.28
CA VAL C 292 32.01 -30.62 -36.52
C VAL C 292 32.40 -29.16 -36.30
N LYS C 293 33.08 -28.57 -37.28
CA LYS C 293 33.31 -27.13 -37.27
C LYS C 293 32.67 -26.57 -38.50
N GLY C 294 31.63 -25.75 -38.32
CA GLY C 294 31.05 -25.00 -39.42
C GLY C 294 32.01 -23.88 -39.77
N LEU C 295 32.28 -23.68 -41.05
CA LEU C 295 33.27 -22.70 -41.47
C LEU C 295 32.67 -21.35 -41.83
N GLY C 296 32.78 -20.37 -40.93
CA GLY C 296 32.29 -19.03 -41.23
C GLY C 296 33.27 -18.23 -42.09
N LYS C 297 32.82 -17.08 -42.58
CA LYS C 297 33.70 -16.22 -43.37
C LYS C 297 34.66 -15.43 -42.47
N THR C 298 34.21 -15.13 -41.26
CA THR C 298 35.00 -14.35 -40.31
C THR C 298 35.48 -15.16 -39.11
N THR C 299 36.79 -15.40 -39.04
CA THR C 299 37.41 -16.19 -37.97
C THR C 299 38.31 -15.35 -37.05
N PRO C 300 38.50 -15.81 -35.79
CA PRO C 300 39.49 -15.19 -34.88
C PRO C 300 40.90 -15.35 -35.42
N ASP C 301 41.70 -14.30 -35.33
CA ASP C 301 43.04 -14.27 -35.90
C ASP C 301 43.94 -15.21 -35.13
N PRO C 302 44.34 -16.31 -35.79
CA PRO C 302 45.24 -17.33 -35.24
C PRO C 302 46.41 -16.72 -34.47
N SER C 303 46.99 -15.64 -35.02
CA SER C 303 48.14 -14.97 -34.43
C SER C 303 47.97 -14.56 -32.98
N ALA C 304 46.73 -14.32 -32.56
CA ALA C 304 46.53 -13.97 -31.16
C ALA C 304 46.16 -15.18 -30.31
N ASN C 305 45.94 -16.34 -30.93
CA ASN C 305 45.53 -17.52 -30.18
C ASN C 305 46.49 -17.90 -29.06
N ILE C 306 45.94 -18.15 -27.88
CA ILE C 306 46.72 -18.30 -26.65
C ILE C 306 46.53 -19.68 -26.01
N SER C 307 47.63 -20.35 -25.67
CA SER C 307 47.49 -21.69 -25.11
C SER C 307 47.55 -21.64 -23.59
N LEU C 308 46.46 -22.07 -22.96
CA LEU C 308 46.31 -22.03 -21.50
C LEU C 308 46.12 -23.43 -20.92
N ASP C 309 47.17 -23.98 -20.33
CA ASP C 309 47.10 -25.30 -19.70
C ASP C 309 46.62 -26.33 -20.73
N GLY C 310 47.29 -26.35 -21.88
CA GLY C 310 47.01 -27.31 -22.91
C GLY C 310 45.70 -27.08 -23.62
N VAL C 311 45.13 -25.89 -23.48
CA VAL C 311 43.85 -25.56 -24.09
C VAL C 311 43.92 -24.23 -24.82
N ASP C 312 43.48 -24.22 -26.09
CA ASP C 312 43.54 -23.00 -26.89
C ASP C 312 42.46 -21.99 -26.51
N VAL C 313 42.85 -20.73 -26.50
CA VAL C 313 41.90 -19.64 -26.34
C VAL C 313 42.03 -18.76 -27.57
N PRO C 314 41.07 -18.88 -28.51
CA PRO C 314 41.11 -18.11 -29.74
C PRO C 314 40.62 -16.71 -29.49
N LEU C 315 41.40 -15.94 -28.75
CA LEU C 315 41.01 -14.57 -28.46
C LEU C 315 41.49 -13.60 -29.51
N GLY C 316 41.93 -14.14 -30.66
CA GLY C 316 42.24 -13.31 -31.80
C GLY C 316 41.03 -12.54 -32.32
N THR C 317 41.23 -11.24 -32.52
CA THR C 317 40.20 -10.39 -33.13
C THR C 317 39.76 -10.88 -34.51
N GLY C 318 38.49 -10.64 -34.85
CA GLY C 318 37.90 -11.20 -36.06
C GLY C 318 38.47 -10.69 -37.35
N ILE C 319 39.16 -11.57 -38.07
CA ILE C 319 39.70 -11.28 -39.38
C ILE C 319 39.01 -12.21 -40.36
N SER C 320 39.48 -12.30 -41.60
CA SER C 320 38.84 -13.18 -42.56
C SER C 320 39.57 -14.49 -42.81
N SER C 321 38.83 -15.49 -43.26
CA SER C 321 39.38 -16.75 -43.71
C SER C 321 39.07 -16.89 -45.19
N GLY C 322 39.79 -17.76 -45.88
CA GLY C 322 39.62 -17.92 -47.32
C GLY C 322 38.43 -18.80 -47.63
N VAL C 323 37.38 -18.65 -46.84
CA VAL C 323 36.24 -19.54 -46.90
C VAL C 323 35.14 -19.03 -47.82
N ASN C 324 34.87 -19.80 -48.87
CA ASN C 324 33.83 -19.44 -49.82
C ASN C 324 33.35 -20.64 -50.63
N ASP C 325 32.04 -20.71 -50.88
CA ASP C 325 31.10 -19.82 -50.21
C ASP C 325 30.40 -20.66 -49.16
N THR C 326 30.00 -20.02 -48.07
CA THR C 326 29.53 -20.72 -46.91
C THR C 326 28.27 -20.10 -46.33
N SER C 327 27.44 -20.93 -45.72
CA SER C 327 26.20 -20.49 -45.09
C SER C 327 26.49 -19.71 -43.81
N LEU C 328 27.71 -19.85 -43.29
CA LEU C 328 28.06 -19.26 -42.00
C LEU C 328 28.80 -17.90 -42.08
N LEU C 329 28.32 -16.95 -41.28
CA LEU C 329 29.06 -15.73 -41.04
C LEU C 329 30.23 -16.00 -40.10
N TYR C 330 29.96 -16.69 -38.99
CA TYR C 330 31.01 -17.03 -38.02
C TYR C 330 31.07 -18.52 -37.68
N ASN C 331 32.22 -18.95 -37.20
CA ASN C 331 32.43 -20.36 -36.86
C ASN C 331 31.43 -20.92 -35.85
N GLU C 332 31.34 -22.25 -35.84
CA GLU C 332 30.35 -22.98 -35.07
C GLU C 332 31.03 -24.32 -34.79
N TYR C 333 30.95 -24.84 -33.57
CA TYR C 333 31.58 -26.11 -33.21
C TYR C 333 30.55 -26.93 -32.49
N ILE C 334 30.42 -28.19 -32.90
CA ILE C 334 29.40 -29.08 -32.36
C ILE C 334 29.98 -30.44 -31.94
N VAL C 335 29.65 -30.91 -30.74
CA VAL C 335 30.05 -32.25 -30.33
C VAL C 335 28.79 -33.03 -29.99
N TYR C 336 28.86 -34.34 -30.13
CA TYR C 336 27.65 -35.18 -30.04
C TYR C 336 27.68 -36.14 -28.87
N ASP C 337 28.57 -35.88 -27.93
CA ASP C 337 28.65 -36.66 -26.70
C ASP C 337 28.85 -35.65 -25.57
N ILE C 338 27.96 -35.67 -24.57
CA ILE C 338 27.96 -34.66 -23.52
C ILE C 338 29.27 -34.64 -22.68
N ALA C 339 30.00 -35.75 -22.70
CA ALA C 339 31.22 -35.88 -21.92
C ALA C 339 32.40 -35.14 -22.57
N GLN C 340 32.20 -34.69 -23.82
CA GLN C 340 33.25 -33.93 -24.49
C GLN C 340 33.34 -32.45 -24.05
N VAL C 341 32.57 -32.08 -23.03
CA VAL C 341 32.54 -30.70 -22.58
C VAL C 341 32.88 -30.59 -21.10
N ASN C 342 33.75 -29.64 -20.75
CA ASN C 342 34.03 -29.35 -19.34
C ASN C 342 33.81 -27.85 -19.08
N LEU C 343 32.69 -27.55 -18.45
CA LEU C 343 32.31 -26.18 -18.11
C LEU C 343 33.36 -25.60 -17.17
N LYS C 344 33.94 -24.47 -17.56
CA LYS C 344 35.01 -23.84 -16.78
C LYS C 344 34.58 -22.53 -16.16
N TYR C 345 34.06 -21.61 -16.97
CA TYR C 345 33.60 -20.32 -16.46
C TYR C 345 32.16 -19.95 -16.81
N LEU C 346 31.56 -19.13 -15.95
CA LEU C 346 30.23 -18.58 -16.17
C LEU C 346 30.35 -17.07 -15.99
N LEU C 347 29.97 -16.30 -17.00
CA LEU C 347 30.01 -14.86 -16.88
C LEU C 347 28.62 -14.25 -16.66
N LYS C 348 28.55 -13.25 -15.79
CA LYS C 348 27.38 -12.41 -15.70
C LYS C 348 27.72 -11.23 -16.60
N LEU C 349 27.01 -11.09 -17.71
CA LEU C 349 27.31 -10.04 -18.70
C LEU C 349 26.35 -8.85 -18.62
N LYS C 350 26.83 -7.69 -19.01
CA LYS C 350 25.99 -6.49 -19.10
C LYS C 350 25.74 -6.13 -20.55
N PHE C 351 24.48 -6.11 -20.95
CA PHE C 351 24.13 -5.78 -22.34
C PHE C 351 23.76 -4.31 -22.49
N ASN C 352 24.74 -3.49 -22.87
CA ASN C 352 24.44 -2.08 -23.12
C ASN C 352 23.99 -1.90 -24.57
N PHE C 353 22.69 -1.67 -24.76
CA PHE C 353 22.09 -1.57 -26.09
C PHE C 353 22.28 -0.21 -26.80
N LYS C 354 22.43 -0.25 -28.12
CA LYS C 354 22.70 0.94 -28.92
C LYS C 354 21.46 1.79 -29.16
N THR C 355 20.49 1.21 -29.85
CA THR C 355 19.24 1.89 -30.26
C THR C 355 19.48 3.33 -30.74
N LEU D 9 9.21 11.68 44.72
CA LEU D 9 8.28 11.23 43.69
C LEU D 9 9.04 10.96 42.40
N PRO D 10 8.85 9.74 41.83
CA PRO D 10 9.60 9.23 40.68
C PRO D 10 9.12 9.73 39.31
N LYS D 11 10.01 9.66 38.32
CA LYS D 11 9.74 10.10 36.95
C LYS D 11 8.35 9.78 36.36
N PRO D 12 7.82 8.56 36.59
CA PRO D 12 6.50 8.27 36.01
C PRO D 12 5.34 9.10 36.57
N VAL D 13 5.45 9.55 37.82
CA VAL D 13 4.37 10.29 38.47
C VAL D 13 4.30 11.76 38.05
N GLN D 14 5.43 12.46 38.07
CA GLN D 14 5.45 13.86 37.68
C GLN D 14 4.88 14.01 36.28
N ASP D 15 5.30 13.11 35.39
CA ASP D 15 4.75 13.03 34.03
C ASP D 15 3.24 12.79 34.05
N LEU D 16 2.76 12.03 35.04
CA LEU D 16 1.33 11.84 35.24
C LEU D 16 0.76 13.15 35.77
N ILE D 17 1.47 13.77 36.72
CA ILE D 17 1.07 15.08 37.23
C ILE D 17 1.14 16.09 36.08
N LYS D 18 2.08 15.86 35.17
CA LYS D 18 2.31 16.78 34.06
C LYS D 18 1.16 16.82 33.07
N MET D 19 0.53 15.67 32.81
CA MET D 19 -0.60 15.60 31.88
C MET D 19 -1.86 16.21 32.49
N ILE D 20 -2.06 15.92 33.77
CA ILE D 20 -3.28 16.32 34.47
C ILE D 20 -3.24 17.75 34.99
N PHE D 21 -2.23 18.52 34.58
CA PHE D 21 -2.14 19.93 34.96
C PHE D 21 -1.48 20.77 33.86
N ASP D 22 -1.92 20.53 32.63
CA ASP D 22 -1.35 21.18 31.45
C ASP D 22 -2.31 22.19 30.81
N VAL D 23 -2.15 23.45 31.19
CA VAL D 23 -2.96 24.52 30.63
C VAL D 23 -2.68 24.68 29.13
N LYS D 28 -7.72 25.52 25.82
CA LYS D 28 -6.75 24.73 25.07
C LYS D 28 -7.44 23.69 24.19
N ALA D 29 -8.25 22.84 24.83
CA ALA D 29 -9.13 21.96 24.08
C ALA D 29 -10.37 22.84 23.85
N MET D 30 -10.55 23.82 24.73
CA MET D 30 -11.55 24.88 24.63
C MET D 30 -11.74 25.39 23.20
N VAL D 31 -10.65 25.44 22.44
CA VAL D 31 -10.70 25.85 21.03
C VAL D 31 -11.63 24.93 20.22
N GLU D 32 -11.77 23.68 20.66
CA GLU D 32 -12.69 22.75 20.03
C GLU D 32 -13.82 22.39 20.99
N ASP D 36 -14.94 30.64 22.15
CA ASP D 36 -14.45 32.02 22.08
C ASP D 36 -13.61 32.33 23.31
N LEU D 37 -12.29 32.13 23.19
CA LEU D 37 -11.40 32.27 24.34
C LEU D 37 -11.42 33.67 24.94
N GLN D 38 -11.83 34.65 24.13
CA GLN D 38 -11.95 36.03 24.58
C GLN D 38 -13.40 36.42 24.82
N GLY D 43 -11.07 31.11 30.82
CA GLY D 43 -10.43 31.70 31.99
C GLY D 43 -11.37 32.02 33.15
N LYS D 44 -12.52 32.62 32.84
CA LYS D 44 -13.47 33.02 33.88
C LYS D 44 -14.66 32.07 33.99
N LEU D 45 -14.37 30.77 33.97
CA LEU D 45 -15.41 29.74 34.06
C LEU D 45 -15.91 29.63 35.50
N SER D 46 -17.17 29.26 35.65
CA SER D 46 -17.74 29.09 36.99
C SER D 46 -18.69 27.89 37.05
N LYS D 47 -18.86 27.37 38.26
CA LYS D 47 -19.75 26.24 38.51
C LYS D 47 -21.21 26.60 38.20
N ARG D 48 -21.60 27.82 38.58
CA ARG D 48 -22.99 28.26 38.53
C ARG D 48 -23.45 28.70 37.13
N GLN D 49 -22.51 29.09 36.29
CA GLN D 49 -22.85 29.50 34.93
C GLN D 49 -23.03 28.26 34.05
N ILE D 50 -22.40 27.18 34.47
CA ILE D 50 -22.47 25.92 33.75
C ILE D 50 -23.78 25.20 34.13
N GLN D 51 -24.13 25.29 35.40
CA GLN D 51 -25.40 24.77 35.90
C GLN D 51 -26.59 25.37 35.14
N ALA D 52 -26.53 26.68 34.89
CA ALA D 52 -27.58 27.36 34.15
C ALA D 52 -27.66 26.90 32.70
N ALA D 53 -26.50 26.82 32.05
CA ALA D 53 -26.43 26.41 30.64
C ALA D 53 -26.95 24.99 30.44
N TYR D 54 -26.77 24.15 31.47
CA TYR D 54 -27.29 22.79 31.49
C TYR D 54 -28.81 22.81 31.39
N SER D 55 -29.40 23.71 32.17
CA SER D 55 -30.85 23.86 32.21
C SER D 55 -31.39 24.40 30.88
N ILE D 56 -30.69 25.37 30.32
CA ILE D 56 -31.00 25.91 29.00
C ILE D 56 -30.99 24.80 27.94
N LEU D 57 -29.97 23.95 27.98
CA LEU D 57 -29.87 22.77 27.12
C LEU D 57 -31.05 21.81 27.27
N SER D 58 -31.40 21.51 28.53
CA SER D 58 -32.49 20.58 28.82
C SER D 58 -33.86 21.12 28.40
N GLU D 59 -33.95 22.44 28.24
CA GLU D 59 -35.17 23.06 27.73
C GLU D 59 -35.18 23.09 26.20
N VAL D 60 -34.03 22.85 25.57
CA VAL D 60 -33.99 22.72 24.12
C VAL D 60 -34.41 21.33 23.69
N GLN D 61 -33.82 20.30 24.29
CA GLN D 61 -34.18 18.92 23.96
C GLN D 61 -35.67 18.66 24.23
N GLN D 62 -36.22 19.40 25.20
CA GLN D 62 -37.67 19.37 25.45
C GLN D 62 -38.45 20.21 24.44
N ALA D 63 -37.76 21.16 23.80
CA ALA D 63 -38.38 21.95 22.73
C ALA D 63 -38.23 21.21 21.41
N VAL D 64 -37.45 20.13 21.44
CA VAL D 64 -37.37 19.19 20.32
C VAL D 64 -38.09 17.91 20.77
N SER D 65 -38.23 16.94 19.87
CA SER D 65 -39.07 15.77 20.10
C SER D 65 -40.51 16.20 20.35
N GLN D 66 -40.72 16.87 21.48
CA GLN D 66 -41.97 17.54 21.80
C GLN D 66 -42.35 18.54 20.69
N GLY D 67 -41.35 18.95 19.91
CA GLY D 67 -41.56 19.71 18.69
C GLY D 67 -42.08 21.12 18.87
N SER D 68 -41.31 21.97 19.57
CA SER D 68 -41.71 23.35 19.80
C SER D 68 -41.59 24.20 18.54
N SER D 69 -42.28 25.34 18.54
CA SER D 69 -42.52 26.11 17.31
C SER D 69 -41.43 27.10 16.91
N ASP D 70 -40.20 26.61 16.78
CA ASP D 70 -39.06 27.45 16.39
C ASP D 70 -39.03 28.73 17.22
N SER D 71 -38.75 29.86 16.56
CA SER D 71 -38.86 31.20 17.15
C SER D 71 -38.39 31.33 18.60
N GLN D 72 -39.13 30.72 19.53
CA GLN D 72 -38.71 30.66 20.93
C GLN D 72 -37.53 29.70 21.08
N ILE D 73 -37.53 28.64 20.28
CA ILE D 73 -36.39 27.70 20.19
C ILE D 73 -35.17 28.44 19.67
N LEU D 74 -35.38 29.26 18.65
CA LEU D 74 -34.35 30.10 18.08
C LEU D 74 -33.75 31.00 19.17
N ASP D 75 -34.55 31.35 20.17
CA ASP D 75 -34.06 32.16 21.27
C ASP D 75 -33.66 31.30 22.48
N LEU D 76 -33.79 30.00 22.35
CA LEU D 76 -33.20 29.13 23.35
C LEU D 76 -31.71 29.03 23.03
N SER D 77 -31.40 28.75 21.75
CA SER D 77 -30.03 28.67 21.26
C SER D 77 -29.24 29.95 21.55
N ASN D 78 -29.89 31.09 21.36
CA ASN D 78 -29.27 32.39 21.62
C ASN D 78 -28.86 32.57 23.08
N ARG D 79 -29.66 32.05 24.00
CA ARG D 79 -29.34 32.18 25.40
C ARG D 79 -28.14 31.30 25.75
N PHE D 80 -27.98 30.21 25.02
CA PHE D 80 -26.88 29.27 25.26
C PHE D 80 -25.53 29.86 24.81
N TYR D 81 -25.51 30.46 23.62
CA TYR D 81 -24.27 31.01 23.10
C TYR D 81 -23.86 32.34 23.76
N THR D 82 -24.83 33.05 24.34
CA THR D 82 -24.47 34.26 25.10
C THR D 82 -23.89 33.89 26.48
N LEU D 83 -24.52 32.94 27.16
CA LEU D 83 -24.02 32.47 28.45
C LEU D 83 -22.65 31.85 28.25
N ILE D 84 -22.50 31.10 27.14
CA ILE D 84 -21.25 30.44 26.79
C ILE D 84 -20.79 30.87 25.38
N PRO D 85 -19.99 31.96 25.31
CA PRO D 85 -19.50 32.57 24.07
C PRO D 85 -18.65 31.66 23.19
N HIS D 86 -19.08 31.45 21.95
CA HIS D 86 -18.30 30.70 20.98
C HIS D 86 -17.85 31.64 19.88
N ASP D 87 -17.23 31.07 18.84
CA ASP D 87 -16.68 31.88 17.75
C ASP D 87 -16.89 31.20 16.40
N ASN D 97 -30.13 22.31 17.04
CA ASN D 97 -31.52 22.03 17.39
C ASN D 97 -31.80 20.59 17.83
N ASN D 98 -31.56 19.62 16.94
CA ASN D 98 -31.88 18.23 17.25
C ASN D 98 -30.87 17.51 18.17
N ALA D 99 -31.28 16.36 18.69
CA ALA D 99 -30.66 15.74 19.86
C ALA D 99 -29.14 15.51 19.81
N ASP D 100 -28.66 14.95 18.70
CA ASP D 100 -27.23 14.70 18.49
C ASP D 100 -26.42 15.94 18.83
N SER D 101 -26.87 17.09 18.34
CA SER D 101 -26.22 18.37 18.61
C SER D 101 -26.42 18.86 20.05
N VAL D 102 -27.66 18.84 20.54
CA VAL D 102 -27.95 19.28 21.90
C VAL D 102 -27.13 18.49 22.93
N GLN D 103 -26.91 17.21 22.64
CA GLN D 103 -26.19 16.32 23.54
C GLN D 103 -24.70 16.66 23.53
N ALA D 104 -24.18 17.00 22.35
CA ALA D 104 -22.78 17.40 22.19
C ALA D 104 -22.41 18.49 23.20
N LYS D 105 -23.25 19.52 23.28
CA LYS D 105 -23.01 20.64 24.18
C LYS D 105 -22.99 20.20 25.65
N ALA D 106 -23.76 19.16 25.97
CA ALA D 106 -23.82 18.62 27.32
C ALA D 106 -22.49 17.96 27.71
N GLU D 107 -21.96 17.13 26.81
CA GLU D 107 -20.63 16.57 26.97
C GLU D 107 -19.59 17.69 27.14
N MET D 108 -19.64 18.69 26.27
CA MET D 108 -18.77 19.88 26.39
C MET D 108 -18.90 20.49 27.79
N LEU D 109 -20.13 20.57 28.29
CA LEU D 109 -20.37 21.16 29.60
C LEU D 109 -19.87 20.25 30.74
N ASP D 110 -19.93 18.95 30.53
CA ASP D 110 -19.40 17.99 31.50
C ASP D 110 -17.86 18.05 31.54
N ASN D 111 -17.26 18.08 30.35
CA ASN D 111 -15.84 18.40 30.16
C ASN D 111 -15.52 19.73 30.85
N LEU D 112 -16.26 20.78 30.49
CA LEU D 112 -16.07 22.12 31.04
C LEU D 112 -16.05 22.16 32.56
N LEU D 113 -17.05 21.53 33.18
CA LEU D 113 -17.11 21.39 34.63
C LEU D 113 -15.80 20.85 35.19
N ASP D 114 -15.17 19.95 34.44
CA ASP D 114 -13.96 19.28 34.91
C ASP D 114 -12.70 20.14 34.77
N ILE D 115 -12.56 20.84 33.66
CA ILE D 115 -11.40 21.71 33.48
C ILE D 115 -11.49 22.93 34.41
N GLU D 116 -12.71 23.26 34.82
CA GLU D 116 -12.92 24.31 35.81
C GLU D 116 -12.30 23.88 37.14
N VAL D 117 -12.71 22.71 37.62
CA VAL D 117 -12.18 22.13 38.86
C VAL D 117 -10.66 22.01 38.80
N ALA D 118 -10.15 21.64 37.63
CA ALA D 118 -8.72 21.48 37.43
C ALA D 118 -8.04 22.83 37.61
N TYR D 119 -8.43 23.79 36.78
CA TYR D 119 -7.79 25.10 36.74
C TYR D 119 -7.89 25.87 38.06
N SER D 120 -8.76 25.43 38.98
CA SER D 120 -8.84 26.03 40.32
C SER D 120 -7.64 25.65 41.19
N LEU D 121 -6.85 24.69 40.73
CA LEU D 121 -5.76 24.15 41.51
C LEU D 121 -4.54 23.89 40.63
N PRO D 133 7.69 22.17 42.62
CA PRO D 133 6.27 22.55 42.57
C PRO D 133 5.41 21.38 42.10
N ILE D 134 6.04 20.37 41.54
CA ILE D 134 5.34 19.17 41.08
C ILE D 134 4.86 18.36 42.28
N ASP D 135 5.53 18.56 43.42
CA ASP D 135 5.07 18.00 44.68
C ASP D 135 3.88 18.79 45.18
N VAL D 136 3.82 20.07 44.82
CA VAL D 136 2.72 20.95 45.19
C VAL D 136 1.47 20.55 44.41
N ASN D 137 1.68 20.19 43.14
CA ASN D 137 0.62 19.68 42.28
C ASN D 137 0.49 18.16 42.40
N TYR D 138 0.38 17.70 43.64
CA TYR D 138 0.21 16.29 43.94
C TYR D 138 -0.68 16.17 45.17
N GLU D 139 -0.47 17.07 46.13
CA GLU D 139 -1.32 17.13 47.31
C GLU D 139 -2.70 17.61 46.88
N LYS D 140 -2.73 18.27 45.73
CA LYS D 140 -3.95 18.87 45.19
C LYS D 140 -4.94 17.81 44.68
N LEU D 141 -4.40 16.65 44.33
CA LEU D 141 -5.19 15.53 43.87
C LEU D 141 -5.66 14.67 45.03
N LYS D 142 -5.20 14.98 46.23
CA LYS D 142 -5.56 14.23 47.46
C LYS D 142 -5.59 12.70 47.29
N THR D 143 -4.67 12.20 46.46
CA THR D 143 -4.65 10.79 46.06
C THR D 143 -3.25 10.18 46.20
N ASP D 144 -3.17 9.10 46.97
CA ASP D 144 -1.94 8.35 47.09
C ASP D 144 -1.66 7.58 45.79
N ILE D 145 -0.57 7.93 45.11
CA ILE D 145 -0.18 7.26 43.87
C ILE D 145 1.11 6.47 44.06
N LYS D 146 1.20 5.31 43.42
CA LYS D 146 2.40 4.49 43.48
C LYS D 146 2.57 3.80 42.15
N VAL D 147 3.81 3.71 41.69
CA VAL D 147 4.10 3.10 40.41
C VAL D 147 4.15 1.58 40.57
N VAL D 148 3.26 0.88 39.88
CA VAL D 148 3.30 -0.57 39.85
C VAL D 148 4.45 -0.99 38.95
N ASP D 149 5.37 -1.80 39.48
CA ASP D 149 6.59 -2.15 38.76
C ASP D 149 6.32 -2.81 37.42
N ARG D 150 6.99 -2.28 36.39
CA ARG D 150 6.84 -2.73 35.00
C ARG D 150 6.84 -4.25 34.86
N ASP D 151 7.63 -4.91 35.70
CA ASP D 151 7.77 -6.37 35.65
C ASP D 151 7.37 -6.97 36.99
N SER D 152 6.11 -7.35 37.10
CA SER D 152 5.58 -7.91 38.33
C SER D 152 4.42 -8.85 38.05
N GLU D 153 4.12 -9.68 39.04
CA GLU D 153 2.95 -10.56 39.00
C GLU D 153 1.67 -9.72 39.05
N GLU D 154 1.84 -8.41 39.14
CA GLU D 154 0.73 -7.48 39.26
C GLU D 154 0.48 -6.79 37.92
N ALA D 155 1.55 -6.37 37.26
CA ALA D 155 1.44 -5.68 35.98
C ALA D 155 1.15 -6.67 34.84
N GLU D 156 1.66 -7.89 34.97
CA GLU D 156 1.42 -8.95 33.98
C GLU D 156 -0.07 -9.19 33.73
N ILE D 157 -0.87 -9.02 34.78
CA ILE D 157 -2.31 -9.25 34.71
C ILE D 157 -3.03 -8.03 34.11
N ILE D 158 -2.56 -6.84 34.44
CA ILE D 158 -3.18 -5.65 33.91
C ILE D 158 -2.85 -5.50 32.43
N ARG D 159 -1.55 -5.50 32.11
CA ARG D 159 -1.10 -5.35 30.74
C ARG D 159 -1.73 -6.40 29.83
N LYS D 160 -2.11 -7.54 30.42
CA LYS D 160 -2.84 -8.57 29.72
C LYS D 160 -4.29 -8.16 29.52
N TYR D 161 -4.94 -7.73 30.61
CA TYR D 161 -6.30 -7.20 30.58
C TYR D 161 -6.38 -6.16 29.47
N VAL D 162 -5.50 -5.17 29.54
CA VAL D 162 -5.45 -4.05 28.59
C VAL D 162 -5.12 -4.48 27.16
N LYS D 163 -4.90 -5.78 26.96
CA LYS D 163 -4.45 -6.31 25.67
C LYS D 163 -5.26 -7.55 25.27
N ASN D 164 -5.83 -8.23 26.27
CA ASN D 164 -6.67 -9.40 26.02
C ASN D 164 -8.10 -9.03 25.67
N THR D 165 -8.48 -7.78 25.93
CA THR D 165 -9.86 -7.33 25.73
C THR D 165 -9.95 -6.12 24.81
N HIS D 166 -8.87 -5.81 24.11
CA HIS D 166 -8.92 -4.77 23.09
C HIS D 166 -9.75 -5.25 21.91
N ALA D 167 -10.62 -4.39 21.39
CA ALA D 167 -11.41 -4.73 20.22
C ALA D 167 -10.70 -4.30 18.93
N THR D 168 -10.00 -5.25 18.32
CA THR D 168 -9.55 -5.10 16.93
C THR D 168 -10.78 -5.43 16.09
N THR D 169 -11.71 -6.17 16.70
CA THR D 169 -13.02 -6.46 16.12
C THR D 169 -13.78 -5.17 15.84
N HIS D 170 -13.28 -4.06 16.38
CA HIS D 170 -13.58 -2.73 15.88
C HIS D 170 -12.30 -1.92 15.99
N ASN D 171 -11.47 -2.04 14.96
CA ASN D 171 -10.11 -1.52 14.96
C ASN D 171 -10.00 -0.16 14.31
N ALA D 172 -9.11 0.66 14.87
CA ALA D 172 -8.86 1.98 14.34
C ALA D 172 -7.52 2.41 14.89
N TYR D 173 -7.25 1.94 16.10
CA TYR D 173 -6.01 2.27 16.77
C TYR D 173 -5.40 1.07 17.47
N ASP D 174 -4.08 1.13 17.63
CA ASP D 174 -3.38 0.27 18.54
C ASP D 174 -2.92 1.15 19.69
N LEU D 175 -2.99 0.61 20.91
CA LEU D 175 -2.59 1.37 22.08
C LEU D 175 -1.84 0.48 23.07
N GLU D 176 -1.03 1.08 23.92
CA GLU D 176 -0.09 0.32 24.72
C GLU D 176 0.16 0.93 26.10
N VAL D 177 0.37 0.05 27.07
CA VAL D 177 0.57 0.42 28.48
C VAL D 177 1.88 1.18 28.70
N ILE D 178 1.82 2.49 28.69
CA ILE D 178 3.00 3.28 29.05
C ILE D 178 3.30 3.16 30.54
N ASP D 179 2.28 3.31 31.37
CA ASP D 179 2.44 3.22 32.83
C ASP D 179 1.19 2.66 33.51
N ILE D 180 1.39 1.94 34.61
CA ILE D 180 0.28 1.49 35.43
C ILE D 180 0.46 1.94 36.88
N PHE D 181 -0.46 2.78 37.35
CA PHE D 181 -0.39 3.33 38.70
C PHE D 181 -1.39 2.64 39.63
N LYS D 182 -0.98 2.43 40.88
CA LYS D 182 -1.91 1.96 41.90
C LYS D 182 -2.35 3.16 42.73
N ILE D 183 -3.66 3.43 42.75
CA ILE D 183 -4.13 4.64 43.40
C ILE D 183 -5.07 4.39 44.54
N GLU D 184 -5.30 5.44 45.31
CA GLU D 184 -5.90 5.34 46.62
C GLU D 184 -6.45 6.72 46.89
N ARG D 185 -7.77 6.85 46.86
CA ARG D 185 -8.39 8.15 47.06
C ARG D 185 -8.76 8.35 48.52
N GLU D 186 -8.35 9.49 49.04
CA GLU D 186 -8.63 9.88 50.40
C GLU D 186 -10.14 9.87 50.65
N GLY D 187 -10.59 9.04 51.58
CA GLY D 187 -11.99 8.96 51.92
C GLY D 187 -12.65 7.70 51.36
N GLU D 188 -12.09 7.19 50.28
CA GLU D 188 -12.78 6.18 49.49
C GLU D 188 -12.88 4.82 50.18
N CYS D 189 -11.83 4.44 50.90
CA CYS D 189 -11.83 3.17 51.68
C CYS D 189 -12.95 3.17 52.71
N GLN D 190 -13.15 4.32 53.36
CA GLN D 190 -14.19 4.47 54.36
C GLN D 190 -15.55 4.43 53.68
N ARG D 191 -15.67 5.21 52.61
CA ARG D 191 -16.92 5.26 51.83
C ARG D 191 -17.35 3.90 51.29
N TYR D 192 -16.40 3.10 50.82
CA TYR D 192 -16.70 1.83 50.14
C TYR D 192 -17.01 0.71 51.09
N LYS D 193 -16.51 0.85 52.32
CA LYS D 193 -16.70 -0.13 53.39
C LYS D 193 -18.09 -0.82 53.44
N PRO D 194 -19.19 -0.04 53.32
CA PRO D 194 -20.52 -0.66 53.33
C PRO D 194 -20.77 -1.68 52.22
N PHE D 195 -20.02 -1.58 51.13
CA PHE D 195 -20.18 -2.49 49.98
C PHE D 195 -19.03 -3.45 49.82
N LYS D 196 -18.00 -3.25 50.64
CA LYS D 196 -16.79 -4.07 50.67
C LYS D 196 -17.17 -5.53 50.67
N GLN D 197 -18.19 -5.87 51.46
CA GLN D 197 -18.52 -7.27 51.71
C GLN D 197 -19.73 -7.72 50.90
N LEU D 198 -19.87 -7.19 49.69
CA LEU D 198 -20.98 -7.52 48.82
C LEU D 198 -20.50 -8.48 47.72
N HIS D 199 -21.38 -9.37 47.28
CA HIS D 199 -21.07 -10.33 46.21
C HIS D 199 -20.79 -9.64 44.86
N ASN D 200 -20.16 -10.36 43.94
CA ASN D 200 -19.93 -9.87 42.56
C ASN D 200 -19.23 -8.49 42.45
N ARG D 201 -17.97 -8.45 42.84
CA ARG D 201 -17.21 -7.23 42.74
C ARG D 201 -16.22 -7.44 41.63
N ARG D 202 -16.20 -6.50 40.69
CA ARG D 202 -15.39 -6.69 39.51
C ARG D 202 -14.45 -5.52 39.29
N LEU D 203 -13.37 -5.79 38.58
CA LEU D 203 -12.42 -4.78 38.19
C LEU D 203 -12.76 -4.38 36.75
N LEU D 204 -13.29 -3.17 36.59
CA LEU D 204 -13.84 -2.71 35.32
C LEU D 204 -13.15 -1.43 34.88
N TRP D 205 -13.23 -1.12 33.59
CA TRP D 205 -12.61 0.09 33.05
C TRP D 205 -13.53 1.27 33.11
N HIS D 206 -12.95 2.45 33.29
CA HIS D 206 -13.68 3.70 33.06
C HIS D 206 -12.77 4.65 32.29
N GLY D 207 -13.18 5.02 31.08
CA GLY D 207 -12.42 5.94 30.26
C GLY D 207 -12.92 7.37 30.38
N SER D 208 -11.99 8.31 30.27
CA SER D 208 -12.33 9.73 30.33
C SER D 208 -11.24 10.52 29.61
N ARG D 209 -11.47 11.82 29.43
CA ARG D 209 -10.48 12.71 28.82
C ARG D 209 -9.44 13.03 29.88
N THR D 210 -8.24 13.43 29.44
CA THR D 210 -7.15 13.67 30.37
C THR D 210 -7.37 14.97 31.15
N THR D 211 -8.02 15.93 30.50
CA THR D 211 -8.36 17.19 31.14
C THR D 211 -9.25 17.01 32.38
N ASN D 212 -9.99 15.89 32.42
CA ASN D 212 -10.88 15.61 33.54
C ASN D 212 -10.23 14.83 34.70
N PHE D 213 -9.10 14.19 34.44
CA PHE D 213 -8.51 13.31 35.46
C PHE D 213 -8.07 14.02 36.74
N ALA D 214 -7.77 15.32 36.65
CA ALA D 214 -7.46 16.08 37.85
C ALA D 214 -8.72 16.24 38.69
N GLY D 215 -9.88 16.16 38.04
CA GLY D 215 -11.16 16.25 38.73
C GLY D 215 -11.61 14.93 39.31
N ILE D 216 -11.39 13.85 38.55
CA ILE D 216 -11.79 12.51 39.00
C ILE D 216 -10.99 12.06 40.23
N LEU D 217 -9.66 12.12 40.12
CA LEU D 217 -8.77 11.85 41.25
C LEU D 217 -9.12 12.71 42.45
N SER D 218 -9.43 13.96 42.22
CA SER D 218 -9.79 14.87 43.31
C SER D 218 -11.13 14.56 44.00
N GLN D 219 -12.17 14.30 43.20
CA GLN D 219 -13.53 14.18 43.73
C GLN D 219 -14.14 12.79 43.61
N GLY D 220 -13.51 11.91 42.84
CA GLY D 220 -14.07 10.60 42.59
C GLY D 220 -14.93 10.71 41.35
N LEU D 221 -15.36 9.56 40.82
CA LEU D 221 -16.36 9.52 39.75
C LEU D 221 -17.67 10.03 40.35
N ARG D 222 -18.28 11.02 39.73
CA ARG D 222 -19.49 11.62 40.32
C ARG D 222 -20.70 11.44 39.38
N ILE D 223 -21.89 11.33 39.95
CA ILE D 223 -23.13 11.21 39.18
C ILE D 223 -23.51 12.56 38.56
N ALA D 224 -24.18 12.53 37.41
CA ALA D 224 -24.62 13.75 36.74
C ALA D 224 -25.60 14.59 37.56
N PRO D 225 -25.43 15.92 37.51
CA PRO D 225 -26.41 16.88 38.07
C PRO D 225 -27.80 16.72 37.42
N PRO D 226 -28.86 17.07 38.15
CA PRO D 226 -30.24 16.93 37.66
C PRO D 226 -30.51 17.76 36.40
N GLU D 227 -29.80 18.88 36.28
CA GLU D 227 -29.98 19.82 35.16
C GLU D 227 -29.52 19.27 33.82
N ALA D 228 -28.51 18.41 33.83
CA ALA D 228 -27.96 17.87 32.59
C ALA D 228 -29.03 17.14 31.77
N PRO D 229 -29.03 17.36 30.44
CA PRO D 229 -29.94 16.70 29.50
C PRO D 229 -29.91 15.18 29.62
N VAL D 230 -31.04 14.55 29.29
CA VAL D 230 -31.24 13.13 29.48
C VAL D 230 -30.41 12.27 28.50
N THR D 231 -30.24 12.77 27.28
CA THR D 231 -29.68 12.02 26.14
C THR D 231 -28.26 11.47 26.34
N GLY D 232 -27.98 10.29 25.79
CA GLY D 232 -26.65 9.71 25.89
C GLY D 232 -26.40 9.01 27.21
N TYR D 233 -27.17 9.38 28.23
CA TYR D 233 -27.26 8.59 29.45
C TYR D 233 -28.15 7.36 29.15
N MET D 234 -27.56 6.34 28.52
CA MET D 234 -28.32 5.19 28.04
C MET D 234 -29.09 4.45 29.13
N PHE D 235 -28.52 4.40 30.33
CA PHE D 235 -29.20 3.72 31.42
C PHE D 235 -29.44 4.65 32.60
N GLY D 236 -29.64 5.93 32.33
CA GLY D 236 -29.90 6.88 33.39
C GLY D 236 -28.63 7.46 33.98
N LYS D 237 -28.81 8.34 34.97
CA LYS D 237 -27.70 9.04 35.64
C LYS D 237 -26.98 8.21 36.72
N GLY D 238 -25.83 7.66 36.35
CA GLY D 238 -25.05 6.80 37.21
C GLY D 238 -23.61 6.83 36.74
N ILE D 239 -22.81 5.91 37.23
CA ILE D 239 -21.42 5.85 36.79
C ILE D 239 -21.23 4.59 35.97
N TYR D 240 -20.57 4.74 34.82
CA TYR D 240 -20.56 3.70 33.78
C TYR D 240 -19.19 3.05 33.64
N PHE D 241 -19.16 1.74 33.48
CA PHE D 241 -17.92 1.01 33.37
C PHE D 241 -18.03 -0.01 32.24
N ALA D 242 -16.91 -0.56 31.79
CA ALA D 242 -16.93 -1.58 30.74
C ALA D 242 -15.95 -2.70 31.04
N ASP D 243 -16.20 -3.90 30.51
CA ASP D 243 -15.23 -4.98 30.62
C ASP D 243 -14.33 -5.12 29.39
N MET D 244 -14.66 -4.42 28.31
CA MET D 244 -13.79 -4.36 27.14
C MET D 244 -13.01 -3.07 27.17
N VAL D 245 -11.69 -3.17 27.29
CA VAL D 245 -10.83 -2.00 27.50
C VAL D 245 -11.04 -0.87 26.49
N SER D 246 -11.32 -1.23 25.24
CA SER D 246 -11.45 -0.20 24.19
C SER D 246 -12.80 0.53 24.20
N LYS D 247 -13.85 -0.18 24.63
CA LYS D 247 -15.15 0.45 24.79
C LYS D 247 -15.04 1.64 25.72
N SER D 248 -14.19 1.49 26.74
CA SER D 248 -13.91 2.57 27.68
C SER D 248 -12.82 3.47 27.14
N ALA D 249 -11.95 2.89 26.31
CA ALA D 249 -10.82 3.63 25.80
C ALA D 249 -11.29 4.59 24.70
N ASN D 250 -12.43 4.31 24.11
CA ASN D 250 -13.00 5.22 23.12
C ASN D 250 -13.19 6.61 23.73
N TYR D 251 -13.70 6.64 24.96
CA TYR D 251 -14.02 7.89 25.63
C TYR D 251 -12.79 8.62 26.11
N CYS D 252 -11.62 8.07 25.81
CA CYS D 252 -10.38 8.76 26.08
C CYS D 252 -10.25 9.93 25.13
N HIS D 253 -10.85 9.76 23.95
CA HIS D 253 -10.71 10.71 22.87
C HIS D 253 -9.23 10.95 22.53
N THR D 254 -8.64 9.93 21.93
CA THR D 254 -7.30 10.00 21.39
C THR D 254 -7.43 9.90 19.87
N SER D 255 -6.30 9.93 19.17
CA SER D 255 -6.32 10.02 17.71
C SER D 255 -5.08 9.40 17.09
N GLN D 256 -4.40 10.21 16.29
CA GLN D 256 -3.03 9.94 15.86
C GLN D 256 -2.25 11.21 16.17
N GLY D 257 -2.98 12.33 16.26
CA GLY D 257 -2.40 13.61 16.63
C GLY D 257 -2.06 13.63 18.10
N ASP D 258 -2.73 12.75 18.85
CA ASP D 258 -2.40 12.50 20.25
C ASP D 258 -2.89 11.11 20.64
N PRO D 259 -1.98 10.11 20.62
CA PRO D 259 -2.31 8.68 20.82
C PRO D 259 -2.09 8.20 22.26
N ILE D 260 -1.90 9.13 23.19
CA ILE D 260 -1.75 8.79 24.60
C ILE D 260 -2.89 9.38 25.46
N GLY D 261 -3.65 8.49 26.09
CA GLY D 261 -4.72 8.89 26.99
C GLY D 261 -4.58 8.25 28.35
N LEU D 262 -5.64 8.31 29.17
CA LEU D 262 -5.61 7.80 30.53
C LEU D 262 -6.90 7.06 30.83
N ILE D 263 -6.83 6.00 31.62
CA ILE D 263 -8.00 5.17 31.92
C ILE D 263 -7.95 4.70 33.36
N LEU D 264 -9.10 4.24 33.87
CA LEU D 264 -9.21 3.76 35.23
C LEU D 264 -9.51 2.27 35.30
N LEU D 265 -8.97 1.62 36.32
CA LEU D 265 -9.44 0.32 36.73
C LEU D 265 -10.04 0.49 38.12
N GLY D 266 -11.34 0.31 38.22
CA GLY D 266 -12.01 0.42 39.50
C GLY D 266 -12.58 -0.90 39.99
N GLU D 267 -12.47 -1.15 41.28
CA GLU D 267 -13.32 -2.16 41.86
C GLU D 267 -14.73 -1.59 42.02
N VAL D 268 -15.71 -2.27 41.45
CA VAL D 268 -17.08 -1.85 41.61
C VAL D 268 -17.95 -3.00 42.13
N ALA D 269 -18.79 -2.71 43.12
CA ALA D 269 -19.58 -3.74 43.77
C ALA D 269 -20.96 -3.84 43.11
N LEU D 270 -21.08 -4.72 42.13
CA LEU D 270 -22.28 -4.79 41.31
C LEU D 270 -23.39 -5.55 42.04
N GLY D 271 -23.03 -6.64 42.72
CA GLY D 271 -24.01 -7.41 43.47
C GLY D 271 -25.01 -8.14 42.59
N ASN D 272 -26.30 -7.88 42.80
CA ASN D 272 -27.33 -8.45 41.95
C ASN D 272 -27.54 -7.54 40.74
N MET D 273 -27.04 -7.96 39.59
CA MET D 273 -27.07 -7.12 38.39
C MET D 273 -28.44 -7.10 37.69
N TYR D 274 -29.10 -5.95 37.67
CA TYR D 274 -30.30 -5.77 36.83
C TYR D 274 -29.89 -5.78 35.34
N GLU D 275 -29.98 -6.96 34.72
CA GLU D 275 -29.50 -7.11 33.34
C GLU D 275 -30.46 -6.54 32.29
N LEU D 276 -29.93 -5.81 31.31
CA LEU D 276 -30.75 -5.17 30.28
C LEU D 276 -30.18 -5.36 28.89
N LYS D 277 -31.08 -5.48 27.91
CA LYS D 277 -30.69 -5.60 26.51
C LYS D 277 -30.96 -4.32 25.73
N HIS D 278 -31.84 -3.45 26.26
CA HIS D 278 -31.91 -2.07 25.77
C HIS D 278 -32.05 -0.96 26.83
N ALA D 279 -31.83 0.28 26.38
CA ALA D 279 -31.97 1.51 27.16
C ALA D 279 -33.18 1.57 28.08
N SER D 280 -32.95 2.10 29.28
CA SER D 280 -34.00 2.38 30.25
C SER D 280 -33.50 3.49 31.16
N HIS D 281 -34.28 4.55 31.32
CA HIS D 281 -33.81 5.68 32.09
C HIS D 281 -34.06 5.48 33.57
N ILE D 282 -33.22 4.66 34.20
CA ILE D 282 -33.37 4.27 35.61
C ILE D 282 -33.46 5.42 36.60
N SER D 283 -34.62 5.65 37.19
CA SER D 283 -34.73 6.56 38.33
C SER D 283 -34.26 5.86 39.59
N LYS D 284 -34.93 4.77 39.95
CA LYS D 284 -34.48 3.93 41.05
C LYS D 284 -34.50 2.45 40.67
N LEU D 285 -33.43 1.75 40.99
CA LEU D 285 -33.28 0.35 40.65
C LEU D 285 -34.44 -0.45 41.24
N PRO D 286 -34.69 -1.66 40.70
CA PRO D 286 -35.56 -2.60 41.40
C PRO D 286 -34.94 -2.96 42.75
N LYS D 287 -35.74 -2.91 43.82
CA LYS D 287 -35.35 -3.35 45.17
C LYS D 287 -34.64 -4.68 45.13
N GLY D 288 -33.44 -4.74 45.72
CA GLY D 288 -32.67 -5.97 45.73
C GLY D 288 -31.59 -6.05 44.67
N LYS D 289 -31.53 -5.06 43.79
CA LYS D 289 -30.46 -4.95 42.78
C LYS D 289 -29.60 -3.74 43.11
N HIS D 290 -28.33 -3.79 42.74
CA HIS D 290 -27.38 -2.75 43.16
C HIS D 290 -26.70 -2.12 41.98
N SER D 291 -26.93 -2.69 40.81
CA SER D 291 -26.31 -2.21 39.60
C SER D 291 -27.14 -2.63 38.38
N VAL D 292 -26.95 -1.94 37.26
CA VAL D 292 -27.46 -2.40 35.99
C VAL D 292 -26.32 -2.96 35.17
N LYS D 293 -26.47 -4.21 34.69
CA LYS D 293 -25.63 -4.70 33.61
C LYS D 293 -26.37 -4.54 32.28
N GLY D 294 -25.67 -3.99 31.29
CA GLY D 294 -26.19 -3.89 29.94
C GLY D 294 -25.51 -4.91 29.06
N LEU D 295 -26.28 -5.88 28.58
CA LEU D 295 -25.70 -7.05 27.92
C LEU D 295 -25.25 -6.79 26.49
N GLY D 296 -24.04 -7.21 26.16
CA GLY D 296 -23.50 -6.98 24.83
C GLY D 296 -23.44 -8.19 23.88
N LYS D 297 -22.91 -7.97 22.68
CA LYS D 297 -22.83 -9.06 21.71
C LYS D 297 -21.72 -10.03 22.12
N THR D 298 -20.50 -9.51 22.07
CA THR D 298 -19.30 -10.23 22.51
C THR D 298 -19.01 -10.00 24.01
N THR D 299 -18.41 -11.00 24.65
CA THR D 299 -18.05 -10.92 26.05
C THR D 299 -16.57 -11.25 26.31
N PRO D 300 -16.06 -10.86 27.49
CA PRO D 300 -14.86 -11.51 28.00
C PRO D 300 -15.23 -12.89 28.52
N ASP D 301 -14.51 -13.89 28.06
CA ASP D 301 -14.86 -15.29 28.29
C ASP D 301 -14.69 -15.69 29.75
N PRO D 302 -15.76 -16.21 30.36
CA PRO D 302 -15.68 -16.80 31.71
C PRO D 302 -14.49 -17.75 31.88
N SER D 303 -14.18 -18.54 30.87
CA SER D 303 -13.16 -19.58 31.02
C SER D 303 -11.77 -19.03 31.35
N ALA D 304 -11.57 -17.73 31.10
CA ALA D 304 -10.30 -17.08 31.43
C ALA D 304 -10.49 -15.94 32.43
N ASN D 305 -11.58 -15.99 33.20
CA ASN D 305 -11.83 -15.04 34.28
C ASN D 305 -10.87 -15.30 35.44
N ILE D 306 -10.03 -14.31 35.76
CA ILE D 306 -9.06 -14.45 36.85
C ILE D 306 -9.35 -13.53 38.07
N SER D 307 -8.80 -13.87 39.23
CA SER D 307 -9.00 -13.10 40.46
C SER D 307 -7.69 -12.65 41.09
N LEU D 308 -7.69 -11.50 41.74
CA LEU D 308 -6.55 -11.12 42.60
C LEU D 308 -6.93 -11.06 44.08
N ASP D 309 -6.71 -9.91 44.72
CA ASP D 309 -7.13 -9.69 46.10
C ASP D 309 -8.65 -9.84 46.32
N GLY D 310 -9.24 -10.87 45.73
CA GLY D 310 -10.66 -11.16 45.89
C GLY D 310 -11.61 -10.39 44.99
N VAL D 311 -11.08 -9.84 43.90
CA VAL D 311 -11.93 -9.11 42.95
C VAL D 311 -11.88 -9.80 41.60
N ASP D 312 -13.04 -10.05 41.03
CA ASP D 312 -13.11 -10.71 39.73
C ASP D 312 -12.61 -9.78 38.63
N VAL D 313 -11.71 -10.30 37.79
CA VAL D 313 -11.12 -9.56 36.69
C VAL D 313 -11.30 -10.31 35.38
N PRO D 314 -12.19 -9.82 34.51
CA PRO D 314 -12.49 -10.54 33.26
C PRO D 314 -11.54 -10.15 32.14
N LEU D 315 -10.33 -10.72 32.16
CA LEU D 315 -9.46 -10.64 31.01
C LEU D 315 -9.75 -11.86 30.13
N GLY D 316 -10.92 -12.45 30.32
CA GLY D 316 -11.39 -13.55 29.50
C GLY D 316 -11.43 -13.13 28.05
N THR D 317 -11.03 -14.03 27.15
CA THR D 317 -10.80 -13.69 25.75
C THR D 317 -12.06 -13.16 25.04
N GLY D 318 -11.89 -12.05 24.33
CA GLY D 318 -13.01 -11.35 23.70
C GLY D 318 -13.80 -12.20 22.74
N ILE D 319 -14.46 -13.24 23.26
CA ILE D 319 -15.18 -14.19 22.40
C ILE D 319 -16.70 -14.12 22.52
N SER D 320 -17.35 -14.04 21.36
CA SER D 320 -18.80 -13.94 21.24
C SER D 320 -19.56 -15.03 22.02
N SER D 321 -20.01 -14.70 23.22
CA SER D 321 -21.05 -15.50 23.85
C SER D 321 -22.32 -14.78 23.52
N GLY D 322 -23.12 -14.48 24.56
CA GLY D 322 -24.21 -13.53 24.48
C GLY D 322 -25.24 -13.63 23.36
N VAL D 323 -26.50 -13.73 23.73
CA VAL D 323 -27.57 -13.72 22.75
C VAL D 323 -27.57 -12.37 22.02
N ASN D 324 -28.22 -12.32 20.86
CA ASN D 324 -28.14 -11.15 19.97
C ASN D 324 -29.34 -10.21 19.94
N ASP D 325 -30.47 -10.60 20.53
CA ASP D 325 -31.60 -9.67 20.74
C ASP D 325 -31.23 -8.54 21.72
N THR D 326 -30.09 -7.90 21.46
CA THR D 326 -29.61 -6.80 22.28
C THR D 326 -29.05 -5.65 21.46
N SER D 327 -29.23 -4.44 21.98
CA SER D 327 -28.79 -3.22 21.34
C SER D 327 -27.34 -2.91 21.69
N LEU D 328 -26.57 -3.90 22.12
CA LEU D 328 -25.20 -3.63 22.56
C LEU D 328 -24.10 -4.47 21.95
N LEU D 329 -23.03 -3.80 21.53
CA LEU D 329 -21.86 -4.49 21.00
C LEU D 329 -21.08 -5.18 22.13
N TYR D 330 -20.80 -4.43 23.20
CA TYR D 330 -20.13 -4.98 24.37
C TYR D 330 -20.95 -4.72 25.63
N ASN D 331 -20.62 -5.43 26.72
CA ASN D 331 -21.30 -5.20 28.00
C ASN D 331 -21.02 -3.81 28.55
N GLU D 332 -21.84 -3.36 29.48
CA GLU D 332 -21.50 -2.19 30.29
C GLU D 332 -22.22 -2.23 31.64
N TYR D 333 -21.57 -1.71 32.67
CA TYR D 333 -22.11 -1.79 34.02
C TYR D 333 -22.27 -0.40 34.62
N ILE D 334 -23.39 -0.19 35.30
CA ILE D 334 -23.73 1.12 35.85
C ILE D 334 -24.10 0.96 37.33
N VAL D 335 -23.64 1.87 38.18
CA VAL D 335 -24.10 1.93 39.57
C VAL D 335 -24.63 3.34 39.83
N TYR D 336 -25.55 3.47 40.79
CA TYR D 336 -26.23 4.75 41.06
C TYR D 336 -25.88 5.34 42.43
N ASP D 337 -24.89 4.74 43.09
CA ASP D 337 -24.35 5.26 44.34
C ASP D 337 -22.84 5.35 44.21
N ILE D 338 -22.31 6.54 44.46
CA ILE D 338 -20.89 6.80 44.24
C ILE D 338 -20.00 5.95 45.14
N ALA D 339 -20.55 5.56 46.28
CA ALA D 339 -19.83 4.76 47.26
C ALA D 339 -19.69 3.29 46.87
N GLN D 340 -20.28 2.89 45.74
CA GLN D 340 -20.14 1.51 45.25
C GLN D 340 -18.88 1.30 44.43
N VAL D 341 -18.11 2.37 44.28
CA VAL D 341 -16.91 2.32 43.48
C VAL D 341 -15.67 2.54 44.35
N ASN D 342 -14.69 1.68 44.19
CA ASN D 342 -13.40 1.87 44.84
C ASN D 342 -12.29 1.89 43.79
N LEU D 343 -11.89 3.08 43.34
CA LEU D 343 -10.82 3.22 42.34
C LEU D 343 -9.51 2.51 42.73
N LYS D 344 -8.93 1.76 41.78
CA LYS D 344 -7.78 0.92 42.12
C LYS D 344 -6.53 1.21 41.30
N TYR D 345 -6.71 1.35 40.00
CA TYR D 345 -5.57 1.54 39.14
C TYR D 345 -5.83 2.68 38.17
N LEU D 346 -4.75 3.29 37.70
CA LEU D 346 -4.80 4.34 36.70
C LEU D 346 -3.73 4.02 35.66
N LEU D 347 -4.14 3.70 34.44
CA LEU D 347 -3.20 3.37 33.37
C LEU D 347 -2.98 4.53 32.42
N LYS D 348 -1.91 4.48 31.64
CA LYS D 348 -1.58 5.55 30.69
C LYS D 348 -1.93 5.18 29.24
OAA 15R E . -25.37 -0.18 0.98
CBA 15R E . -25.01 -1.49 1.29
NAY 15R E . -23.59 -1.70 1.02
CAV 15R E . -23.16 -3.08 1.06
CBO 15R E . -23.32 -3.57 2.52
CBJ 15R E . -24.68 -3.08 3.11
CBG 15R E . -25.27 -1.91 2.69
CAJ 15R E . -26.70 -1.71 3.07
CAH 15R E . -27.08 -2.21 4.38
CAI 15R E . -26.32 -3.24 5.02
CBF 15R E . -25.01 -3.56 4.42
CAP 15R E . -24.42 -4.88 4.88
CAS 15R E . -23.01 -5.06 4.36
NBQ 15R E . -23.12 -4.99 2.93
CBC 15R E . -23.16 -6.25 2.28
OAC 15R E . -22.99 -7.13 3.11
CBN 15R E . -23.31 -6.82 0.87
CAR 15R E . -24.53 -6.43 0.09
CAU 15R E . -24.72 -7.26 -1.13
CAQ 15R E . -23.49 -8.28 1.22
CAT 15R E . -23.68 -9.10 0.04
NBP 15R E . -23.69 -8.33 -1.19
CBB 15R E . -22.89 -8.52 -2.30
OAB 15R E . -23.08 -7.77 -3.19
CBH 15R E . -21.79 -9.47 -2.55
CAO 15R E . -21.26 -9.39 -3.82
CBE 15R E . -21.19 -10.41 -1.70
FAE 15R E . -21.54 -10.64 -0.49
CAL 15R E . -20.14 -11.21 -2.14
CAK 15R E . -19.64 -11.11 -3.41
CBD 15R E . -20.22 -10.20 -4.24
CAW 15R E . -19.72 -10.03 -5.59
CBI 15R E . -19.66 -11.33 -6.28
NAX 15R E . -20.48 -12.30 -5.94
NAZ 15R E . -20.47 -13.49 -6.54
CBK 15R E . -19.61 -13.75 -7.54
OAD 15R E . -19.60 -14.98 -8.17
CBM 15R E . -18.66 -12.74 -8.01
CBL 15R E . -18.68 -11.52 -7.38
CAM 15R E . -17.77 -10.49 -7.77
CAF 15R E . -16.88 -10.74 -8.82
CAG 15R E . -16.85 -12.00 -9.47
CAN 15R E . -17.73 -13.00 -9.08
S SO4 F . -26.72 0.10 11.85
O1 SO4 F . -25.68 1.11 11.58
O2 SO4 F . -28.01 0.63 11.44
O3 SO4 F . -26.35 -1.10 11.10
O4 SO4 F . -26.81 -0.27 13.27
C1 PEG G . -19.99 -8.10 -9.02
O1 PEG G . -20.00 -8.98 -10.10
C2 PEG G . -21.24 -7.39 -8.65
O2 PEG G . -21.89 -7.75 -7.48
C3 PEG G . -21.99 -6.84 -6.44
C4 PEG G . -20.81 -6.54 -5.57
O4 PEG G . -20.87 -5.40 -4.77
OAA 15R H . 12.12 24.08 -1.57
CBA 15R H . 12.88 23.67 -2.65
NAY 15R H . 12.63 22.26 -2.89
CAV 15R H . 13.18 21.69 -4.10
CBO 15R H . 13.15 22.63 -5.37
CBJ 15R H . 13.21 24.13 -5.02
CBG 15R H . 12.61 24.49 -3.85
CAJ 15R H . 12.81 25.90 -3.46
CAH 15R H . 12.94 26.86 -4.54
CAI 15R H . 12.82 26.39 -5.88
CBF 15R H . 12.82 24.95 -6.12
CAP 15R H . 13.37 24.61 -7.50
CAS 15R H . 13.42 23.12 -7.78
NBQ 15R H . 13.89 22.28 -6.62
CBC 15R H . 14.90 21.27 -6.68
OAC 15R H . 15.21 20.65 -5.72
CBN 15R H . 15.65 20.79 -7.96
CAR 15R H . 16.94 21.41 -8.33
CAU 15R H . 17.70 20.62 -9.35
CAQ 15R H . 15.84 19.33 -7.71
CAT 15R H . 16.43 18.61 -8.84
NBP 15R H . 17.72 19.17 -9.17
CBB 15R H . 18.85 18.43 -9.29
OAB 15R H . 19.87 18.92 -9.55
CBH 15R H . 18.83 17.01 -9.08
CAO 15R H . 19.14 16.50 -7.84
CBE 15R H . 18.49 16.18 -10.10
FAE 15R H . 18.20 16.66 -11.25
CAL 15R H . 18.47 14.81 -9.88
CAK 15R H . 18.78 14.30 -8.64
CBD 15R H . 19.11 15.13 -7.62
CAW 15R H . 19.44 14.55 -6.32
CBI 15R H . 20.46 13.50 -6.57
NAX 15R H . 21.51 13.85 -7.29
NAZ 15R H . 22.51 13.02 -7.61
CBK 15R H . 22.48 11.75 -7.20
OAD 15R H . 23.53 10.93 -7.56
CBM 15R H . 21.39 11.21 -6.42
CBL 15R H . 20.35 12.09 -6.08
CAM 15R H . 19.24 11.61 -5.33
CAF 15R H . 19.26 10.25 -4.95
CAG 15R H . 20.32 9.35 -5.29
CAN 15R H . 21.39 9.82 -6.03
S SO4 I . 8.08 31.88 -7.88
O1 SO4 I . 8.74 32.83 -7.00
O2 SO4 I . 7.41 32.62 -8.95
O3 SO4 I . 9.10 31.01 -8.51
O4 SO4 I . 7.11 31.07 -7.13
OAA 15R J . 25.99 -20.26 -27.47
CBA 15R J . 25.16 -21.19 -28.15
NAY 15R J . 23.78 -21.19 -27.66
CAV 15R J . 22.93 -22.22 -28.27
CBO 15R J . 22.93 -22.18 -29.85
CBJ 15R J . 24.34 -21.80 -30.38
CBG 15R J . 25.19 -21.01 -29.63
CAJ 15R J . 26.60 -21.20 -30.00
CAH 15R J . 26.88 -21.19 -31.44
CAI 15R J . 25.88 -21.63 -32.33
CBF 15R J . 24.53 -21.72 -31.79
CAP 15R J . 23.61 -22.45 -32.74
CAS 15R J . 22.30 -22.85 -32.15
NBQ 15R J . 22.33 -23.25 -30.72
CBC 15R J . 21.83 -24.54 -30.39
OAC 15R J . 21.42 -25.18 -31.33
CBN 15R J . 21.70 -25.27 -29.07
CAR 15R J . 22.91 -26.00 -28.63
CAU 15R J . 22.65 -26.81 -27.40
CAQ 15R J . 20.58 -26.24 -29.25
CAT 15R J . 20.19 -26.59 -27.88
NBP 15R J . 21.26 -27.30 -27.19
CBB 15R J . 21.02 -28.35 -26.35
OAB 15R J . 21.96 -28.82 -25.84
CBH 15R J . 19.69 -28.89 -26.07
CAO 15R J . 19.28 -28.95 -24.73
CBE 15R J . 18.80 -29.31 -27.03
FAE 15R J . 19.09 -29.29 -28.29
CAL 15R J . 17.53 -29.80 -26.65
CAK 15R J . 17.15 -29.86 -25.34
CBD 15R J . 18.03 -29.44 -24.37
CAW 15R J . 17.67 -29.47 -22.96
CBI 15R J . 17.47 -30.86 -22.48
NAX 15R J . 17.90 -31.85 -23.24
NAZ 15R J . 17.75 -33.14 -22.90
CBK 15R J . 17.15 -33.49 -21.74
OAD 15R J . 17.02 -34.82 -21.41
CBM 15R J . 16.64 -32.49 -20.81
CBL 15R J . 16.80 -31.15 -21.17
CAM 15R J . 16.30 -30.12 -20.29
CAF 15R J . 15.68 -30.47 -19.07
CAG 15R J . 15.53 -31.85 -18.72
CAN 15R J . 16.00 -32.84 -19.56
OAA 15R K . -15.58 4.18 30.44
CBA 15R K . -16.47 5.01 29.75
NAY 15R K . -16.33 6.41 30.21
CAV 15R K . -17.52 7.24 30.25
CBO 15R K . -18.73 6.80 29.31
CBJ 15R K . -18.77 5.25 29.14
CBG 15R K . -17.85 4.50 29.81
CAJ 15R K . -17.82 3.09 29.41
CAH 15R K . -19.11 2.42 29.27
CAI 15R K . -20.17 3.18 28.75
CBF 15R K . -20.06 4.62 28.97
CAP 15R K . -21.28 5.37 28.48
CAS 15R K . -21.07 6.85 28.50
NBQ 15R K . -20.11 7.29 29.55
CBC 15R K . -20.64 8.05 30.62
OAC 15R K . -21.83 8.30 30.56
CBN 15R K . -19.98 8.66 31.85
CAR 15R K . -20.10 7.77 33.03
CAU 15R K . -20.06 8.46 34.35
CAQ 15R K . -20.72 9.95 31.96
CAT 15R K . -21.48 9.97 33.19
NBP 15R K . -20.52 9.83 34.26
CBB 15R K . -20.06 10.85 35.07
OAB 15R K . -19.25 10.58 35.86
CBH 15R K . -20.46 12.24 34.98
CAO 15R K . -19.46 13.16 35.10
CBE 15R K . -21.74 12.70 34.76
FAE 15R K . -22.77 11.93 34.62
CAL 15R K . -21.97 14.07 34.67
CAK 15R K . -20.95 14.97 34.79
CBD 15R K . -19.70 14.51 35.03
CAW 15R K . -18.59 15.44 35.16
CBI 15R K . -18.51 16.36 36.33
NAX 15R K . -17.48 17.17 36.25
NAZ 15R K . -17.18 18.11 37.15
CBK 15R K . -17.96 18.26 38.25
OAD 15R K . -17.61 19.24 39.15
CBM 15R K . -19.13 17.44 38.47
CBL 15R K . -19.44 16.46 37.52
CAM 15R K . -20.61 15.66 37.75
CAF 15R K . -21.40 15.84 38.89
CAG 15R K . -21.07 16.84 39.85
CAN 15R K . -19.96 17.63 39.65
#